data_8QJD
#
_entry.id   8QJD
#
_cell.length_a   99.071
_cell.length_b   118.260
_cell.length_c   131.757
_cell.angle_alpha   90.000
_cell.angle_beta   105.520
_cell.angle_gamma   90.000
#
_symmetry.space_group_name_H-M   'P 1 21 1'
#
loop_
_entity.id
_entity.type
_entity.pdbx_description
1 polymer 'Salmonella bongori Rhs core domain (residues 360-1420)'
2 non-polymer 'ZINC ION'
3 water water
#
_entity_poly.entity_id   1
_entity_poly.type   'polypeptide(L)'
_entity_poly.pdbx_seq_one_letter_code
;GSGSEPVDIGTGDFLQHFSVLSLPGSLPLTLSRFYRSQAKGTGIFGPKWTDEWSCMLTVHGNDMHFTNHEGVDLYYRIPQ
NGIFRDTANSRQAYYRLSGDIRDELTIFDRRSQHSQIFSLTDNGIYLLSAIHDRYGNRADFIRTEGLLTGIHHSDGYTLA
LGWQQRQLVSIDLATPQRQRLVTCHYDKNGYLAECDTIQFSHLWHEYTSEGWMTRWRDTDKTCVDIVYDTLGRTVSTLST
EGYFDDQFLYNDDEKCTTYLDAEGGETRYWYNGDGLVTRSIDPLGREETSVWENTRLRSRTDALGRTTAYDYNNEGEISR
VSLPGGYSLYYDYNEHGQLTRLSAPGNQVWLWEYDGKGSMVCLTDPQGRQQQFSYSEHGDLLRQIMPNGATWRWSHDALH
QVRATTAPDGGVTQTEQDILGRLLSVKDPLGYTTQFRYSKNHAGPQGSVEEIRRPDGVRELMRQNSEKLPESFTDGEGNT
TRYEYGAFDLLTAVIRPDGERLACRYDKLTRLTEITNAEGEHYRLRYDKAGQLVAETDFTGRTLTYSYDAAGRCIRTTFP
DGTHLNRQYSTTDQVTREEVAQGDSDRVLSCTTFIYDALSRLTEARNNDATVTYEYDDASRVTAETINGRRTEYNYDPDQ
DTVSQRTTAGITECFTRGLTGELTQWQIDGHTPLTLEHDLRGQEISRQSEAGFSLRQNYTPTGMLTGQQAGDLTEQNPHY
WRNNTLQRQWLYDKAYNLTMISDSLRGTMVNSVTANDQISHATWTGSSDIPMREERFAYDRNLNITRRQTQVNGVPDSEA
YQHQQHGRVTSREYKAWRHTTTRINPDSGMPEEGQFVRVIRDEQTTWKYDVNGRLVEKLIDKGGYRPLRWRYRWDARSQL
TGLETPEGERREYKYDPFGRRISKRCTNRDRPGTDFHWNGDQLTEEIPVGTDGTPEYENAIRWIYEPGSFTPLARYEKGQ
LHYTITDTVGRIQELLTEDGTIVWRGKQHLWGREEGRNKDDAPSCRLRFPGQYEDEESGLYYNRFRYYDCEAGQYLCADP
IGLRGGINLYAYAPNPLSWIDPLGL
;
_entity_poly.pdbx_strand_id   A,B
#
# COMPACT_ATOMS: atom_id res chain seq x y z
N GLU A 5 37.71 -8.90 -27.25
CA GLU A 5 38.07 -8.67 -28.64
C GLU A 5 38.43 -9.98 -29.32
N PRO A 6 37.43 -10.68 -29.86
CA PRO A 6 37.72 -11.88 -30.65
C PRO A 6 37.99 -11.58 -32.12
N VAL A 7 37.48 -10.46 -32.61
CA VAL A 7 37.59 -10.10 -34.02
C VAL A 7 38.22 -8.71 -34.11
N ASP A 8 39.31 -8.61 -34.88
CA ASP A 8 39.90 -7.31 -35.18
C ASP A 8 39.01 -6.60 -36.19
N ILE A 9 38.30 -5.56 -35.73
CA ILE A 9 37.31 -4.90 -36.57
C ILE A 9 37.96 -4.21 -37.76
N GLY A 10 39.24 -3.82 -37.63
CA GLY A 10 39.90 -3.11 -38.71
C GLY A 10 40.32 -4.00 -39.86
N THR A 11 40.55 -5.28 -39.61
CA THR A 11 41.02 -6.21 -40.64
C THR A 11 40.09 -7.40 -40.85
N GLY A 12 39.25 -7.74 -39.88
CA GLY A 12 38.47 -8.96 -39.94
C GLY A 12 39.15 -10.18 -39.36
N ASP A 13 40.36 -10.04 -38.84
CA ASP A 13 41.08 -11.17 -38.27
C ASP A 13 40.35 -11.76 -37.09
N PHE A 14 40.33 -13.09 -37.03
CA PHE A 14 40.01 -13.78 -35.79
C PHE A 14 41.25 -13.78 -34.90
N LEU A 15 41.08 -13.42 -33.63
CA LEU A 15 42.20 -13.24 -32.72
C LEU A 15 42.01 -14.11 -31.49
N GLN A 16 43.10 -14.76 -31.06
CA GLN A 16 43.13 -15.45 -29.78
C GLN A 16 44.49 -15.25 -29.13
N HIS A 17 44.48 -15.28 -27.80
CA HIS A 17 45.69 -15.08 -27.00
C HIS A 17 45.51 -15.85 -25.71
N PHE A 18 46.38 -16.82 -25.46
CA PHE A 18 46.29 -17.66 -24.28
C PHE A 18 47.62 -17.71 -23.56
N SER A 19 47.56 -17.71 -22.23
CA SER A 19 48.73 -18.00 -21.42
C SER A 19 49.13 -19.46 -21.61
N VAL A 20 50.43 -19.70 -21.62
CA VAL A 20 50.96 -21.05 -21.78
C VAL A 20 51.67 -21.51 -20.51
N LEU A 21 52.63 -20.73 -20.03
CA LEU A 21 53.30 -21.05 -18.78
C LEU A 21 53.82 -19.77 -18.14
N SER A 22 53.92 -19.80 -16.81
CA SER A 22 54.39 -18.64 -16.06
C SER A 22 55.22 -19.17 -14.89
N LEU A 23 56.54 -19.03 -14.98
CA LEU A 23 57.33 -19.61 -13.89
C LEU A 23 57.83 -18.50 -12.98
N PRO A 24 57.77 -18.69 -11.66
CA PRO A 24 58.28 -17.65 -10.76
C PRO A 24 59.80 -17.54 -10.84
N GLY A 25 60.29 -16.41 -10.36
CA GLY A 25 61.72 -16.18 -10.34
C GLY A 25 62.05 -14.71 -10.27
N SER A 26 63.34 -14.45 -10.00
CA SER A 26 63.84 -13.08 -9.99
C SER A 26 63.50 -12.35 -11.27
N LEU A 27 63.67 -13.03 -12.41
CA LEU A 27 63.15 -12.59 -13.69
C LEU A 27 62.06 -13.59 -14.07
N PRO A 28 60.78 -13.23 -13.94
CA PRO A 28 59.72 -14.20 -14.26
C PRO A 28 59.81 -14.63 -15.72
N LEU A 29 59.58 -15.92 -15.95
CA LEU A 29 59.57 -16.50 -17.29
C LEU A 29 58.12 -16.83 -17.64
N THR A 30 57.54 -16.04 -18.53
CA THR A 30 56.16 -16.21 -18.94
C THR A 30 56.11 -16.41 -20.45
N LEU A 31 55.21 -17.28 -20.89
CA LEU A 31 55.04 -17.60 -22.30
C LEU A 31 53.56 -17.60 -22.62
N SER A 32 53.22 -16.97 -23.74
CA SER A 32 51.86 -16.94 -24.24
C SER A 32 51.89 -17.24 -25.73
N ARG A 33 50.72 -17.50 -26.29
CA ARG A 33 50.60 -17.78 -27.72
C ARG A 33 49.50 -16.91 -28.30
N PHE A 34 49.81 -16.23 -29.40
CA PHE A 34 48.92 -15.26 -30.02
C PHE A 34 48.60 -15.73 -31.44
N TYR A 35 47.31 -15.76 -31.76
CA TYR A 35 46.84 -16.22 -33.06
C TYR A 35 46.13 -15.08 -33.79
N ARG A 36 46.45 -14.93 -35.06
CA ARG A 36 45.76 -14.01 -35.95
C ARG A 36 45.48 -14.76 -37.25
N SER A 37 44.23 -14.74 -37.70
CA SER A 37 43.83 -15.64 -38.79
C SER A 37 44.53 -15.31 -40.10
N GLN A 38 44.84 -14.05 -40.35
CA GLN A 38 45.53 -13.65 -41.57
C GLN A 38 47.04 -13.51 -41.36
N ALA A 39 47.56 -14.00 -40.25
CA ALA A 39 48.97 -13.80 -39.93
C ALA A 39 49.87 -14.64 -40.84
N LYS A 40 51.03 -14.08 -41.16
CA LYS A 40 52.04 -14.75 -41.96
C LYS A 40 53.18 -15.29 -41.10
N GLY A 41 53.12 -15.08 -39.79
CA GLY A 41 54.23 -15.42 -38.91
C GLY A 41 54.15 -16.83 -38.35
N THR A 42 55.16 -17.15 -37.55
CA THR A 42 55.32 -18.48 -36.99
C THR A 42 56.01 -18.35 -35.64
N GLY A 43 55.77 -19.32 -34.76
CA GLY A 43 56.47 -19.37 -33.49
C GLY A 43 56.78 -20.80 -33.12
N ILE A 44 57.15 -21.05 -31.86
CA ILE A 44 57.50 -22.40 -31.46
C ILE A 44 56.32 -23.35 -31.60
N PHE A 45 55.10 -22.82 -31.62
CA PHE A 45 53.90 -23.63 -31.79
C PHE A 45 53.46 -23.75 -33.24
N GLY A 46 54.33 -23.42 -34.20
CA GLY A 46 54.02 -23.59 -35.60
C GLY A 46 53.41 -22.36 -36.23
N PRO A 47 52.95 -22.50 -37.47
CA PRO A 47 52.42 -21.33 -38.19
C PRO A 47 51.14 -20.79 -37.57
N LYS A 48 50.94 -19.48 -37.75
CA LYS A 48 49.82 -18.66 -37.33
C LYS A 48 49.90 -18.28 -35.85
N TRP A 49 50.74 -18.93 -35.05
CA TRP A 49 50.86 -18.62 -33.64
C TRP A 49 52.22 -17.99 -33.37
N THR A 50 52.22 -16.87 -32.65
CA THR A 50 53.44 -16.19 -32.26
C THR A 50 53.59 -16.20 -30.75
N ASP A 51 54.82 -16.02 -30.29
CA ASP A 51 55.12 -16.18 -28.87
C ASP A 51 56.34 -15.33 -28.51
N GLU A 52 56.60 -15.22 -27.20
CA GLU A 52 57.70 -14.40 -26.72
C GLU A 52 59.06 -15.00 -27.01
N TRP A 53 59.14 -16.31 -27.21
CA TRP A 53 60.41 -16.99 -27.38
C TRP A 53 60.84 -17.07 -28.83
N SER A 54 60.12 -16.40 -29.74
CA SER A 54 60.43 -16.45 -31.17
C SER A 54 60.56 -15.07 -31.79
N CYS A 55 60.64 -14.03 -30.97
CA CYS A 55 60.98 -12.70 -31.48
C CYS A 55 62.32 -12.74 -32.20
N MET A 56 62.47 -11.86 -33.19
CA MET A 56 63.69 -11.87 -33.98
C MET A 56 63.92 -10.50 -34.61
N LEU A 57 65.16 -10.26 -34.98
CA LEU A 57 65.55 -9.09 -35.75
C LEU A 57 66.04 -9.57 -37.12
N THR A 58 65.65 -8.86 -38.17
CA THR A 58 65.99 -9.26 -39.53
C THR A 58 66.53 -8.06 -40.28
N VAL A 59 67.69 -8.22 -40.92
CA VAL A 59 68.21 -7.19 -41.81
C VAL A 59 67.45 -7.27 -43.12
N HIS A 60 67.05 -6.12 -43.65
CA HIS A 60 66.33 -6.05 -44.91
C HIS A 60 66.84 -4.81 -45.63
N GLY A 61 68.09 -4.89 -46.10
CA GLY A 61 68.71 -3.75 -46.74
C GLY A 61 69.30 -2.76 -45.75
N ASN A 62 68.69 -1.58 -45.63
CA ASN A 62 69.20 -0.54 -44.76
C ASN A 62 68.42 -0.41 -43.45
N ASP A 63 67.36 -1.17 -43.27
CA ASP A 63 66.59 -1.15 -42.03
C ASP A 63 66.58 -2.52 -41.39
N MET A 64 66.31 -2.53 -40.09
CA MET A 64 66.24 -3.74 -39.28
C MET A 64 64.79 -3.95 -38.87
N HIS A 65 64.26 -5.14 -39.11
CA HIS A 65 62.88 -5.48 -38.78
C HIS A 65 62.83 -6.23 -37.47
N PHE A 66 62.04 -5.72 -36.52
CA PHE A 66 61.82 -6.36 -35.23
C PHE A 66 60.43 -6.99 -35.22
N THR A 67 60.38 -8.32 -35.13
CA THR A 67 59.14 -9.08 -35.03
C THR A 67 58.89 -9.41 -33.56
N ASN A 68 57.86 -8.80 -32.97
CA ASN A 68 57.58 -8.99 -31.55
C ASN A 68 56.71 -10.23 -31.35
N HIS A 69 56.26 -10.45 -30.10
CA HIS A 69 55.52 -11.65 -29.75
C HIS A 69 54.14 -11.69 -30.38
N GLU A 70 53.69 -10.61 -31.02
CA GLU A 70 52.42 -10.60 -31.74
C GLU A 70 52.61 -10.61 -33.25
N GLY A 71 53.84 -10.76 -33.73
CA GLY A 71 54.10 -10.69 -35.15
C GLY A 71 54.14 -9.31 -35.75
N VAL A 72 54.02 -8.26 -34.93
CA VAL A 72 54.11 -6.89 -35.43
C VAL A 72 55.55 -6.60 -35.84
N ASP A 73 55.72 -5.98 -37.00
CA ASP A 73 57.04 -5.60 -37.51
C ASP A 73 57.31 -4.13 -37.23
N LEU A 74 58.40 -3.86 -36.52
CA LEU A 74 58.88 -2.51 -36.27
C LEU A 74 60.19 -2.28 -37.03
N TYR A 75 60.31 -1.11 -37.64
CA TYR A 75 61.45 -0.80 -38.50
C TYR A 75 62.42 0.12 -37.77
N TYR A 76 63.71 -0.16 -37.91
CA TYR A 76 64.78 0.67 -37.37
C TYR A 76 65.82 0.88 -38.47
N ARG A 77 66.12 2.14 -38.78
CA ARG A 77 67.12 2.42 -39.81
C ARG A 77 68.52 2.13 -39.28
N ILE A 78 69.25 1.30 -40.02
CA ILE A 78 70.63 0.96 -39.63
C ILE A 78 71.53 2.15 -39.90
N PRO A 79 72.27 2.64 -38.91
CA PRO A 79 73.23 3.73 -39.16
C PRO A 79 74.34 3.28 -40.11
N GLN A 80 75.08 4.27 -40.61
CA GLN A 80 76.14 3.98 -41.57
C GLN A 80 77.21 3.09 -40.95
N ASN A 81 77.57 3.35 -39.69
CA ASN A 81 78.56 2.53 -38.99
C ASN A 81 77.98 1.22 -38.48
N GLY A 82 76.69 0.97 -38.68
CA GLY A 82 76.09 -0.28 -38.27
C GLY A 82 75.93 -0.45 -36.77
N ILE A 83 75.92 0.63 -36.00
CA ILE A 83 75.85 0.57 -34.54
C ILE A 83 74.61 1.32 -34.08
N PHE A 84 73.69 0.60 -33.46
CA PHE A 84 72.52 1.20 -32.83
C PHE A 84 72.86 1.66 -31.42
N ARG A 85 72.17 2.71 -30.98
CA ARG A 85 72.34 3.21 -29.61
C ARG A 85 71.04 3.89 -29.20
N ASP A 86 70.28 3.23 -28.32
CA ASP A 86 69.00 3.77 -27.82
C ASP A 86 68.12 4.18 -28.99
N THR A 87 68.11 3.37 -30.04
CA THR A 87 67.37 3.67 -31.25
C THR A 87 65.91 3.30 -31.05
N ALA A 88 65.01 4.23 -31.37
CA ALA A 88 63.59 4.05 -31.11
C ALA A 88 62.79 4.12 -32.41
N ASN A 89 61.68 3.37 -32.44
CA ASN A 89 60.66 3.49 -33.46
C ASN A 89 59.50 4.27 -32.87
N SER A 90 59.00 5.26 -33.62
CA SER A 90 57.98 6.16 -33.07
C SER A 90 56.68 5.44 -32.73
N ARG A 91 56.39 4.31 -33.38
CA ARG A 91 55.14 3.60 -33.13
C ARG A 91 55.12 2.97 -31.74
N GLN A 92 56.21 2.29 -31.37
CA GLN A 92 56.35 1.74 -30.02
C GLN A 92 57.63 2.32 -29.42
N ALA A 93 57.52 3.51 -28.83
CA ALA A 93 58.69 4.27 -28.39
C ALA A 93 59.41 3.63 -27.23
N TYR A 94 58.75 2.74 -26.48
CA TYR A 94 59.38 2.12 -25.31
C TYR A 94 60.41 1.06 -25.68
N TYR A 95 60.45 0.59 -26.93
CA TYR A 95 61.47 -0.36 -27.38
C TYR A 95 62.70 0.42 -27.86
N ARG A 96 63.86 0.10 -27.28
CA ARG A 96 65.11 0.79 -27.60
C ARG A 96 66.13 -0.23 -28.07
N LEU A 97 66.64 -0.03 -29.28
CA LEU A 97 67.57 -0.96 -29.93
C LEU A 97 68.99 -0.44 -29.83
N SER A 98 69.90 -1.29 -29.35
CA SER A 98 71.30 -0.93 -29.19
C SER A 98 72.18 -2.06 -29.67
N GLY A 99 73.41 -1.72 -30.06
CA GLY A 99 74.41 -2.71 -30.37
C GLY A 99 74.96 -2.67 -31.78
N ASP A 100 76.16 -3.22 -31.94
CA ASP A 100 76.78 -3.35 -33.26
C ASP A 100 76.19 -4.56 -33.99
N ILE A 101 75.80 -4.36 -35.25
CA ILE A 101 75.25 -5.48 -36.00
C ILE A 101 76.28 -6.57 -36.25
N ARG A 102 77.58 -6.25 -36.10
CA ARG A 102 78.63 -7.24 -36.17
C ARG A 102 78.79 -8.02 -34.87
N ASP A 103 78.15 -7.58 -33.78
CA ASP A 103 78.37 -8.13 -32.46
C ASP A 103 77.07 -8.82 -32.05
N GLU A 104 76.22 -8.18 -31.24
CA GLU A 104 74.91 -8.70 -30.89
C GLU A 104 74.03 -7.50 -30.56
N LEU A 105 72.72 -7.71 -30.67
CA LEU A 105 71.76 -6.62 -30.58
C LEU A 105 70.84 -6.78 -29.38
N THR A 106 70.48 -5.65 -28.78
CA THR A 106 69.68 -5.61 -27.57
C THR A 106 68.46 -4.74 -27.79
N ILE A 107 67.29 -5.28 -27.47
CA ILE A 107 66.05 -4.50 -27.37
C ILE A 107 65.78 -4.29 -25.88
N PHE A 108 65.79 -3.02 -25.46
CA PHE A 108 65.45 -2.65 -24.09
C PHE A 108 63.99 -2.21 -24.08
N ASP A 109 63.23 -2.73 -23.13
CA ASP A 109 61.82 -2.39 -22.97
C ASP A 109 61.68 -1.42 -21.79
N ARG A 110 61.41 -0.15 -22.10
CA ARG A 110 61.30 0.86 -21.05
C ARG A 110 60.13 0.61 -20.10
N ARG A 111 59.10 -0.10 -20.54
CA ARG A 111 57.97 -0.39 -19.64
C ARG A 111 58.38 -1.31 -18.51
N SER A 112 59.22 -2.32 -18.80
CA SER A 112 59.56 -3.36 -17.86
C SER A 112 60.98 -3.27 -17.32
N GLN A 113 61.84 -2.45 -17.91
CA GLN A 113 63.28 -2.43 -17.63
C GLN A 113 63.95 -3.77 -17.95
N HIS A 114 63.35 -4.58 -18.81
CA HIS A 114 63.92 -5.84 -19.23
C HIS A 114 64.47 -5.76 -20.65
N SER A 115 65.45 -6.62 -20.95
CA SER A 115 66.18 -6.61 -22.20
C SER A 115 66.11 -7.98 -22.89
N GLN A 116 66.01 -7.96 -24.21
CA GLN A 116 66.11 -9.15 -25.06
C GLN A 116 67.40 -9.07 -25.86
N ILE A 117 68.16 -10.16 -25.89
CA ILE A 117 69.41 -10.24 -26.65
C ILE A 117 69.19 -11.10 -27.89
N PHE A 118 69.59 -10.57 -29.05
CA PHE A 118 69.44 -11.26 -30.32
C PHE A 118 70.80 -11.53 -30.94
N SER A 119 71.02 -12.79 -31.33
CA SER A 119 72.31 -13.26 -31.81
C SER A 119 72.26 -13.61 -33.29
N LEU A 120 73.31 -13.25 -34.01
CA LEU A 120 73.36 -13.53 -35.44
C LEU A 120 73.31 -15.03 -35.69
N THR A 121 72.42 -15.45 -36.59
CA THR A 121 72.35 -16.83 -37.03
C THR A 121 72.72 -16.85 -38.50
N ASP A 122 71.74 -16.95 -39.40
CA ASP A 122 72.00 -17.03 -40.84
C ASP A 122 71.15 -16.00 -41.57
N ASN A 123 71.63 -15.60 -42.75
CA ASN A 123 70.88 -14.73 -43.66
C ASN A 123 70.52 -13.38 -43.03
N GLY A 124 71.39 -12.86 -42.17
CA GLY A 124 71.08 -11.61 -41.51
C GLY A 124 69.88 -11.68 -40.59
N ILE A 125 69.67 -12.84 -39.96
CA ILE A 125 68.58 -13.05 -39.02
C ILE A 125 69.19 -13.21 -37.62
N TYR A 126 68.67 -12.45 -36.67
CA TYR A 126 69.11 -12.51 -35.28
C TYR A 126 68.00 -13.14 -34.44
N LEU A 127 68.31 -14.28 -33.83
CA LEU A 127 67.33 -14.99 -33.02
C LEU A 127 67.52 -14.68 -31.54
N LEU A 128 66.42 -14.74 -30.79
CA LEU A 128 66.45 -14.47 -29.36
C LEU A 128 67.34 -15.47 -28.63
N SER A 129 68.41 -14.99 -27.99
CA SER A 129 69.29 -15.86 -27.24
C SER A 129 69.25 -15.61 -25.74
N ALA A 130 68.71 -14.48 -25.28
CA ALA A 130 68.63 -14.24 -23.85
C ALA A 130 67.62 -13.14 -23.55
N ILE A 131 67.03 -13.23 -22.37
CA ILE A 131 66.32 -12.11 -21.75
C ILE A 131 66.94 -11.90 -20.38
N HIS A 132 67.11 -10.64 -19.99
CA HIS A 132 67.69 -10.34 -18.69
C HIS A 132 67.14 -9.02 -18.17
N ASP A 133 67.37 -8.78 -16.88
CA ASP A 133 66.98 -7.55 -16.23
C ASP A 133 68.23 -6.75 -15.90
N ARG A 134 68.06 -5.64 -15.20
CA ARG A 134 69.18 -4.77 -14.88
C ARG A 134 70.02 -5.31 -13.72
N TYR A 135 69.58 -6.37 -13.06
CA TYR A 135 70.35 -7.03 -12.01
C TYR A 135 71.17 -8.22 -12.51
N GLY A 136 71.13 -8.52 -13.80
CA GLY A 136 71.82 -9.69 -14.31
C GLY A 136 71.04 -10.99 -14.22
N ASN A 137 69.84 -10.98 -13.64
CA ASN A 137 68.99 -12.16 -13.72
C ASN A 137 68.69 -12.42 -15.18
N ARG A 138 68.85 -13.67 -15.61
CA ARG A 138 68.99 -13.95 -17.03
C ARG A 138 68.38 -15.31 -17.36
N ALA A 139 67.69 -15.38 -18.50
CA ALA A 139 67.25 -16.63 -19.09
C ALA A 139 67.96 -16.80 -20.43
N ASP A 140 68.69 -17.89 -20.58
CA ASP A 140 69.43 -18.18 -21.80
C ASP A 140 68.65 -19.15 -22.67
N PHE A 141 68.53 -18.83 -23.96
CA PHE A 141 67.75 -19.63 -24.91
C PHE A 141 68.73 -20.41 -25.78
N ILE A 142 68.56 -21.73 -25.80
CA ILE A 142 69.49 -22.65 -26.45
C ILE A 142 68.82 -23.25 -27.67
N ARG A 143 69.45 -23.07 -28.84
CA ARG A 143 68.91 -23.55 -30.11
C ARG A 143 69.84 -24.59 -30.70
N THR A 144 69.28 -25.72 -31.12
CA THR A 144 70.03 -26.80 -31.76
C THR A 144 69.30 -27.22 -33.01
N GLU A 145 70.05 -27.32 -34.11
CA GLU A 145 69.48 -27.60 -35.42
C GLU A 145 68.37 -26.61 -35.77
N GLY A 146 68.50 -25.38 -35.29
CA GLY A 146 67.54 -24.34 -35.59
C GLY A 146 66.31 -24.30 -34.69
N LEU A 147 66.16 -25.27 -33.78
CA LEU A 147 65.01 -25.35 -32.90
C LEU A 147 65.38 -24.91 -31.48
N LEU A 148 64.49 -24.16 -30.83
CA LEU A 148 64.66 -23.84 -29.42
C LEU A 148 64.45 -25.11 -28.60
N THR A 149 65.53 -25.67 -28.06
CA THR A 149 65.45 -26.93 -27.33
C THR A 149 65.69 -26.79 -25.83
N GLY A 150 66.27 -25.69 -25.37
CA GLY A 150 66.51 -25.54 -23.94
C GLY A 150 66.47 -24.09 -23.51
N ILE A 151 66.19 -23.90 -22.22
CA ILE A 151 66.29 -22.61 -21.56
C ILE A 151 66.98 -22.83 -20.22
N HIS A 152 68.00 -22.02 -19.95
CA HIS A 152 68.64 -21.99 -18.64
C HIS A 152 68.31 -20.68 -17.94
N HIS A 153 67.83 -20.78 -16.70
CA HIS A 153 67.54 -19.61 -15.89
C HIS A 153 68.58 -19.45 -14.78
N SER A 154 69.06 -18.22 -14.60
CA SER A 154 70.11 -17.97 -13.62
C SER A 154 69.67 -18.24 -12.18
N ASP A 155 68.36 -18.35 -11.93
CA ASP A 155 67.91 -18.78 -10.61
C ASP A 155 68.24 -20.24 -10.33
N GLY A 156 68.52 -21.03 -11.37
CA GLY A 156 68.94 -22.40 -11.15
C GLY A 156 68.01 -23.48 -11.61
N TYR A 157 67.16 -23.20 -12.61
CA TYR A 157 66.38 -24.24 -13.25
C TYR A 157 66.60 -24.20 -14.75
N THR A 158 66.28 -25.31 -15.41
CA THR A 158 66.37 -25.40 -16.85
C THR A 158 65.06 -25.97 -17.39
N LEU A 159 64.70 -25.54 -18.59
CA LEU A 159 63.62 -26.16 -19.34
C LEU A 159 64.19 -26.93 -20.52
N ALA A 160 63.47 -27.98 -20.91
CA ALA A 160 63.79 -28.75 -22.10
C ALA A 160 62.58 -28.73 -23.02
N LEU A 161 62.79 -28.35 -24.27
CA LEU A 161 61.73 -28.31 -25.27
C LEU A 161 61.96 -29.49 -26.21
N GLY A 162 60.94 -30.33 -26.35
CA GLY A 162 61.06 -31.55 -27.14
C GLY A 162 60.36 -31.41 -28.47
N TRP A 163 61.09 -31.72 -29.54
CA TRP A 163 60.61 -31.60 -30.90
C TRP A 163 60.60 -32.95 -31.59
N GLN A 164 59.59 -33.17 -32.42
CA GLN A 164 59.49 -34.35 -33.26
C GLN A 164 59.14 -33.86 -34.66
N GLN A 165 60.02 -34.14 -35.63
CA GLN A 165 59.83 -33.71 -37.02
C GLN A 165 59.69 -32.19 -37.09
N ARG A 166 60.47 -31.49 -36.26
CA ARG A 166 60.50 -30.03 -36.23
C ARG A 166 59.15 -29.44 -35.81
N GLN A 167 58.39 -30.19 -35.02
CA GLN A 167 57.17 -29.70 -34.39
C GLN A 167 57.32 -29.84 -32.88
N LEU A 168 56.97 -28.79 -32.15
CA LEU A 168 57.12 -28.79 -30.70
C LEU A 168 56.04 -29.64 -30.05
N VAL A 169 56.44 -30.73 -29.40
CA VAL A 169 55.48 -31.61 -28.74
C VAL A 169 55.46 -31.42 -27.23
N SER A 170 56.55 -30.95 -26.63
CA SER A 170 56.59 -30.85 -25.18
C SER A 170 57.49 -29.72 -24.70
N ILE A 171 57.07 -29.07 -23.62
CA ILE A 171 57.89 -28.16 -22.85
C ILE A 171 57.95 -28.72 -21.43
N ASP A 172 59.16 -29.00 -20.95
CA ASP A 172 59.39 -29.67 -19.68
C ASP A 172 60.26 -28.82 -18.79
N LEU A 173 59.94 -28.80 -17.51
CA LEU A 173 60.93 -28.47 -16.50
C LEU A 173 61.89 -29.65 -16.40
N ALA A 174 63.18 -29.41 -16.63
CA ALA A 174 64.18 -30.48 -16.64
C ALA A 174 64.92 -30.61 -15.32
N THR A 175 65.41 -29.49 -14.78
CA THR A 175 66.17 -29.46 -13.54
C THR A 175 65.70 -28.28 -12.71
N PRO A 176 65.80 -28.34 -11.37
CA PRO A 176 66.29 -29.47 -10.55
C PRO A 176 65.24 -30.56 -10.36
N GLN A 177 64.06 -30.35 -10.92
CA GLN A 177 62.96 -31.32 -10.86
C GLN A 177 62.40 -31.50 -12.26
N ARG A 178 61.98 -32.72 -12.58
CA ARG A 178 61.37 -32.99 -13.87
C ARG A 178 59.86 -32.78 -13.77
N GLN A 179 59.29 -32.08 -14.74
CA GLN A 179 57.87 -31.77 -14.73
C GLN A 179 57.43 -31.38 -16.14
N ARG A 180 56.47 -32.13 -16.68
CA ARG A 180 55.84 -31.73 -17.93
C ARG A 180 54.92 -30.54 -17.70
N LEU A 181 55.10 -29.50 -18.52
CA LEU A 181 54.32 -28.28 -18.42
C LEU A 181 53.38 -28.07 -19.59
N VAL A 182 53.80 -28.41 -20.81
CA VAL A 182 53.04 -28.15 -22.01
C VAL A 182 53.16 -29.34 -22.95
N THR A 183 52.04 -29.74 -23.53
CA THR A 183 51.98 -30.82 -24.52
C THR A 183 51.18 -30.33 -25.72
N CYS A 184 51.68 -30.59 -26.93
CA CYS A 184 51.10 -30.07 -28.15
C CYS A 184 50.90 -31.17 -29.19
N HIS A 185 49.79 -31.10 -29.91
CA HIS A 185 49.56 -31.90 -31.11
C HIS A 185 49.19 -30.99 -32.27
N TYR A 186 49.32 -31.54 -33.48
CA TYR A 186 49.17 -30.77 -34.70
C TYR A 186 48.24 -31.48 -35.66
N ASP A 187 47.63 -30.71 -36.57
CA ASP A 187 46.75 -31.29 -37.56
C ASP A 187 47.58 -31.72 -38.78
N LYS A 188 46.90 -32.20 -39.82
CA LYS A 188 47.60 -32.74 -40.97
C LYS A 188 48.37 -31.68 -41.74
N ASN A 189 48.08 -30.40 -41.53
CA ASN A 189 48.77 -29.32 -42.22
C ASN A 189 49.74 -28.56 -41.32
N GLY A 190 50.01 -29.09 -40.12
CA GLY A 190 50.99 -28.48 -39.24
C GLY A 190 50.47 -27.42 -38.29
N TYR A 191 49.17 -27.15 -38.27
CA TYR A 191 48.67 -26.14 -37.36
C TYR A 191 48.40 -26.74 -35.99
N LEU A 192 48.58 -25.92 -34.96
CA LEU A 192 48.45 -26.37 -33.58
C LEU A 192 47.04 -26.84 -33.28
N ALA A 193 46.87 -28.15 -33.09
CA ALA A 193 45.55 -28.75 -32.96
C ALA A 193 45.11 -28.97 -31.52
N GLU A 194 46.06 -29.03 -30.58
CA GLU A 194 45.73 -29.27 -29.18
C GLU A 194 46.90 -28.76 -28.35
N CYS A 195 46.59 -28.02 -27.30
CA CYS A 195 47.62 -27.46 -26.43
C CYS A 195 47.16 -27.62 -25.00
N ASP A 196 47.82 -28.51 -24.26
CA ASP A 196 47.49 -28.80 -22.87
C ASP A 196 48.59 -28.23 -21.99
N THR A 197 48.23 -27.28 -21.13
CA THR A 197 49.18 -26.64 -20.22
C THR A 197 48.82 -27.00 -18.78
N ILE A 198 49.85 -27.11 -17.94
CA ILE A 198 49.64 -27.56 -16.56
C ILE A 198 49.04 -26.46 -15.69
N GLN A 199 49.24 -25.18 -16.02
CA GLN A 199 48.75 -24.11 -15.18
C GLN A 199 47.54 -23.38 -15.74
N PHE A 200 47.31 -23.45 -17.05
CA PHE A 200 46.20 -22.70 -17.63
C PHE A 200 45.26 -23.63 -18.39
N SER A 201 44.93 -23.26 -19.63
CA SER A 201 43.87 -23.94 -20.36
C SER A 201 44.37 -25.21 -21.07
N HIS A 202 43.39 -26.03 -21.46
CA HIS A 202 43.60 -27.19 -22.32
C HIS A 202 42.60 -27.06 -23.47
N LEU A 203 43.11 -26.73 -24.66
CA LEU A 203 42.26 -26.37 -25.78
C LEU A 203 42.57 -27.22 -27.00
N TRP A 204 41.56 -27.35 -27.87
CA TRP A 204 41.71 -27.95 -29.19
C TRP A 204 41.37 -26.89 -30.23
N HIS A 205 42.00 -26.98 -31.39
CA HIS A 205 41.80 -26.02 -32.46
C HIS A 205 41.67 -26.77 -33.77
N GLU A 206 40.79 -26.28 -34.64
CA GLU A 206 40.62 -26.82 -35.98
C GLU A 206 40.74 -25.68 -36.99
N TYR A 207 41.26 -26.00 -38.18
CA TYR A 207 41.60 -24.99 -39.17
C TYR A 207 41.25 -25.46 -40.56
N THR A 208 41.10 -24.49 -41.47
CA THR A 208 41.06 -24.76 -42.90
C THR A 208 42.47 -25.01 -43.41
N SER A 209 42.59 -25.25 -44.73
CA SER A 209 43.89 -25.46 -45.35
C SER A 209 44.80 -24.24 -45.18
N GLU A 210 44.22 -23.03 -45.17
CA GLU A 210 44.99 -21.80 -45.03
C GLU A 210 45.31 -21.46 -43.59
N GLY A 211 44.83 -22.23 -42.62
CA GLY A 211 45.07 -21.94 -41.22
C GLY A 211 44.06 -21.04 -40.55
N TRP A 212 42.90 -20.83 -41.17
CA TRP A 212 41.83 -20.07 -40.54
C TRP A 212 41.13 -20.98 -39.53
N MET A 213 41.15 -20.59 -38.25
CA MET A 213 40.61 -21.42 -37.19
C MET A 213 39.07 -21.43 -37.28
N THR A 214 38.51 -22.59 -37.63
CA THR A 214 37.07 -22.74 -37.77
C THR A 214 36.41 -23.33 -36.54
N ARG A 215 37.18 -23.87 -35.59
CA ARG A 215 36.63 -24.35 -34.34
C ARG A 215 37.70 -24.31 -33.26
N TRP A 216 37.31 -23.92 -32.06
CA TRP A 216 38.11 -24.17 -30.87
C TRP A 216 37.20 -24.64 -29.75
N ARG A 217 37.76 -25.44 -28.85
CA ARG A 217 36.99 -26.00 -27.75
C ARG A 217 37.90 -26.26 -26.56
N ASP A 218 37.29 -26.32 -25.37
CA ASP A 218 37.96 -26.71 -24.16
C ASP A 218 37.67 -28.18 -23.84
N THR A 219 37.86 -28.59 -22.59
CA THR A 219 37.75 -30.00 -22.22
C THR A 219 36.32 -30.48 -22.04
N ASP A 220 35.32 -29.59 -22.04
CA ASP A 220 33.98 -30.02 -21.65
C ASP A 220 32.87 -29.25 -22.37
N LYS A 221 32.59 -28.03 -21.91
CA LYS A 221 31.34 -27.36 -22.31
C LYS A 221 31.52 -26.31 -23.39
N THR A 222 32.72 -25.79 -23.61
CA THR A 222 32.91 -24.66 -24.52
C THR A 222 33.37 -25.16 -25.88
N CYS A 223 32.59 -24.88 -26.91
CA CYS A 223 32.96 -25.21 -28.29
C CYS A 223 32.41 -24.13 -29.20
N VAL A 224 33.30 -23.46 -29.95
CA VAL A 224 32.95 -22.31 -30.76
C VAL A 224 33.29 -22.61 -32.21
N ASP A 225 32.35 -22.32 -33.11
CA ASP A 225 32.57 -22.44 -34.54
C ASP A 225 32.62 -21.05 -35.17
N ILE A 226 33.60 -20.86 -36.06
CA ILE A 226 33.85 -19.57 -36.69
C ILE A 226 33.75 -19.77 -38.20
N VAL A 227 33.13 -18.81 -38.88
CA VAL A 227 33.00 -18.85 -40.33
C VAL A 227 33.70 -17.63 -40.90
N TYR A 228 34.46 -17.85 -41.97
CA TYR A 228 35.20 -16.79 -42.65
C TYR A 228 34.65 -16.55 -44.05
N ASP A 229 34.80 -15.33 -44.54
CA ASP A 229 34.57 -15.14 -45.96
C ASP A 229 35.81 -15.58 -46.73
N THR A 230 35.73 -15.52 -48.06
CA THR A 230 36.83 -16.03 -48.87
C THR A 230 38.09 -15.18 -48.73
N LEU A 231 38.02 -14.00 -48.13
CA LEU A 231 39.17 -13.14 -47.92
C LEU A 231 39.80 -13.34 -46.55
N GLY A 232 39.31 -14.30 -45.76
CA GLY A 232 39.84 -14.57 -44.45
C GLY A 232 39.26 -13.74 -43.33
N ARG A 233 38.22 -12.95 -43.58
CA ARG A 233 37.60 -12.14 -42.54
C ARG A 233 36.53 -12.94 -41.82
N THR A 234 36.49 -12.79 -40.49
CA THR A 234 35.49 -13.46 -39.67
C THR A 234 34.12 -12.86 -39.96
N VAL A 235 33.19 -13.70 -40.42
CA VAL A 235 31.83 -13.22 -40.67
C VAL A 235 30.84 -13.65 -39.59
N SER A 236 31.12 -14.73 -38.87
CA SER A 236 30.22 -15.14 -37.79
C SER A 236 30.95 -16.05 -36.82
N THR A 237 30.46 -16.07 -35.58
CA THR A 237 30.85 -17.04 -34.57
C THR A 237 29.58 -17.64 -33.96
N LEU A 238 29.75 -18.77 -33.30
CA LEU A 238 28.63 -19.46 -32.67
C LEU A 238 29.14 -20.57 -31.75
N SER A 239 28.72 -20.54 -30.49
CA SER A 239 29.04 -21.67 -29.61
C SER A 239 27.90 -22.67 -29.64
N THR A 240 28.23 -23.92 -29.32
CA THR A 240 27.24 -24.99 -29.39
C THR A 240 26.17 -24.86 -28.32
N GLU A 241 26.40 -24.04 -27.30
CA GLU A 241 25.38 -23.76 -26.29
C GLU A 241 24.60 -22.49 -26.59
N GLY A 242 24.76 -21.91 -27.78
CA GLY A 242 23.98 -20.79 -28.23
C GLY A 242 24.61 -19.43 -28.02
N TYR A 243 25.61 -19.33 -27.17
CA TYR A 243 26.22 -18.04 -26.84
C TYR A 243 26.99 -17.46 -28.03
N PHE A 244 26.99 -16.12 -28.09
CA PHE A 244 27.79 -15.37 -29.05
C PHE A 244 27.52 -15.78 -30.49
N ASP A 245 26.23 -15.95 -30.80
CA ASP A 245 25.74 -16.11 -32.17
C ASP A 245 25.83 -14.75 -32.85
N ASP A 246 27.04 -14.38 -33.23
CA ASP A 246 27.34 -13.02 -33.68
C ASP A 246 27.71 -13.02 -35.16
N GLN A 247 27.45 -11.89 -35.81
CA GLN A 247 27.82 -11.69 -37.20
C GLN A 247 28.64 -10.42 -37.35
N PHE A 248 29.46 -10.37 -38.40
CA PHE A 248 30.33 -9.24 -38.66
C PHE A 248 30.19 -8.80 -40.11
N LEU A 249 29.87 -7.52 -40.30
CA LEU A 249 29.77 -6.92 -41.63
C LEU A 249 30.92 -5.94 -41.83
N TYR A 250 31.41 -5.85 -43.07
CA TYR A 250 32.57 -5.05 -43.39
C TYR A 250 32.25 -4.08 -44.52
N ASN A 251 32.93 -2.94 -44.51
CA ASN A 251 32.75 -1.90 -45.53
C ASN A 251 34.11 -1.23 -45.70
N ASP A 252 34.86 -1.66 -46.70
CA ASP A 252 36.23 -1.19 -46.87
C ASP A 252 36.31 0.22 -47.42
N ASP A 253 35.32 0.65 -48.20
CA ASP A 253 35.32 2.00 -48.74
C ASP A 253 34.98 3.04 -47.66
N GLU A 254 34.00 2.73 -46.80
CA GLU A 254 33.67 3.62 -45.68
C GLU A 254 34.60 3.43 -44.50
N LYS A 255 35.37 2.34 -44.47
CA LYS A 255 36.20 1.97 -43.33
C LYS A 255 35.35 1.85 -42.06
N CYS A 256 34.27 1.08 -42.16
CA CYS A 256 33.30 0.91 -41.08
C CYS A 256 32.92 -0.55 -40.97
N THR A 257 33.07 -1.13 -39.79
CA THR A 257 32.74 -2.51 -39.51
C THR A 257 31.54 -2.58 -38.56
N THR A 258 30.60 -3.48 -38.86
CA THR A 258 29.38 -3.63 -38.07
C THR A 258 29.39 -4.96 -37.32
N TYR A 259 29.11 -4.90 -36.02
CA TYR A 259 29.01 -6.07 -35.15
C TYR A 259 27.56 -6.29 -34.78
N LEU A 260 27.00 -7.41 -35.23
CA LEU A 260 25.61 -7.79 -34.91
C LEU A 260 25.65 -8.84 -33.82
N ASP A 261 25.39 -8.42 -32.58
CA ASP A 261 25.51 -9.33 -31.46
C ASP A 261 24.28 -10.24 -31.38
N ALA A 262 24.40 -11.28 -30.55
CA ALA A 262 23.41 -12.34 -30.52
C ALA A 262 22.07 -11.90 -29.94
N GLU A 263 22.01 -10.75 -29.26
CA GLU A 263 20.75 -10.30 -28.68
C GLU A 263 20.13 -9.16 -29.46
N GLY A 264 20.52 -8.98 -30.72
CA GLY A 264 19.86 -8.02 -31.60
C GLY A 264 20.49 -6.65 -31.65
N GLY A 265 21.58 -6.42 -30.93
CA GLY A 265 22.23 -5.13 -30.99
C GLY A 265 23.13 -4.99 -32.19
N GLU A 266 23.37 -3.73 -32.57
CA GLU A 266 24.20 -3.41 -33.71
C GLU A 266 25.20 -2.33 -33.30
N THR A 267 26.49 -2.62 -33.47
CA THR A 267 27.56 -1.69 -33.14
C THR A 267 28.41 -1.45 -34.39
N ARG A 268 28.69 -0.18 -34.67
CA ARG A 268 29.46 0.22 -35.84
C ARG A 268 30.76 0.87 -35.41
N TYR A 269 31.86 0.49 -36.06
CA TYR A 269 33.18 1.00 -35.74
C TYR A 269 33.80 1.59 -37.00
N TRP A 270 34.06 2.90 -36.99
CA TRP A 270 34.85 3.55 -38.01
C TRP A 270 36.31 3.56 -37.60
N TYR A 271 37.20 3.18 -38.52
CA TYR A 271 38.62 3.07 -38.23
C TYR A 271 39.44 3.81 -39.27
N ASN A 272 40.68 4.15 -38.90
CA ASN A 272 41.58 4.90 -39.76
C ASN A 272 42.61 3.97 -40.40
N GLY A 273 43.64 4.57 -41.02
CA GLY A 273 44.59 3.79 -41.80
C GLY A 273 45.35 2.74 -41.01
N ASP A 274 45.53 2.97 -39.72
CA ASP A 274 46.21 2.00 -38.86
C ASP A 274 45.24 0.98 -38.26
N GLY A 275 43.98 0.98 -38.69
CA GLY A 275 43.00 0.07 -38.12
C GLY A 275 42.54 0.42 -36.74
N LEU A 276 42.64 1.69 -36.33
CA LEU A 276 42.23 2.14 -35.01
C LEU A 276 40.90 2.88 -35.08
N VAL A 277 40.04 2.63 -34.10
CA VAL A 277 38.69 3.17 -34.11
C VAL A 277 38.72 4.67 -33.84
N THR A 278 38.17 5.45 -34.75
CA THR A 278 37.99 6.89 -34.55
C THR A 278 36.56 7.26 -34.18
N ARG A 279 35.60 6.36 -34.39
CA ARG A 279 34.20 6.64 -34.10
C ARG A 279 33.44 5.33 -33.95
N SER A 280 32.74 5.18 -32.83
CA SER A 280 31.90 4.01 -32.58
C SER A 280 30.50 4.45 -32.18
N ILE A 281 29.51 3.67 -32.59
CA ILE A 281 28.11 3.90 -32.24
C ILE A 281 27.54 2.61 -31.67
N ASP A 282 27.12 2.65 -30.41
CA ASP A 282 26.70 1.47 -29.70
C ASP A 282 25.26 1.11 -30.08
N PRO A 283 24.73 -0.02 -29.60
CA PRO A 283 23.38 -0.42 -30.02
C PRO A 283 22.26 0.55 -29.65
N LEU A 284 22.55 1.59 -28.86
CA LEU A 284 21.55 2.60 -28.52
C LEU A 284 21.77 3.93 -29.23
N GLY A 285 22.68 3.98 -30.20
CA GLY A 285 22.97 5.22 -30.89
C GLY A 285 23.94 6.14 -30.20
N ARG A 286 24.52 5.71 -29.08
CA ARG A 286 25.46 6.53 -28.34
C ARG A 286 26.85 6.49 -28.98
N GLU A 287 27.43 7.67 -29.20
CA GLU A 287 28.57 7.84 -30.08
C GLU A 287 29.82 8.22 -29.29
N GLU A 288 30.93 7.58 -29.63
CA GLU A 288 32.22 7.87 -29.01
C GLU A 288 33.25 8.09 -30.13
N THR A 289 34.05 9.15 -30.00
CA THR A 289 35.04 9.49 -30.99
C THR A 289 36.43 9.53 -30.35
N SER A 290 37.44 9.19 -31.15
CA SER A 290 38.83 9.18 -30.71
C SER A 290 39.69 9.80 -31.79
N VAL A 291 40.70 10.56 -31.38
CA VAL A 291 41.66 11.18 -32.29
C VAL A 291 43.01 10.51 -32.08
N TRP A 292 43.59 10.02 -33.16
CA TRP A 292 44.84 9.26 -33.10
C TRP A 292 45.95 10.02 -33.80
N GLU A 293 47.17 9.84 -33.31
CA GLU A 293 48.37 10.39 -33.92
C GLU A 293 49.42 9.28 -33.92
N ASN A 294 49.57 8.62 -35.07
CA ASN A 294 50.56 7.55 -35.24
C ASN A 294 50.46 6.50 -34.14
N THR A 295 49.26 5.91 -34.02
CA THR A 295 48.91 4.85 -33.07
C THR A 295 48.83 5.35 -31.63
N ARG A 296 49.19 6.60 -31.39
CA ARG A 296 49.10 7.19 -30.06
C ARG A 296 47.78 7.92 -29.90
N LEU A 297 47.03 7.55 -28.86
CA LEU A 297 45.74 8.18 -28.60
C LEU A 297 45.96 9.60 -28.09
N ARG A 298 45.40 10.58 -28.79
CA ARG A 298 45.52 11.97 -28.38
C ARG A 298 44.29 12.47 -27.62
N SER A 299 43.09 12.00 -27.97
CA SER A 299 41.92 12.37 -27.19
C SER A 299 40.80 11.39 -27.48
N ARG A 300 39.85 11.33 -26.56
CA ARG A 300 38.65 10.51 -26.68
C ARG A 300 37.49 11.28 -26.05
N THR A 301 36.31 11.19 -26.67
CA THR A 301 35.14 11.93 -26.23
C THR A 301 33.96 10.98 -26.15
N ASP A 302 33.31 10.92 -24.99
CA ASP A 302 32.25 9.95 -24.77
C ASP A 302 30.91 10.49 -25.27
N ALA A 303 29.83 9.76 -24.98
CA ALA A 303 28.52 10.08 -25.53
C ALA A 303 27.91 11.34 -24.93
N LEU A 304 28.42 11.81 -23.80
CA LEU A 304 27.98 13.07 -23.21
C LEU A 304 28.80 14.26 -23.69
N GLY A 305 29.81 14.03 -24.52
CA GLY A 305 30.68 15.10 -24.96
C GLY A 305 31.86 15.37 -24.06
N ARG A 306 32.11 14.52 -23.06
CA ARG A 306 33.24 14.69 -22.17
C ARG A 306 34.52 14.20 -22.84
N THR A 307 35.52 15.07 -22.92
CA THR A 307 36.76 14.78 -23.62
C THR A 307 37.89 14.55 -22.64
N THR A 308 38.67 13.51 -22.87
CA THR A 308 39.91 13.24 -22.16
C THR A 308 41.07 13.39 -23.15
N ALA A 309 42.07 14.19 -22.80
CA ALA A 309 43.18 14.47 -23.69
C ALA A 309 44.48 13.87 -23.14
N TYR A 310 45.39 13.53 -24.05
CA TYR A 310 46.64 12.86 -23.69
C TYR A 310 47.80 13.57 -24.37
N ASP A 311 48.79 13.96 -23.56
CA ASP A 311 50.03 14.55 -24.05
C ASP A 311 51.19 13.59 -23.82
N TYR A 312 52.18 13.67 -24.70
CA TYR A 312 53.32 12.77 -24.66
C TYR A 312 54.61 13.56 -24.66
N ASN A 313 55.60 13.07 -23.92
CA ASN A 313 56.90 13.71 -23.89
C ASN A 313 57.72 13.27 -25.10
N ASN A 314 58.93 13.81 -25.25
CA ASN A 314 59.76 13.50 -26.39
C ASN A 314 60.18 12.04 -26.43
N GLU A 315 60.08 11.34 -25.30
CA GLU A 315 60.46 9.93 -25.22
C GLU A 315 59.30 8.98 -25.52
N GLY A 316 58.09 9.50 -25.73
CA GLY A 316 56.95 8.67 -26.09
C GLY A 316 56.06 8.22 -24.96
N GLU A 317 56.35 8.64 -23.72
CA GLU A 317 55.50 8.31 -22.59
C GLU A 317 54.39 9.35 -22.44
N ILE A 318 53.29 8.92 -21.83
CA ILE A 318 52.23 9.87 -21.48
C ILE A 318 52.78 10.86 -20.47
N SER A 319 52.73 12.14 -20.82
CA SER A 319 53.24 13.20 -19.94
C SER A 319 52.15 13.98 -19.23
N ARG A 320 50.93 14.00 -19.78
CA ARG A 320 49.86 14.78 -19.17
C ARG A 320 48.52 14.21 -19.62
N VAL A 321 47.63 13.98 -18.67
CA VAL A 321 46.26 13.55 -18.94
C VAL A 321 45.31 14.65 -18.48
N SER A 322 44.48 15.15 -19.39
CA SER A 322 43.47 16.15 -19.09
C SER A 322 42.14 15.45 -18.88
N LEU A 323 41.68 15.42 -17.65
CA LEU A 323 40.42 14.75 -17.38
C LEU A 323 39.25 15.73 -17.51
N PRO A 324 38.06 15.23 -17.83
CA PRO A 324 36.87 16.09 -17.81
C PRO A 324 36.70 16.72 -16.44
N GLY A 325 36.38 18.01 -16.44
CA GLY A 325 36.28 18.77 -15.21
C GLY A 325 37.46 19.66 -14.91
N GLY A 326 38.41 19.78 -15.83
CA GLY A 326 39.55 20.66 -15.64
C GLY A 326 40.68 20.08 -14.82
N TYR A 327 40.58 18.81 -14.42
CA TYR A 327 41.66 18.16 -13.68
C TYR A 327 42.73 17.65 -14.64
N SER A 328 43.99 17.88 -14.28
CA SER A 328 45.13 17.40 -15.04
C SER A 328 46.00 16.49 -14.16
N LEU A 329 46.57 15.46 -14.79
CA LEU A 329 47.57 14.60 -14.18
C LEU A 329 48.87 14.71 -14.96
N TYR A 330 49.97 14.96 -14.26
CA TYR A 330 51.28 15.14 -14.87
C TYR A 330 52.22 14.01 -14.48
N TYR A 331 53.00 13.52 -15.46
CA TYR A 331 53.91 12.39 -15.26
C TYR A 331 55.31 12.77 -15.70
N ASP A 332 56.30 12.45 -14.86
CA ASP A 332 57.71 12.66 -15.18
C ASP A 332 58.48 11.37 -14.95
N TYR A 333 59.53 11.17 -15.75
CA TYR A 333 60.24 9.91 -15.79
C TYR A 333 61.75 10.18 -15.80
N ASN A 334 62.51 9.22 -15.29
CA ASN A 334 63.96 9.28 -15.40
C ASN A 334 64.40 8.85 -16.80
N GLU A 335 65.71 8.83 -17.04
CA GLU A 335 66.21 8.56 -18.39
C GLU A 335 65.88 7.16 -18.90
N HIS A 336 65.47 6.24 -18.03
CA HIS A 336 65.16 4.88 -18.44
C HIS A 336 63.66 4.64 -18.57
N GLY A 337 62.84 5.67 -18.41
CA GLY A 337 61.41 5.52 -18.52
C GLY A 337 60.70 5.09 -17.24
N GLN A 338 61.35 5.21 -16.08
CA GLN A 338 60.70 4.89 -14.81
C GLN A 338 60.05 6.15 -14.25
N LEU A 339 58.82 6.00 -13.76
CA LEU A 339 58.03 7.13 -13.28
C LEU A 339 58.65 7.71 -12.00
N THR A 340 59.02 8.98 -12.03
CA THR A 340 59.63 9.66 -10.89
C THR A 340 58.71 10.66 -10.21
N ARG A 341 57.73 11.22 -10.93
CA ARG A 341 56.84 12.21 -10.33
C ARG A 341 55.45 12.08 -10.93
N LEU A 342 54.44 12.06 -10.07
CA LEU A 342 53.04 12.15 -10.47
C LEU A 342 52.40 13.31 -9.73
N SER A 343 51.96 14.32 -10.47
CA SER A 343 51.34 15.53 -9.91
C SER A 343 49.85 15.51 -10.22
N ALA A 344 49.03 15.51 -9.18
CA ALA A 344 47.59 15.40 -9.27
C ALA A 344 46.91 16.65 -8.70
N PRO A 345 45.63 16.86 -8.99
CA PRO A 345 44.94 18.05 -8.47
C PRO A 345 45.01 18.14 -6.95
N GLY A 346 44.82 19.36 -6.45
CA GLY A 346 45.00 19.59 -5.03
C GLY A 346 46.45 19.58 -4.59
N ASN A 347 47.37 19.87 -5.51
CA ASN A 347 48.80 19.89 -5.23
C ASN A 347 49.25 18.59 -4.57
N GLN A 348 48.73 17.47 -5.09
CA GLN A 348 49.09 16.14 -4.60
C GLN A 348 50.21 15.58 -5.48
N VAL A 349 51.40 15.41 -4.90
CA VAL A 349 52.58 15.01 -5.66
C VAL A 349 53.15 13.75 -5.05
N TRP A 350 53.32 12.72 -5.88
CA TRP A 350 54.02 11.50 -5.52
C TRP A 350 55.40 11.48 -6.16
N LEU A 351 56.42 11.10 -5.40
CA LEU A 351 57.80 11.06 -5.88
C LEU A 351 58.39 9.68 -5.67
N TRP A 352 59.10 9.18 -6.69
CA TRP A 352 59.79 7.90 -6.66
C TRP A 352 61.27 8.10 -7.01
N GLU A 353 62.16 7.50 -6.23
CA GLU A 353 63.60 7.56 -6.44
C GLU A 353 64.13 6.17 -6.79
N TYR A 354 65.04 6.11 -7.75
CA TYR A 354 65.62 4.85 -8.23
C TYR A 354 67.14 4.91 -8.16
N ASP A 355 67.76 3.80 -7.79
CA ASP A 355 69.20 3.70 -7.78
C ASP A 355 69.71 3.30 -9.17
N GLY A 356 71.00 3.01 -9.28
CA GLY A 356 71.61 2.74 -10.58
C GLY A 356 71.12 1.47 -11.25
N LYS A 357 70.61 0.51 -10.49
CA LYS A 357 70.04 -0.71 -11.05
C LYS A 357 68.55 -0.57 -11.36
N GLY A 358 67.96 0.60 -11.10
CA GLY A 358 66.55 0.79 -11.33
C GLY A 358 65.67 0.38 -10.19
N SER A 359 66.23 0.06 -9.03
CA SER A 359 65.43 -0.26 -7.86
C SER A 359 64.81 1.01 -7.29
N MET A 360 63.51 0.96 -7.01
CA MET A 360 62.80 2.09 -6.40
C MET A 360 63.13 2.10 -4.91
N VAL A 361 64.04 3.00 -4.52
CA VAL A 361 64.58 2.99 -3.16
C VAL A 361 63.88 3.95 -2.20
N CYS A 362 63.16 4.95 -2.71
CA CYS A 362 62.54 5.95 -1.84
C CYS A 362 61.27 6.48 -2.47
N LEU A 363 60.15 6.30 -1.78
CA LEU A 363 58.87 6.87 -2.17
C LEU A 363 58.53 8.01 -1.20
N THR A 364 58.14 9.15 -1.76
CA THR A 364 57.64 10.28 -0.99
C THR A 364 56.16 10.48 -1.34
N ASP A 365 55.30 10.45 -0.33
CA ASP A 365 53.86 10.59 -0.54
C ASP A 365 53.45 12.05 -0.57
N PRO A 366 52.19 12.36 -0.93
CA PRO A 366 51.77 13.77 -1.01
C PRO A 366 51.93 14.57 0.26
N GLN A 367 52.06 13.92 1.42
CA GLN A 367 52.32 14.63 2.67
C GLN A 367 53.81 14.79 2.96
N GLY A 368 54.67 14.44 2.01
CA GLY A 368 56.10 14.53 2.21
C GLY A 368 56.70 13.44 3.07
N ARG A 369 55.94 12.41 3.38
CA ARG A 369 56.46 11.29 4.17
C ARG A 369 57.16 10.28 3.27
N GLN A 370 58.27 9.73 3.77
CA GLN A 370 59.18 8.92 2.98
C GLN A 370 59.13 7.46 3.43
N GLN A 371 59.05 6.57 2.47
CA GLN A 371 59.29 5.15 2.66
C GLN A 371 60.60 4.78 1.98
N GLN A 372 61.44 4.02 2.67
CA GLN A 372 62.74 3.61 2.17
C GLN A 372 62.76 2.12 1.92
N PHE A 373 63.32 1.73 0.76
CA PHE A 373 63.31 0.35 0.29
C PHE A 373 64.74 -0.07 -0.02
N SER A 374 65.16 -1.20 0.55
CA SER A 374 66.51 -1.74 0.36
C SER A 374 66.42 -3.08 -0.35
N TYR A 375 67.35 -3.32 -1.29
CA TYR A 375 67.28 -4.45 -2.20
C TYR A 375 68.59 -5.24 -2.18
N SER A 376 68.49 -6.51 -2.54
CA SER A 376 69.67 -7.34 -2.77
C SER A 376 70.29 -7.02 -4.13
N GLU A 377 71.50 -7.56 -4.36
CA GLU A 377 72.16 -7.30 -5.63
C GLU A 377 71.48 -7.98 -6.81
N HIS A 378 70.65 -9.01 -6.55
CA HIS A 378 69.83 -9.62 -7.60
C HIS A 378 68.42 -9.04 -7.68
N GLY A 379 68.13 -7.98 -6.94
CA GLY A 379 66.87 -7.28 -7.08
C GLY A 379 65.77 -7.65 -6.10
N ASP A 380 66.06 -8.50 -5.11
CA ASP A 380 65.06 -8.83 -4.09
C ASP A 380 64.84 -7.64 -3.16
N LEU A 381 63.57 -7.34 -2.88
CA LEU A 381 63.26 -6.36 -1.83
C LEU A 381 63.51 -6.99 -0.46
N LEU A 382 64.46 -6.43 0.28
CA LEU A 382 64.87 -7.00 1.55
C LEU A 382 64.29 -6.26 2.75
N ARG A 383 63.97 -4.97 2.59
CA ARG A 383 63.59 -4.17 3.75
C ARG A 383 62.81 -2.94 3.30
N GLN A 384 61.74 -2.65 4.04
CA GLN A 384 60.95 -1.44 3.86
C GLN A 384 60.82 -0.73 5.20
N ILE A 385 61.13 0.55 5.23
CA ILE A 385 61.02 1.37 6.43
C ILE A 385 59.92 2.38 6.22
N MET A 386 58.91 2.37 7.08
CA MET A 386 57.78 3.29 7.00
C MET A 386 58.13 4.64 7.61
N PRO A 387 57.30 5.67 7.37
CA PRO A 387 57.61 6.99 7.94
C PRO A 387 57.82 6.98 9.45
N ASN A 388 57.03 6.20 10.19
CA ASN A 388 57.19 6.14 11.65
C ASN A 388 58.31 5.22 12.08
N GLY A 389 59.12 4.71 11.15
CA GLY A 389 60.21 3.82 11.49
C GLY A 389 59.85 2.34 11.52
N ALA A 390 58.58 1.99 11.33
CA ALA A 390 58.21 0.59 11.26
C ALA A 390 58.96 -0.08 10.11
N THR A 391 59.57 -1.22 10.40
CA THR A 391 60.48 -1.87 9.46
C THR A 391 59.97 -3.27 9.13
N TRP A 392 59.77 -3.54 7.85
CA TRP A 392 59.45 -4.86 7.33
C TRP A 392 60.68 -5.46 6.66
N ARG A 393 60.88 -6.77 6.85
CA ARG A 393 61.99 -7.49 6.25
C ARG A 393 61.52 -8.76 5.56
N TRP A 394 62.21 -9.15 4.48
CA TRP A 394 61.91 -10.37 3.74
C TRP A 394 63.19 -11.09 3.34
N SER A 395 63.16 -12.42 3.43
CA SER A 395 64.16 -13.29 2.82
C SER A 395 63.48 -14.22 1.83
N HIS A 396 64.28 -14.86 0.97
CA HIS A 396 63.73 -15.49 -0.22
C HIS A 396 64.36 -16.86 -0.48
N ASP A 397 63.63 -17.71 -1.21
CA ASP A 397 64.12 -19.01 -1.61
C ASP A 397 64.88 -18.90 -2.93
N ALA A 398 65.30 -20.05 -3.47
CA ALA A 398 66.11 -20.05 -4.68
C ALA A 398 65.37 -19.51 -5.89
N LEU A 399 64.05 -19.54 -5.89
CA LEU A 399 63.27 -18.92 -6.95
C LEU A 399 62.88 -17.49 -6.64
N HIS A 400 63.48 -16.92 -5.58
CA HIS A 400 63.25 -15.53 -5.15
C HIS A 400 61.81 -15.27 -4.76
N GLN A 401 61.07 -16.32 -4.40
CA GLN A 401 59.78 -16.15 -3.76
C GLN A 401 60.00 -15.93 -2.26
N VAL A 402 59.13 -15.12 -1.65
CA VAL A 402 59.28 -14.81 -0.23
C VAL A 402 59.12 -16.09 0.59
N ARG A 403 60.09 -16.35 1.47
CA ARG A 403 59.94 -17.46 2.40
C ARG A 403 59.84 -17.02 3.86
N ALA A 404 60.37 -15.85 4.22
CA ALA A 404 60.27 -15.37 5.59
C ALA A 404 60.00 -13.87 5.62
N THR A 405 58.99 -13.47 6.38
CA THR A 405 58.60 -12.07 6.54
C THR A 405 58.72 -11.71 8.01
N THR A 406 59.52 -10.71 8.31
CA THR A 406 59.63 -10.18 9.67
C THR A 406 58.82 -8.88 9.73
N ALA A 407 57.76 -8.90 10.55
CA ALA A 407 56.89 -7.75 10.75
C ALA A 407 57.55 -6.74 11.70
N PRO A 408 57.02 -5.49 11.75
CA PRO A 408 57.65 -4.47 12.60
C PRO A 408 57.80 -4.85 14.06
N ASP A 409 56.94 -5.73 14.58
CA ASP A 409 57.05 -6.18 15.96
C ASP A 409 57.98 -7.37 16.14
N GLY A 410 58.69 -7.77 15.09
CA GLY A 410 59.59 -8.90 15.16
C GLY A 410 58.97 -10.25 14.83
N GLY A 411 57.66 -10.31 14.65
CA GLY A 411 57.01 -11.57 14.34
C GLY A 411 57.41 -12.05 12.95
N VAL A 412 57.74 -13.33 12.85
CA VAL A 412 58.25 -13.93 11.62
C VAL A 412 57.22 -14.89 11.07
N THR A 413 56.84 -14.69 9.80
CA THR A 413 55.95 -15.60 9.09
C THR A 413 56.75 -16.38 8.05
N GLN A 414 56.62 -17.71 8.09
CA GLN A 414 57.36 -18.61 7.23
C GLN A 414 56.43 -19.12 6.13
N THR A 415 56.80 -18.91 4.87
CA THR A 415 56.03 -19.43 3.75
C THR A 415 56.90 -20.30 2.87
N GLU A 416 56.27 -21.27 2.22
CA GLU A 416 56.96 -22.18 1.32
C GLU A 416 56.10 -22.40 0.10
N GLN A 417 56.70 -22.26 -1.08
CA GLN A 417 56.02 -22.40 -2.36
C GLN A 417 56.77 -23.39 -3.22
N ASP A 418 56.07 -24.03 -4.16
CA ASP A 418 56.74 -24.96 -5.06
C ASP A 418 57.24 -24.24 -6.31
N ILE A 419 57.84 -25.00 -7.22
CA ILE A 419 58.45 -24.40 -8.40
C ILE A 419 57.42 -23.73 -9.28
N LEU A 420 56.15 -24.09 -9.16
CA LEU A 420 55.07 -23.44 -9.91
C LEU A 420 54.46 -22.27 -9.16
N GLY A 421 54.93 -21.96 -7.95
CA GLY A 421 54.40 -20.86 -7.19
C GLY A 421 53.21 -21.19 -6.29
N ARG A 422 52.78 -22.45 -6.24
CA ARG A 422 51.70 -22.83 -5.35
C ARG A 422 52.19 -22.85 -3.90
N LEU A 423 51.35 -22.32 -3.01
CA LEU A 423 51.68 -22.31 -1.60
C LEU A 423 51.63 -23.72 -1.04
N LEU A 424 52.67 -24.12 -0.32
CA LEU A 424 52.73 -25.42 0.31
C LEU A 424 52.55 -25.38 1.82
N SER A 425 53.01 -24.32 2.49
CA SER A 425 52.86 -24.22 3.92
C SER A 425 53.02 -22.77 4.37
N VAL A 426 52.39 -22.46 5.50
CA VAL A 426 52.55 -21.18 6.18
C VAL A 426 52.69 -21.47 7.67
N LYS A 427 53.70 -20.87 8.29
CA LYS A 427 53.85 -20.92 9.74
C LYS A 427 53.81 -19.49 10.25
N ASP A 428 52.81 -19.17 11.08
CA ASP A 428 52.57 -17.82 11.53
C ASP A 428 53.55 -17.46 12.66
N PRO A 429 53.56 -16.20 13.12
CA PRO A 429 54.58 -15.78 14.10
C PRO A 429 54.51 -16.51 15.44
N LEU A 430 53.45 -17.26 15.73
CA LEU A 430 53.38 -18.05 16.94
C LEU A 430 53.77 -19.51 16.72
N GLY A 431 54.14 -19.88 15.50
CA GLY A 431 54.60 -21.20 15.21
C GLY A 431 53.55 -22.19 14.71
N TYR A 432 52.34 -21.73 14.44
CA TYR A 432 51.27 -22.61 13.98
C TYR A 432 51.37 -22.77 12.47
N THR A 433 51.35 -24.02 12.01
CA THR A 433 51.57 -24.34 10.60
C THR A 433 50.27 -24.77 9.94
N THR A 434 49.97 -24.16 8.79
CA THR A 434 48.94 -24.61 7.88
C THR A 434 49.62 -25.21 6.66
N GLN A 435 49.19 -26.42 6.27
CA GLN A 435 49.80 -27.12 5.15
C GLN A 435 48.83 -27.27 3.98
N PHE A 436 49.39 -27.20 2.77
CA PHE A 436 48.65 -27.38 1.52
C PHE A 436 49.30 -28.47 0.71
N ARG A 437 48.50 -29.44 0.27
CA ARG A 437 48.96 -30.52 -0.60
C ARG A 437 48.08 -30.61 -1.83
N TYR A 438 48.71 -30.74 -2.99
CA TYR A 438 48.03 -30.79 -4.28
C TYR A 438 48.25 -32.15 -4.91
N SER A 439 47.20 -32.67 -5.56
CA SER A 439 47.34 -33.90 -6.31
C SER A 439 46.47 -33.84 -7.55
N LYS A 440 47.01 -34.34 -8.65
CA LYS A 440 46.33 -34.36 -9.94
C LYS A 440 45.49 -35.62 -10.07
N ASN A 441 44.30 -35.48 -10.63
CA ASN A 441 43.50 -36.65 -10.96
C ASN A 441 44.17 -37.42 -12.09
N HIS A 442 44.31 -38.73 -11.92
CA HIS A 442 44.94 -39.55 -12.95
C HIS A 442 43.92 -40.33 -13.76
N ALA A 443 42.85 -40.80 -13.12
CA ALA A 443 41.73 -41.43 -13.80
C ALA A 443 40.64 -40.39 -14.04
N GLY A 444 39.69 -40.74 -14.93
CA GLY A 444 38.53 -39.90 -15.12
C GLY A 444 38.89 -38.57 -15.76
N PRO A 445 37.97 -37.60 -15.68
CA PRO A 445 38.29 -36.27 -16.21
C PRO A 445 39.46 -35.66 -15.46
N GLN A 446 40.38 -35.07 -16.22
CA GLN A 446 41.61 -34.54 -15.63
C GLN A 446 41.31 -33.40 -14.66
N GLY A 447 41.41 -33.65 -13.36
CA GLY A 447 41.13 -32.62 -12.38
C GLY A 447 42.20 -32.61 -11.32
N SER A 448 41.93 -31.97 -10.18
CA SER A 448 42.92 -31.93 -9.12
C SER A 448 42.24 -31.77 -7.77
N VAL A 449 42.97 -32.13 -6.72
CA VAL A 449 42.51 -32.02 -5.34
C VAL A 449 43.55 -31.22 -4.57
N GLU A 450 43.08 -30.23 -3.82
CA GLU A 450 43.91 -29.44 -2.92
C GLU A 450 43.44 -29.67 -1.50
N GLU A 451 44.33 -30.20 -0.65
CA GLU A 451 44.01 -30.50 0.74
C GLU A 451 44.66 -29.46 1.65
N ILE A 452 43.87 -28.94 2.60
CA ILE A 452 44.35 -27.94 3.56
C ILE A 452 44.32 -28.58 4.94
N ARG A 453 45.46 -28.64 5.61
CA ARG A 453 45.55 -29.08 7.00
C ARG A 453 45.87 -27.88 7.88
N ARG A 454 44.93 -27.51 8.75
CA ARG A 454 45.04 -26.34 9.59
C ARG A 454 45.59 -26.71 10.96
N PRO A 455 46.26 -25.78 11.65
CA PRO A 455 46.94 -26.13 12.91
C PRO A 455 46.01 -26.47 14.05
N ASP A 456 44.70 -26.23 13.90
CA ASP A 456 43.73 -26.67 14.89
C ASP A 456 43.18 -28.06 14.60
N GLY A 457 43.82 -28.79 13.69
CA GLY A 457 43.40 -30.13 13.31
C GLY A 457 42.32 -30.19 12.25
N VAL A 458 41.91 -29.06 11.69
CA VAL A 458 40.87 -29.06 10.66
C VAL A 458 41.49 -29.45 9.32
N ARG A 459 40.77 -30.26 8.57
CA ARG A 459 41.17 -30.69 7.23
C ARG A 459 40.07 -30.34 6.23
N GLU A 460 40.45 -29.63 5.17
CA GLU A 460 39.49 -29.22 4.14
C GLU A 460 40.01 -29.65 2.77
N LEU A 461 39.06 -29.94 1.87
CA LEU A 461 39.37 -30.41 0.52
C LEU A 461 38.66 -29.52 -0.50
N MET A 462 39.43 -29.00 -1.45
CA MET A 462 38.90 -28.25 -2.57
C MET A 462 39.25 -28.97 -3.86
N ARG A 463 38.23 -29.34 -4.63
CA ARG A 463 38.42 -30.07 -5.87
C ARG A 463 38.22 -29.15 -7.08
N GLN A 464 39.08 -29.31 -8.08
CA GLN A 464 38.99 -28.59 -9.34
C GLN A 464 38.54 -29.53 -10.45
N ASN A 465 37.84 -29.00 -11.44
CA ASN A 465 37.44 -29.80 -12.59
C ASN A 465 38.46 -29.64 -13.70
N SER A 466 38.16 -30.19 -14.88
CA SER A 466 39.12 -30.18 -15.98
C SER A 466 39.42 -28.77 -16.48
N GLU A 467 38.56 -27.80 -16.19
CA GLU A 467 38.81 -26.42 -16.54
C GLU A 467 39.53 -25.67 -15.42
N LYS A 468 39.96 -26.37 -14.39
CA LYS A 468 40.62 -25.79 -13.22
C LYS A 468 39.70 -24.82 -12.47
N LEU A 469 38.40 -24.98 -12.62
CA LEU A 469 37.44 -24.25 -11.83
C LEU A 469 37.09 -25.05 -10.58
N PRO A 470 36.73 -24.37 -9.49
CA PRO A 470 36.30 -25.10 -8.29
C PRO A 470 35.11 -26.00 -8.60
N GLU A 471 35.25 -27.28 -8.27
CA GLU A 471 34.19 -28.27 -8.48
C GLU A 471 33.45 -28.60 -7.21
N SER A 472 34.15 -28.69 -6.10
CA SER A 472 33.51 -28.99 -4.82
C SER A 472 34.42 -28.53 -3.70
N PHE A 473 33.81 -28.26 -2.55
CA PHE A 473 34.53 -27.90 -1.35
C PHE A 473 33.94 -28.69 -0.19
N THR A 474 34.80 -29.36 0.56
CA THR A 474 34.41 -30.17 1.70
C THR A 474 35.01 -29.54 2.94
N ASP A 475 34.16 -29.09 3.87
CA ASP A 475 34.67 -28.43 5.05
C ASP A 475 35.17 -29.46 6.07
N GLY A 476 35.65 -28.98 7.21
CA GLY A 476 36.26 -29.86 8.19
C GLY A 476 35.30 -30.86 8.80
N GLU A 477 33.99 -30.61 8.73
CA GLU A 477 33.00 -31.54 9.22
C GLU A 477 32.52 -32.52 8.16
N GLY A 478 33.04 -32.43 6.94
CA GLY A 478 32.67 -33.33 5.88
C GLY A 478 31.49 -32.90 5.04
N ASN A 479 31.03 -31.67 5.19
CA ASN A 479 29.93 -31.16 4.39
C ASN A 479 30.46 -30.54 3.10
N THR A 480 29.83 -30.89 1.98
CA THR A 480 30.37 -30.62 0.65
C THR A 480 29.43 -29.75 -0.15
N THR A 481 29.96 -28.65 -0.70
CA THR A 481 29.26 -27.79 -1.63
C THR A 481 29.83 -28.05 -3.02
N ARG A 482 28.97 -28.20 -4.02
CA ARG A 482 29.40 -28.54 -5.36
C ARG A 482 29.02 -27.42 -6.33
N TYR A 483 29.79 -27.30 -7.41
CA TYR A 483 29.61 -26.27 -8.41
C TYR A 483 29.53 -26.87 -9.80
N GLU A 484 28.66 -26.31 -10.64
CA GLU A 484 28.52 -26.74 -12.02
C GLU A 484 28.64 -25.53 -12.93
N TYR A 485 29.11 -25.78 -14.15
CA TYR A 485 29.42 -24.72 -15.09
C TYR A 485 28.88 -25.08 -16.47
N GLY A 486 28.58 -24.04 -17.25
CA GLY A 486 28.35 -24.19 -18.67
C GLY A 486 29.52 -23.69 -19.48
N ALA A 487 29.26 -23.36 -20.74
CA ALA A 487 30.31 -22.84 -21.59
C ALA A 487 30.85 -21.52 -21.04
N PHE A 488 32.11 -21.24 -21.40
CA PHE A 488 32.77 -19.98 -21.03
C PHE A 488 32.86 -19.80 -19.51
N ASP A 489 32.86 -20.92 -18.79
CA ASP A 489 33.03 -20.94 -17.32
C ASP A 489 31.89 -20.22 -16.59
N LEU A 490 30.71 -20.18 -17.19
CA LEU A 490 29.55 -19.60 -16.51
C LEU A 490 29.07 -20.53 -15.40
N LEU A 491 29.01 -20.01 -14.18
CA LEU A 491 28.46 -20.78 -13.07
C LEU A 491 26.97 -20.97 -13.29
N THR A 492 26.53 -22.21 -13.47
CA THR A 492 25.13 -22.48 -13.71
C THR A 492 24.42 -23.14 -12.54
N ALA A 493 25.14 -23.67 -11.56
CA ALA A 493 24.47 -24.24 -10.40
C ALA A 493 25.44 -24.34 -9.23
N VAL A 494 24.90 -24.19 -8.03
CA VAL A 494 25.57 -24.45 -6.77
C VAL A 494 24.73 -25.48 -6.02
N ILE A 495 25.34 -26.58 -5.61
CA ILE A 495 24.63 -27.61 -4.84
C ILE A 495 25.09 -27.53 -3.40
N ARG A 496 24.16 -27.23 -2.50
CA ARG A 496 24.45 -27.10 -1.08
C ARG A 496 24.76 -28.46 -0.47
N PRO A 497 25.37 -28.48 0.72
CA PRO A 497 25.61 -29.77 1.39
C PRO A 497 24.36 -30.59 1.66
N ASP A 498 23.18 -29.98 1.75
CA ASP A 498 21.95 -30.74 1.93
C ASP A 498 21.33 -31.19 0.61
N GLY A 499 22.02 -30.97 -0.51
CA GLY A 499 21.54 -31.42 -1.82
C GLY A 499 20.64 -30.44 -2.53
N GLU A 500 20.23 -29.35 -1.88
CA GLU A 500 19.42 -28.37 -2.56
C GLU A 500 20.26 -27.56 -3.53
N ARG A 501 19.62 -27.05 -4.57
CA ARG A 501 20.28 -26.51 -5.74
C ARG A 501 19.90 -25.05 -5.96
N LEU A 502 20.90 -24.24 -6.26
CA LEU A 502 20.70 -22.87 -6.75
C LEU A 502 21.18 -22.83 -8.19
N ALA A 503 20.42 -22.17 -9.06
CA ALA A 503 20.73 -22.27 -10.49
C ALA A 503 20.68 -20.91 -11.15
N CYS A 504 21.47 -20.76 -12.21
CA CYS A 504 21.63 -19.51 -12.94
C CYS A 504 21.51 -19.78 -14.43
N ARG A 505 20.85 -18.87 -15.14
CA ARG A 505 20.74 -18.94 -16.59
C ARG A 505 21.14 -17.60 -17.19
N TYR A 506 21.72 -17.65 -18.39
CA TYR A 506 22.29 -16.48 -19.03
C TYR A 506 21.74 -16.31 -20.43
N ASP A 507 21.70 -15.07 -20.91
CA ASP A 507 21.28 -14.84 -22.29
C ASP A 507 22.43 -15.16 -23.24
N LYS A 508 22.21 -14.92 -24.53
CA LYS A 508 23.18 -15.34 -25.53
C LYS A 508 24.48 -14.53 -25.48
N LEU A 509 24.51 -13.43 -24.74
CA LEU A 509 25.74 -12.71 -24.49
C LEU A 509 26.31 -12.99 -23.10
N THR A 510 25.79 -14.01 -22.42
CA THR A 510 26.19 -14.45 -21.08
C THR A 510 25.85 -13.45 -19.98
N ARG A 511 24.88 -12.57 -20.20
CA ARG A 511 24.35 -11.76 -19.11
C ARG A 511 23.38 -12.58 -18.27
N LEU A 512 23.55 -12.49 -16.95
CA LEU A 512 22.67 -13.20 -16.01
C LEU A 512 21.23 -12.70 -16.15
N THR A 513 20.33 -13.59 -16.56
CA THR A 513 18.93 -13.24 -16.73
C THR A 513 18.00 -13.96 -15.77
N GLU A 514 18.43 -15.06 -15.16
CA GLU A 514 17.51 -15.79 -14.28
C GLU A 514 18.29 -16.52 -13.20
N ILE A 515 17.75 -16.47 -11.98
CA ILE A 515 18.26 -17.20 -10.84
C ILE A 515 17.10 -17.97 -10.22
N THR A 516 17.32 -19.26 -9.95
CA THR A 516 16.32 -20.11 -9.34
C THR A 516 16.83 -20.55 -7.98
N ASN A 517 16.05 -20.29 -6.93
CA ASN A 517 16.50 -20.63 -5.59
C ASN A 517 16.12 -22.07 -5.26
N ALA A 518 16.47 -22.51 -4.05
CA ALA A 518 16.22 -23.90 -3.67
C ALA A 518 14.72 -24.20 -3.61
N GLU A 519 13.90 -23.20 -3.24
CA GLU A 519 12.46 -23.41 -3.24
C GLU A 519 11.95 -23.67 -4.65
N GLY A 520 12.64 -23.16 -5.66
CA GLY A 520 12.23 -23.30 -7.04
C GLY A 520 11.65 -22.06 -7.68
N GLU A 521 11.70 -20.91 -7.01
CA GLU A 521 11.18 -19.67 -7.56
C GLU A 521 12.29 -18.94 -8.32
N HIS A 522 11.88 -18.00 -9.17
CA HIS A 522 12.79 -17.39 -10.13
C HIS A 522 12.94 -15.89 -9.88
N TYR A 523 14.18 -15.43 -10.01
CA TYR A 523 14.53 -14.01 -10.01
C TYR A 523 15.02 -13.64 -11.41
N ARG A 524 14.40 -12.64 -12.03
CA ARG A 524 14.62 -12.36 -13.44
C ARG A 524 15.23 -10.99 -13.64
N LEU A 525 16.18 -10.90 -14.56
CA LEU A 525 16.85 -9.66 -14.94
C LEU A 525 16.65 -9.42 -16.43
N ARG A 526 16.46 -8.16 -16.82
CA ARG A 526 16.20 -7.79 -18.20
C ARG A 526 17.16 -6.69 -18.63
N TYR A 527 17.65 -6.77 -19.87
CA TYR A 527 18.67 -5.87 -20.37
C TYR A 527 18.22 -5.24 -21.68
N ASP A 528 18.76 -4.05 -21.98
CA ASP A 528 18.54 -3.43 -23.28
C ASP A 528 19.62 -3.90 -24.25
N LYS A 529 19.64 -3.35 -25.46
CA LYS A 529 20.58 -3.82 -26.48
C LYS A 529 22.03 -3.50 -26.14
N ALA A 530 22.28 -2.54 -25.26
CA ALA A 530 23.63 -2.19 -24.86
C ALA A 530 24.07 -2.90 -23.60
N GLY A 531 23.25 -3.81 -23.07
CA GLY A 531 23.60 -4.55 -21.88
C GLY A 531 23.29 -3.86 -20.56
N GLN A 532 22.59 -2.73 -20.60
CA GLN A 532 22.19 -2.09 -19.35
C GLN A 532 21.03 -2.84 -18.72
N LEU A 533 21.11 -3.06 -17.41
CA LEU A 533 20.02 -3.70 -16.67
C LEU A 533 18.85 -2.74 -16.52
N VAL A 534 17.77 -2.97 -17.26
CA VAL A 534 16.63 -2.06 -17.27
C VAL A 534 15.46 -2.55 -16.41
N ALA A 535 15.49 -3.79 -15.92
CA ALA A 535 14.41 -4.26 -15.08
C ALA A 535 14.87 -5.48 -14.30
N GLU A 536 14.37 -5.62 -13.07
CA GLU A 536 14.54 -6.85 -12.32
C GLU A 536 13.25 -7.15 -11.57
N THR A 537 12.86 -8.42 -11.59
CA THR A 537 11.66 -8.91 -10.94
C THR A 537 12.10 -9.96 -9.91
N ASP A 538 11.88 -9.67 -8.63
CA ASP A 538 12.35 -10.57 -7.58
C ASP A 538 11.36 -11.70 -7.38
N PHE A 539 11.60 -12.52 -6.36
CA PHE A 539 10.78 -13.70 -6.13
C PHE A 539 9.35 -13.36 -5.76
N THR A 540 9.09 -12.15 -5.26
CA THR A 540 7.73 -11.76 -4.88
C THR A 540 6.90 -11.29 -6.07
N GLY A 541 7.51 -11.13 -7.25
CA GLY A 541 6.82 -10.54 -8.37
C GLY A 541 7.00 -9.05 -8.51
N ARG A 542 7.77 -8.43 -7.62
CA ARG A 542 7.99 -7.00 -7.65
C ARG A 542 9.03 -6.63 -8.70
N THR A 543 8.68 -5.70 -9.58
CA THR A 543 9.56 -5.29 -10.66
C THR A 543 10.01 -3.85 -10.47
N LEU A 544 11.33 -3.64 -10.52
CA LEU A 544 11.92 -2.31 -10.54
C LEU A 544 12.49 -2.05 -11.93
N THR A 545 12.28 -0.84 -12.43
CA THR A 545 12.73 -0.46 -13.77
C THR A 545 13.72 0.70 -13.67
N TYR A 546 14.77 0.64 -14.49
CA TYR A 546 15.89 1.58 -14.43
C TYR A 546 16.08 2.28 -15.77
N SER A 547 16.37 3.57 -15.72
CA SER A 547 16.69 4.37 -16.89
C SER A 547 18.11 4.91 -16.79
N TYR A 548 18.74 5.17 -17.93
CA TYR A 548 20.14 5.55 -17.99
C TYR A 548 20.34 6.74 -18.91
N ASP A 549 21.37 7.52 -18.63
CA ASP A 549 21.73 8.63 -19.51
C ASP A 549 22.71 8.13 -20.58
N ALA A 550 23.24 9.04 -21.40
CA ALA A 550 24.09 8.65 -22.52
C ALA A 550 25.41 8.03 -22.06
N ALA A 551 25.79 8.22 -20.80
CA ALA A 551 27.02 7.64 -20.26
C ALA A 551 26.78 6.33 -19.52
N GLY A 552 25.57 5.80 -19.56
CA GLY A 552 25.29 4.59 -18.81
C GLY A 552 25.09 4.80 -17.33
N ARG A 553 24.92 6.04 -16.87
CA ARG A 553 24.66 6.32 -15.47
C ARG A 553 23.16 6.20 -15.22
N CYS A 554 22.80 5.51 -14.14
CA CYS A 554 21.40 5.26 -13.83
C CYS A 554 20.75 6.53 -13.28
N ILE A 555 19.77 7.07 -14.00
CA ILE A 555 19.16 8.33 -13.64
C ILE A 555 17.73 8.19 -13.12
N ARG A 556 17.14 7.00 -13.16
CA ARG A 556 15.82 6.83 -12.58
C ARG A 556 15.59 5.38 -12.18
N THR A 557 15.00 5.19 -11.01
CA THR A 557 14.43 3.93 -10.59
C THR A 557 12.92 4.10 -10.46
N THR A 558 12.17 3.25 -11.14
CA THR A 558 10.72 3.28 -11.08
C THR A 558 10.23 2.09 -10.26
N PHE A 559 9.34 2.36 -9.33
CA PHE A 559 8.82 1.37 -8.41
C PHE A 559 7.41 0.94 -8.81
N PRO A 560 6.94 -0.21 -8.32
CA PRO A 560 5.61 -0.68 -8.72
C PRO A 560 4.48 0.27 -8.37
N ASP A 561 4.57 1.00 -7.25
CA ASP A 561 3.53 1.94 -6.88
C ASP A 561 3.59 3.24 -7.68
N GLY A 562 4.45 3.31 -8.70
CA GLY A 562 4.51 4.45 -9.58
C GLY A 562 5.46 5.56 -9.16
N THR A 563 6.08 5.46 -7.99
CA THR A 563 7.02 6.49 -7.57
C THR A 563 8.33 6.34 -8.34
N HIS A 564 8.94 7.47 -8.67
CA HIS A 564 10.20 7.53 -9.39
C HIS A 564 11.26 8.16 -8.49
N LEU A 565 12.47 7.63 -8.55
CA LEU A 565 13.62 8.20 -7.86
C LEU A 565 14.57 8.69 -8.95
N ASN A 566 14.59 10.01 -9.17
CA ASN A 566 15.43 10.62 -10.19
C ASN A 566 16.76 11.07 -9.60
N ARG A 567 17.83 10.86 -10.36
CA ARG A 567 19.18 11.22 -9.94
C ARG A 567 19.82 12.10 -11.02
N GLN A 568 20.60 13.07 -10.57
CA GLN A 568 21.42 13.90 -11.45
C GLN A 568 22.89 13.76 -11.06
N TYR A 569 23.77 13.90 -12.04
CA TYR A 569 25.18 13.61 -11.85
C TYR A 569 26.04 14.80 -12.25
N SER A 570 27.20 14.91 -11.60
CA SER A 570 28.22 15.86 -12.01
C SER A 570 29.06 15.28 -13.15
N THR A 571 29.95 16.13 -13.69
CA THR A 571 30.86 15.68 -14.73
C THR A 571 31.73 14.54 -14.25
N THR A 572 32.02 14.48 -12.95
CA THR A 572 32.85 13.44 -12.37
C THR A 572 32.04 12.25 -11.85
N ASP A 573 30.82 12.07 -12.33
CA ASP A 573 29.97 10.91 -12.04
C ASP A 573 29.52 10.85 -10.58
N GLN A 574 29.43 12.00 -9.92
CA GLN A 574 28.96 12.05 -8.54
C GLN A 574 27.52 12.55 -8.50
N VAL A 575 26.72 11.93 -7.62
CA VAL A 575 25.31 12.32 -7.49
C VAL A 575 25.24 13.71 -6.90
N THR A 576 24.58 14.63 -7.61
CA THR A 576 24.38 15.97 -7.10
C THR A 576 22.96 16.23 -6.61
N ARG A 577 21.99 15.45 -7.07
CA ARG A 577 20.61 15.67 -6.69
C ARG A 577 19.84 14.37 -6.79
N GLU A 578 18.92 14.16 -5.85
CA GLU A 578 17.99 13.05 -5.89
C GLU A 578 16.58 13.58 -5.68
N GLU A 579 15.67 13.23 -6.59
CA GLU A 579 14.30 13.69 -6.54
C GLU A 579 13.34 12.51 -6.48
N VAL A 580 12.26 12.69 -5.72
CA VAL A 580 11.17 11.73 -5.67
C VAL A 580 9.97 12.35 -6.36
N ALA A 581 9.44 11.66 -7.36
CA ALA A 581 8.21 12.04 -8.03
C ALA A 581 7.31 10.82 -8.08
N GLN A 582 6.05 11.02 -8.48
CA GLN A 582 5.13 9.89 -8.50
C GLN A 582 4.28 9.96 -9.76
N GLY A 583 4.13 8.81 -10.42
CA GLY A 583 3.30 8.60 -11.59
C GLY A 583 3.72 9.47 -12.77
N ASP A 584 2.73 9.86 -13.57
CA ASP A 584 2.97 10.72 -14.73
C ASP A 584 3.14 12.18 -14.36
N SER A 585 2.91 12.56 -13.11
CA SER A 585 3.11 13.94 -12.69
C SER A 585 4.59 14.22 -12.50
N ASP A 586 5.08 15.27 -13.14
CA ASP A 586 6.46 15.70 -12.93
C ASP A 586 6.66 16.45 -11.61
N ARG A 587 5.64 16.47 -10.75
CA ARG A 587 5.76 17.20 -9.49
C ARG A 587 6.73 16.48 -8.56
N VAL A 588 7.61 17.25 -7.94
CA VAL A 588 8.65 16.72 -7.06
C VAL A 588 8.09 16.63 -5.65
N LEU A 589 8.09 15.42 -5.10
CA LEU A 589 7.59 15.22 -3.74
C LEU A 589 8.66 15.52 -2.69
N SER A 590 9.91 15.10 -2.94
CA SER A 590 11.00 15.43 -2.03
C SER A 590 12.27 15.62 -2.84
N CYS A 591 13.25 16.26 -2.21
CA CYS A 591 14.45 16.72 -2.89
C CYS A 591 15.64 16.58 -1.96
N THR A 592 16.73 16.03 -2.48
CA THR A 592 17.98 15.84 -1.73
C THR A 592 19.14 16.35 -2.57
N THR A 593 20.01 17.16 -1.97
CA THR A 593 21.12 17.79 -2.67
C THR A 593 22.47 17.34 -2.10
N PHE A 594 23.46 17.29 -2.98
CA PHE A 594 24.83 16.95 -2.63
C PHE A 594 25.75 18.00 -3.25
N ILE A 595 26.57 18.65 -2.42
CA ILE A 595 27.47 19.70 -2.87
C ILE A 595 28.90 19.21 -2.74
N TYR A 596 29.73 19.50 -3.75
CA TYR A 596 31.11 19.07 -3.78
C TYR A 596 32.04 20.26 -3.98
N ASP A 597 33.20 20.21 -3.35
CA ASP A 597 34.19 21.28 -3.49
C ASP A 597 34.94 21.12 -4.82
N ALA A 598 35.94 21.97 -5.03
CA ALA A 598 36.66 21.99 -6.29
C ALA A 598 37.48 20.72 -6.54
N LEU A 599 37.70 19.91 -5.51
CA LEU A 599 38.38 18.64 -5.66
C LEU A 599 37.42 17.46 -5.71
N SER A 600 36.13 17.72 -5.93
CA SER A 600 35.09 16.70 -6.03
C SER A 600 34.91 15.92 -4.72
N ARG A 601 35.25 16.56 -3.59
CA ARG A 601 35.01 15.97 -2.28
C ARG A 601 33.67 16.46 -1.75
N LEU A 602 32.92 15.54 -1.14
CA LEU A 602 31.57 15.86 -0.64
C LEU A 602 31.67 16.77 0.58
N THR A 603 31.10 17.97 0.48
CA THR A 603 31.10 18.89 1.60
C THR A 603 29.73 19.09 2.25
N GLU A 604 28.64 18.82 1.53
CA GLU A 604 27.32 18.97 2.14
C GLU A 604 26.31 18.03 1.48
N ALA A 605 25.55 17.33 2.31
CA ALA A 605 24.39 16.56 1.89
C ALA A 605 23.17 17.06 2.65
N ARG A 606 22.06 17.26 1.95
CA ARG A 606 20.92 17.90 2.57
C ARG A 606 19.62 17.29 2.03
N ASN A 607 18.76 16.87 2.94
CA ASN A 607 17.36 16.62 2.65
C ASN A 607 16.52 17.46 3.60
N ASN A 608 15.21 17.19 3.63
CA ASN A 608 14.31 17.99 4.45
C ASN A 608 14.56 17.83 5.94
N ASP A 609 15.15 16.72 6.37
CA ASP A 609 15.27 16.44 7.79
C ASP A 609 16.68 16.61 8.35
N ALA A 610 17.68 16.84 7.50
CA ALA A 610 19.05 16.89 8.02
C ALA A 610 19.97 17.54 7.01
N THR A 611 20.91 18.33 7.54
CA THR A 611 22.04 18.86 6.78
C THR A 611 23.30 18.23 7.34
N VAL A 612 24.08 17.58 6.48
CA VAL A 612 25.32 16.92 6.86
C VAL A 612 26.45 17.59 6.09
N THR A 613 27.47 18.09 6.81
CA THR A 613 28.61 18.74 6.20
C THR A 613 29.91 18.07 6.62
N TYR A 614 30.88 18.09 5.71
CA TYR A 614 32.21 17.52 5.93
C TYR A 614 33.28 18.55 5.63
N GLU A 615 34.33 18.56 6.45
CA GLU A 615 35.51 19.39 6.23
C GLU A 615 36.74 18.52 6.03
N TYR A 616 37.66 18.98 5.19
CA TYR A 616 38.84 18.22 4.82
C TYR A 616 40.11 19.01 5.08
N ASP A 617 41.19 18.30 5.37
CA ASP A 617 42.50 18.94 5.38
C ASP A 617 43.10 18.79 3.97
N ASP A 618 44.32 19.28 3.78
CA ASP A 618 44.95 19.20 2.46
C ASP A 618 45.18 17.77 2.02
N ALA A 619 45.29 16.83 2.95
CA ALA A 619 45.46 15.42 2.60
C ALA A 619 44.13 14.73 2.29
N SER A 620 43.03 15.48 2.23
CA SER A 620 41.68 14.94 2.01
C SER A 620 41.26 13.98 3.12
N ARG A 621 41.82 14.14 4.31
CA ARG A 621 41.30 13.44 5.47
C ARG A 621 40.13 14.24 6.05
N VAL A 622 39.13 13.52 6.57
CA VAL A 622 37.95 14.18 7.12
C VAL A 622 38.32 14.73 8.50
N THR A 623 38.32 16.05 8.63
CA THR A 623 38.62 16.67 9.91
C THR A 623 37.38 17.00 10.72
N ALA A 624 36.20 16.98 10.10
CA ALA A 624 34.96 17.24 10.82
C ALA A 624 33.77 16.69 10.04
N GLU A 625 32.85 16.03 10.77
CA GLU A 625 31.53 15.68 10.26
C GLU A 625 30.50 16.34 11.16
N THR A 626 29.57 17.08 10.55
CA THR A 626 28.53 17.81 11.28
C THR A 626 27.16 17.36 10.80
N ILE A 627 26.28 17.02 11.76
CA ILE A 627 24.92 16.59 11.46
C ILE A 627 23.96 17.47 12.26
N ASN A 628 23.14 18.24 11.55
CA ASN A 628 22.20 19.19 12.17
C ASN A 628 22.89 20.03 13.23
N GLY A 629 24.01 20.65 12.84
CA GLY A 629 24.74 21.54 13.70
C GLY A 629 25.63 20.89 14.74
N ARG A 630 25.53 19.58 14.96
CA ARG A 630 26.34 18.89 15.94
C ARG A 630 27.62 18.39 15.28
N ARG A 631 28.75 18.80 15.83
CA ARG A 631 30.05 18.70 15.17
C ARG A 631 30.92 17.67 15.87
N THR A 632 31.50 16.75 15.10
CA THR A 632 32.57 15.89 15.57
C THR A 632 33.85 16.27 14.83
N GLU A 633 34.90 16.58 15.58
CA GLU A 633 36.17 17.00 15.02
C GLU A 633 37.21 15.91 15.20
N TYR A 634 38.10 15.77 14.22
CA TYR A 634 39.14 14.74 14.20
C TYR A 634 40.52 15.38 14.10
N ASN A 635 41.48 14.78 14.80
CA ASN A 635 42.91 15.00 14.56
C ASN A 635 43.55 13.67 14.24
N TYR A 636 44.69 13.72 13.55
CA TYR A 636 45.27 12.51 13.00
C TYR A 636 46.74 12.38 13.41
N ASP A 637 47.14 11.15 13.69
CA ASP A 637 48.56 10.79 13.78
C ASP A 637 49.26 11.23 12.49
N PRO A 638 50.32 12.03 12.57
CA PRO A 638 50.94 12.55 11.33
C PRO A 638 51.66 11.49 10.51
N ASP A 639 52.00 10.34 11.08
CA ASP A 639 52.70 9.30 10.34
C ASP A 639 51.80 8.18 9.84
N GLN A 640 50.65 7.94 10.47
CA GLN A 640 49.80 6.82 10.14
C GLN A 640 48.43 7.19 9.58
N ASP A 641 48.06 8.47 9.57
CA ASP A 641 46.74 8.91 9.11
C ASP A 641 45.59 8.26 9.87
N THR A 642 45.83 7.81 11.09
CA THR A 642 44.80 7.28 11.97
C THR A 642 44.31 8.37 12.90
N VAL A 643 43.05 8.27 13.31
CA VAL A 643 42.49 9.25 14.24
C VAL A 643 43.28 9.19 15.54
N SER A 644 43.91 10.31 15.91
CA SER A 644 44.56 10.42 17.20
C SER A 644 43.71 11.15 18.22
N GLN A 645 42.75 11.96 17.78
CA GLN A 645 41.90 12.71 18.69
C GLN A 645 40.57 12.98 18.02
N ARG A 646 39.47 12.79 18.75
CA ARG A 646 38.17 13.23 18.27
C ARG A 646 37.39 13.88 19.41
N THR A 647 36.67 14.95 19.09
CA THR A 647 35.97 15.75 20.07
C THR A 647 34.56 16.03 19.57
N THR A 648 33.58 15.79 20.44
CA THR A 648 32.19 16.18 20.19
C THR A 648 31.63 16.80 21.47
N ALA A 649 31.15 18.03 21.36
CA ALA A 649 30.53 18.74 22.49
C ALA A 649 31.46 18.82 23.70
N GLY A 650 32.73 19.14 23.45
CA GLY A 650 33.67 19.33 24.52
C GLY A 650 34.20 18.07 25.17
N ILE A 651 33.76 16.89 24.72
CA ILE A 651 34.27 15.62 25.22
C ILE A 651 35.31 15.11 24.23
N THR A 652 36.56 14.99 24.68
CA THR A 652 37.69 14.65 23.82
C THR A 652 38.16 13.23 24.11
N GLU A 653 38.39 12.46 23.04
CA GLU A 653 39.01 11.14 23.12
C GLU A 653 40.37 11.17 22.45
N CYS A 654 41.33 10.45 23.03
CA CYS A 654 42.68 10.34 22.50
C CYS A 654 42.98 8.89 22.16
N PHE A 655 43.52 8.65 20.97
CA PHE A 655 43.92 7.33 20.52
C PHE A 655 45.43 7.28 20.33
N THR A 656 46.07 6.31 20.98
CA THR A 656 47.49 6.04 20.82
C THR A 656 47.65 4.70 20.11
N ARG A 657 48.53 4.64 19.11
CA ARG A 657 48.69 3.43 18.31
C ARG A 657 50.16 3.06 18.14
N GLY A 658 50.40 1.77 18.01
CA GLY A 658 51.75 1.24 17.84
C GLY A 658 52.22 1.32 16.40
N LEU A 659 53.36 0.65 16.15
CA LEU A 659 53.99 0.71 14.83
C LEU A 659 53.11 0.09 13.76
N THR A 660 52.36 -0.96 14.11
CA THR A 660 51.50 -1.66 13.16
C THR A 660 50.13 -0.99 13.02
N GLY A 661 49.85 0.06 13.80
CA GLY A 661 48.55 0.66 13.79
C GLY A 661 47.58 0.07 14.80
N GLU A 662 48.03 -0.85 15.64
CA GLU A 662 47.17 -1.41 16.67
C GLU A 662 46.97 -0.40 17.79
N LEU A 663 45.76 -0.39 18.35
CA LEU A 663 45.44 0.51 19.45
C LEU A 663 46.16 0.06 20.70
N THR A 664 46.99 0.95 21.27
CA THR A 664 47.67 0.67 22.52
C THR A 664 47.10 1.45 23.70
N GLN A 665 46.50 2.61 23.47
CA GLN A 665 45.90 3.35 24.56
C GLN A 665 44.70 4.13 24.05
N TRP A 666 43.67 4.21 24.89
CA TRP A 666 42.47 5.00 24.63
C TRP A 666 42.13 5.76 25.90
N GLN A 667 41.68 7.00 25.75
CA GLN A 667 41.35 7.84 26.89
C GLN A 667 40.23 8.78 26.51
N ILE A 668 39.30 9.01 27.45
CA ILE A 668 38.22 9.96 27.26
C ILE A 668 38.20 10.94 28.42
N ASP A 669 38.07 12.23 28.09
CA ASP A 669 37.62 13.28 29.03
C ASP A 669 38.35 13.24 30.37
N GLY A 670 39.65 13.00 30.33
CA GLY A 670 40.43 13.04 31.56
C GLY A 670 40.25 11.86 32.50
N HIS A 671 39.57 10.81 32.06
CA HIS A 671 39.49 9.60 32.85
C HIS A 671 40.78 8.80 32.73
N THR A 672 40.96 7.84 33.65
CA THR A 672 42.10 6.93 33.58
C THR A 672 42.12 6.20 32.24
N PRO A 673 43.26 6.16 31.56
CA PRO A 673 43.29 5.56 30.21
C PRO A 673 43.07 4.07 30.23
N LEU A 674 42.64 3.55 29.08
CA LEU A 674 42.60 2.11 28.83
C LEU A 674 43.81 1.75 27.98
N THR A 675 44.59 0.77 28.44
CA THR A 675 45.76 0.30 27.71
C THR A 675 45.51 -1.11 27.19
N LEU A 676 46.07 -1.40 26.02
CA LEU A 676 45.79 -2.66 25.32
C LEU A 676 47.10 -3.31 24.88
N GLU A 677 47.12 -4.65 24.91
CA GLU A 677 48.26 -5.44 24.49
C GLU A 677 47.84 -6.38 23.36
N HIS A 678 48.77 -6.65 22.44
CA HIS A 678 48.51 -7.52 21.31
C HIS A 678 49.66 -8.52 21.15
N ASP A 679 49.34 -9.71 20.66
CA ASP A 679 50.35 -10.74 20.47
C ASP A 679 51.02 -10.55 19.11
N LEU A 680 51.94 -11.45 18.79
CA LEU A 680 52.67 -11.35 17.52
C LEU A 680 51.81 -11.63 16.30
N ARG A 681 50.59 -12.13 16.46
CA ARG A 681 49.67 -12.24 15.34
C ARG A 681 48.73 -11.03 15.24
N GLY A 682 48.99 -9.98 16.02
CA GLY A 682 48.15 -8.80 15.99
C GLY A 682 46.83 -8.92 16.71
N GLN A 683 46.65 -9.95 17.53
CA GLN A 683 45.38 -10.17 18.20
C GLN A 683 45.45 -9.68 19.64
N GLU A 684 44.36 -9.06 20.09
CA GLU A 684 44.34 -8.44 21.41
C GLU A 684 44.32 -9.51 22.49
N ILE A 685 45.29 -9.43 23.40
CA ILE A 685 45.37 -10.37 24.51
C ILE A 685 44.96 -9.74 25.84
N SER A 686 44.94 -8.42 25.95
CA SER A 686 44.51 -7.80 27.18
C SER A 686 44.16 -6.34 26.94
N ARG A 687 43.17 -5.87 27.68
CA ARG A 687 42.89 -4.45 27.83
C ARG A 687 42.72 -4.20 29.31
N GLN A 688 43.29 -3.09 29.80
CA GLN A 688 43.37 -2.84 31.23
C GLN A 688 43.19 -1.35 31.50
N SER A 689 42.62 -1.04 32.66
CA SER A 689 42.61 0.29 33.23
C SER A 689 43.12 0.20 34.65
N GLU A 690 44.00 1.14 35.02
CA GLU A 690 44.48 1.20 36.41
C GLU A 690 43.35 1.31 37.42
N ALA A 691 42.17 1.77 37.01
CA ALA A 691 41.04 1.82 37.93
C ALA A 691 40.61 0.42 38.37
N GLY A 692 40.96 -0.61 37.62
CA GLY A 692 40.67 -1.97 38.05
C GLY A 692 40.18 -2.87 36.94
N PHE A 693 39.52 -2.31 35.93
CA PHE A 693 38.98 -3.11 34.85
C PHE A 693 40.10 -3.83 34.10
N SER A 694 39.89 -5.12 33.83
CA SER A 694 40.88 -5.94 33.14
C SER A 694 40.17 -7.03 32.36
N LEU A 695 40.55 -7.19 31.09
CA LEU A 695 39.96 -8.21 30.23
C LEU A 695 41.08 -8.87 29.44
N ARG A 696 41.26 -10.17 29.65
CA ARG A 696 42.24 -10.97 28.91
C ARG A 696 41.53 -11.90 27.95
N GLN A 697 42.11 -12.09 26.77
CA GLN A 697 41.48 -12.86 25.71
C GLN A 697 42.52 -13.78 25.06
N ASN A 698 42.08 -14.96 24.65
CA ASN A 698 42.96 -15.93 24.01
C ASN A 698 42.24 -16.59 22.83
N TYR A 699 43.03 -17.24 21.97
CA TYR A 699 42.60 -17.59 20.62
C TYR A 699 43.00 -19.03 20.30
N THR A 700 42.33 -19.60 19.29
CA THR A 700 42.67 -20.92 18.78
C THR A 700 43.89 -20.83 17.86
N PRO A 701 44.48 -21.97 17.48
CA PRO A 701 45.60 -21.91 16.53
C PRO A 701 45.27 -21.23 15.21
N THR A 702 43.98 -21.06 14.87
CA THR A 702 43.60 -20.36 13.66
C THR A 702 43.07 -18.95 13.92
N GLY A 703 43.21 -18.44 15.13
CA GLY A 703 42.82 -17.07 15.42
C GLY A 703 41.37 -16.85 15.77
N MET A 704 40.59 -17.90 16.03
CA MET A 704 39.23 -17.73 16.53
C MET A 704 39.27 -17.33 17.99
N LEU A 705 38.45 -16.36 18.37
CA LEU A 705 38.33 -16.00 19.77
C LEU A 705 37.70 -17.17 20.54
N THR A 706 38.39 -17.64 21.57
CA THR A 706 37.94 -18.81 22.31
C THR A 706 37.95 -18.65 23.82
N GLY A 707 38.61 -17.63 24.36
CA GLY A 707 38.65 -17.44 25.80
C GLY A 707 38.59 -16.00 26.25
N GLN A 708 37.89 -15.75 27.36
CA GLN A 708 37.85 -14.45 28.01
C GLN A 708 37.91 -14.62 29.53
N GLN A 709 38.76 -13.83 30.18
CA GLN A 709 38.80 -13.75 31.64
C GLN A 709 38.82 -12.28 32.03
N ALA A 710 37.87 -11.87 32.86
CA ALA A 710 37.80 -10.51 33.38
C ALA A 710 37.92 -10.53 34.90
N GLY A 711 38.69 -9.59 35.44
CA GLY A 711 38.85 -9.49 36.88
C GLY A 711 40.17 -10.02 37.38
N ASN A 723 30.61 -10.54 41.20
CA ASN A 723 30.10 -9.40 40.44
C ASN A 723 31.25 -8.64 39.76
N ASN A 724 32.46 -9.21 39.84
CA ASN A 724 33.60 -8.61 39.16
C ASN A 724 34.45 -9.66 38.44
N THR A 725 33.99 -10.89 38.31
CA THR A 725 34.76 -11.98 37.72
C THR A 725 33.97 -12.60 36.57
N LEU A 726 34.61 -12.69 35.41
CA LEU A 726 34.04 -13.37 34.25
C LEU A 726 35.02 -14.38 33.70
N GLN A 727 34.56 -15.61 33.48
CA GLN A 727 35.31 -16.63 32.77
C GLN A 727 34.43 -17.18 31.66
N ARG A 728 34.89 -17.06 30.43
CA ARG A 728 34.07 -17.44 29.29
C ARG A 728 34.92 -18.21 28.27
N GLN A 729 34.34 -19.28 27.73
CA GLN A 729 35.01 -20.12 26.76
C GLN A 729 34.08 -20.39 25.60
N TRP A 730 34.62 -20.29 24.39
CA TRP A 730 33.91 -20.58 23.15
C TRP A 730 34.61 -21.71 22.41
N LEU A 731 33.85 -22.74 22.07
CA LEU A 731 34.38 -23.90 21.36
C LEU A 731 33.67 -24.05 20.02
N TYR A 732 34.43 -24.43 18.99
CA TYR A 732 33.93 -24.52 17.64
C TYR A 732 34.03 -25.95 17.13
N ASP A 733 33.18 -26.29 16.16
CA ASP A 733 33.35 -27.55 15.46
C ASP A 733 34.35 -27.34 14.32
N LYS A 734 34.62 -28.40 13.57
CA LYS A 734 35.65 -28.31 12.54
C LYS A 734 35.20 -27.54 11.30
N ALA A 735 33.96 -27.07 11.27
CA ALA A 735 33.50 -26.13 10.26
C ALA A 735 33.41 -24.71 10.80
N TYR A 736 33.87 -24.50 12.04
CA TYR A 736 33.93 -23.19 12.69
C TYR A 736 32.55 -22.66 13.06
N ASN A 737 31.59 -23.56 13.27
CA ASN A 737 30.36 -23.18 13.95
C ASN A 737 30.59 -23.15 15.44
N LEU A 738 30.07 -22.13 16.11
CA LEU A 738 30.15 -22.04 17.56
C LEU A 738 29.18 -23.05 18.17
N THR A 739 29.73 -24.11 18.75
CA THR A 739 28.90 -25.19 19.27
C THR A 739 28.88 -25.27 20.80
N MET A 740 29.77 -24.59 21.50
CA MET A 740 29.70 -24.56 22.96
C MET A 740 30.16 -23.21 23.49
N ILE A 741 29.39 -22.68 24.44
CA ILE A 741 29.77 -21.52 25.24
C ILE A 741 29.76 -21.94 26.69
N SER A 742 30.91 -21.82 27.36
CA SER A 742 31.00 -22.01 28.82
C SER A 742 31.14 -20.64 29.44
N ASP A 743 30.12 -20.23 30.19
CA ASP A 743 30.00 -18.87 30.70
C ASP A 743 29.80 -18.93 32.21
N SER A 744 30.73 -18.34 32.96
CA SER A 744 30.64 -18.42 34.42
C SER A 744 29.46 -17.65 34.97
N LEU A 745 28.86 -16.76 34.18
CA LEU A 745 27.70 -15.98 34.63
C LEU A 745 26.37 -16.55 34.13
N ARG A 746 26.38 -17.44 33.14
CA ARG A 746 25.15 -17.83 32.47
C ARG A 746 24.94 -19.34 32.44
N GLY A 747 26.04 -20.10 32.40
CA GLY A 747 25.97 -21.53 32.26
C GLY A 747 26.67 -22.00 30.99
N THR A 748 26.18 -23.11 30.45
CA THR A 748 26.78 -23.75 29.28
C THR A 748 25.76 -23.79 28.15
N MET A 749 26.11 -23.18 27.01
CA MET A 749 25.29 -23.26 25.81
C MET A 749 25.86 -24.32 24.88
N VAL A 750 25.00 -25.20 24.37
CA VAL A 750 25.37 -26.25 23.43
C VAL A 750 24.50 -26.14 22.19
N ASN A 751 25.14 -26.05 21.03
CA ASN A 751 24.44 -25.84 19.76
C ASN A 751 24.68 -27.02 18.83
N SER A 752 23.59 -27.59 18.31
CA SER A 752 23.64 -28.57 17.24
C SER A 752 23.38 -27.87 15.91
N VAL A 753 24.09 -28.28 14.87
CA VAL A 753 24.02 -27.56 13.61
C VAL A 753 23.57 -28.50 12.49
N THR A 754 22.94 -27.92 11.48
CA THR A 754 22.55 -28.64 10.28
C THR A 754 23.73 -28.71 9.32
N ALA A 755 23.54 -29.42 8.21
CA ALA A 755 24.56 -29.47 7.17
C ALA A 755 24.78 -28.11 6.52
N ASN A 756 23.82 -27.21 6.62
CA ASN A 756 23.94 -25.84 6.14
C ASN A 756 24.53 -24.89 7.17
N ASP A 757 25.07 -25.42 8.28
CA ASP A 757 25.66 -24.63 9.36
C ASP A 757 24.63 -23.72 10.03
N GLN A 758 23.39 -24.17 10.09
CA GLN A 758 22.36 -23.51 10.88
C GLN A 758 22.15 -24.25 12.18
N ILE A 759 21.82 -23.52 13.22
CA ILE A 759 21.63 -24.11 14.53
C ILE A 759 20.22 -24.70 14.61
N SER A 760 20.15 -26.01 14.86
CA SER A 760 18.87 -26.71 14.98
C SER A 760 18.45 -26.89 16.42
N HIS A 761 19.39 -26.82 17.36
CA HIS A 761 19.10 -27.05 18.77
C HIS A 761 20.08 -26.23 19.58
N ALA A 762 19.56 -25.35 20.42
CA ALA A 762 20.35 -24.46 21.26
C ALA A 762 19.88 -24.62 22.70
N THR A 763 20.74 -25.15 23.56
CA THR A 763 20.38 -25.43 24.95
C THR A 763 21.30 -24.66 25.90
N TRP A 764 20.71 -24.08 26.95
CA TRP A 764 21.46 -23.47 28.03
C TRP A 764 21.28 -24.31 29.29
N THR A 765 22.39 -24.77 29.86
CA THR A 765 22.37 -25.68 30.99
C THR A 765 23.09 -25.04 32.17
N GLY A 766 22.46 -25.09 33.35
CA GLY A 766 23.08 -24.70 34.59
C GLY A 766 23.79 -25.84 35.28
N SER A 767 23.58 -25.99 36.59
CA SER A 767 24.21 -27.06 37.33
C SER A 767 23.37 -28.34 37.34
N SER A 768 22.15 -28.29 36.82
CA SER A 768 21.33 -29.47 36.69
C SER A 768 21.56 -30.09 35.32
N ASP A 769 21.35 -31.41 35.24
CA ASP A 769 21.46 -32.07 33.94
C ASP A 769 20.39 -31.57 32.98
N ILE A 770 19.17 -31.35 33.49
CA ILE A 770 18.08 -30.87 32.65
C ILE A 770 18.36 -29.44 32.23
N PRO A 771 18.31 -29.11 30.94
CA PRO A 771 18.61 -27.73 30.52
C PRO A 771 17.60 -26.73 31.06
N MET A 772 18.10 -25.54 31.41
CA MET A 772 17.23 -24.46 31.88
C MET A 772 16.28 -24.03 30.77
N ARG A 773 16.80 -23.85 29.56
CA ARG A 773 15.97 -23.45 28.44
C ARG A 773 16.57 -24.00 27.15
N GLU A 774 15.69 -24.35 26.21
CA GLU A 774 16.10 -24.88 24.93
C GLU A 774 15.33 -24.17 23.82
N GLU A 775 16.01 -23.94 22.70
CA GLU A 775 15.37 -23.56 21.46
C GLU A 775 15.65 -24.64 20.43
N ARG A 776 14.61 -25.12 19.76
CA ARG A 776 14.75 -26.05 18.64
C ARG A 776 14.20 -25.38 17.40
N PHE A 777 14.99 -25.36 16.34
CA PHE A 777 14.61 -24.69 15.10
C PHE A 777 14.58 -25.66 13.94
N ALA A 778 13.70 -25.39 12.98
CA ALA A 778 13.76 -25.98 11.65
C ALA A 778 13.73 -24.85 10.63
N TYR A 779 14.13 -25.18 9.40
CA TYR A 779 14.29 -24.20 8.35
C TYR A 779 13.69 -24.74 7.06
N ASP A 780 13.27 -23.84 6.18
CA ASP A 780 12.67 -24.26 4.92
C ASP A 780 13.78 -24.38 3.88
N ARG A 781 13.40 -24.61 2.62
CA ARG A 781 14.42 -24.83 1.59
C ARG A 781 15.28 -23.60 1.38
N ASN A 782 14.75 -22.42 1.66
CA ASN A 782 15.52 -21.19 1.53
C ASN A 782 16.32 -20.86 2.78
N LEU A 783 16.29 -21.75 3.79
CA LEU A 783 16.97 -21.60 5.08
C LEU A 783 16.30 -20.56 5.98
N ASN A 784 15.06 -20.19 5.69
CA ASN A 784 14.33 -19.30 6.58
C ASN A 784 13.67 -20.11 7.68
N ILE A 785 13.45 -19.46 8.82
CA ILE A 785 12.89 -20.14 9.98
C ILE A 785 11.49 -20.63 9.67
N THR A 786 11.22 -21.86 10.07
CA THR A 786 9.85 -22.37 10.06
C THR A 786 9.43 -22.62 11.50
N ARG A 787 9.94 -23.70 12.09
CA ARG A 787 9.57 -24.07 13.45
C ARG A 787 10.52 -23.47 14.48
N ARG A 788 9.96 -23.04 15.61
CA ARG A 788 10.72 -22.72 16.81
C ARG A 788 9.97 -23.30 18.00
N GLN A 789 10.56 -24.30 18.66
CA GLN A 789 9.98 -24.85 19.87
C GLN A 789 10.92 -24.55 21.02
N THR A 790 10.33 -24.17 22.16
CA THR A 790 11.10 -23.91 23.36
C THR A 790 10.72 -24.91 24.43
N GLN A 791 11.68 -25.23 25.28
CA GLN A 791 11.41 -25.99 26.49
C GLN A 791 12.07 -25.29 27.66
N VAL A 792 11.45 -25.43 28.83
CA VAL A 792 11.92 -24.80 30.05
C VAL A 792 11.97 -25.88 31.12
N ASN A 793 13.18 -26.20 31.59
CA ASN A 793 13.38 -27.24 32.61
C ASN A 793 12.81 -28.58 32.16
N GLY A 794 12.97 -28.89 30.88
CA GLY A 794 12.65 -30.19 30.33
C GLY A 794 11.21 -30.41 29.91
N VAL A 795 10.34 -29.42 30.10
CA VAL A 795 8.94 -29.56 29.71
C VAL A 795 8.64 -28.59 28.58
N PRO A 796 7.81 -28.98 27.61
CA PRO A 796 7.47 -28.06 26.51
C PRO A 796 6.87 -26.77 27.02
N ASP A 797 7.38 -25.66 26.49
CA ASP A 797 7.05 -24.31 26.94
C ASP A 797 6.25 -23.54 25.89
N SER A 798 6.76 -23.47 24.67
CA SER A 798 6.04 -22.82 23.58
C SER A 798 6.43 -23.47 22.27
N GLU A 799 5.57 -23.32 21.27
CA GLU A 799 5.86 -23.80 19.92
C GLU A 799 5.28 -22.85 18.91
N ALA A 800 6.13 -22.38 18.00
CA ALA A 800 5.72 -21.54 16.88
C ALA A 800 6.05 -22.22 15.57
N TYR A 801 5.20 -21.99 14.56
CA TYR A 801 5.51 -22.42 13.20
C TYR A 801 5.16 -21.28 12.26
N GLN A 802 6.17 -20.75 11.58
CA GLN A 802 5.95 -19.64 10.67
C GLN A 802 6.13 -20.10 9.22
N HIS A 803 5.52 -19.34 8.32
CA HIS A 803 5.44 -19.72 6.93
C HIS A 803 5.93 -18.56 6.08
N GLN A 804 6.87 -18.85 5.19
CA GLN A 804 7.31 -17.90 4.19
C GLN A 804 6.55 -18.08 2.90
N GLN A 805 6.31 -16.98 2.21
CA GLN A 805 5.88 -16.99 0.81
C GLN A 805 6.79 -16.04 0.08
N HIS A 806 7.41 -16.53 -1.00
CA HIS A 806 8.40 -15.77 -1.76
C HIS A 806 9.54 -15.27 -0.89
N GLY A 807 9.89 -16.03 0.15
CA GLY A 807 11.05 -15.72 0.96
C GLY A 807 10.81 -14.77 2.12
N ARG A 808 9.57 -14.33 2.36
CA ARG A 808 9.29 -13.43 3.47
C ARG A 808 8.18 -14.02 4.34
N VAL A 809 8.30 -13.79 5.65
CA VAL A 809 7.31 -14.33 6.58
C VAL A 809 5.94 -13.73 6.27
N THR A 810 4.93 -14.58 6.21
CA THR A 810 3.57 -14.19 5.87
C THR A 810 2.55 -14.56 6.93
N SER A 811 2.75 -15.66 7.65
CA SER A 811 1.86 -16.02 8.74
C SER A 811 2.62 -16.90 9.70
N ARG A 812 2.05 -17.09 10.88
CA ARG A 812 2.71 -17.82 11.95
C ARG A 812 1.68 -18.22 12.99
N GLU A 813 1.80 -19.45 13.49
CA GLU A 813 0.98 -19.92 14.58
C GLU A 813 1.85 -20.10 15.82
N TYR A 814 1.27 -19.82 16.98
CA TYR A 814 2.02 -19.84 18.23
C TYR A 814 1.14 -20.41 19.34
N LYS A 815 1.70 -21.33 20.12
CA LYS A 815 1.06 -21.88 21.30
C LYS A 815 2.05 -21.85 22.46
N ALA A 816 1.53 -21.72 23.67
CA ALA A 816 2.33 -21.81 24.88
C ALA A 816 1.62 -22.69 25.90
N TRP A 817 2.40 -23.42 26.70
CA TRP A 817 1.87 -24.40 27.63
C TRP A 817 2.19 -24.03 29.07
N ARG A 818 1.34 -24.49 29.97
CA ARG A 818 1.57 -24.42 31.41
C ARG A 818 1.72 -25.82 31.97
N HIS A 819 2.71 -26.01 32.83
CA HIS A 819 2.98 -27.31 33.44
C HIS A 819 2.12 -27.46 34.70
N THR A 820 1.11 -28.33 34.62
CA THR A 820 0.18 -28.55 35.73
C THR A 820 0.34 -29.98 36.26
N THR A 821 -0.45 -30.29 37.29
CA THR A 821 -0.49 -31.62 37.89
C THR A 821 -1.91 -32.00 38.31
N GLN A 835 1.44 -34.47 36.04
CA GLN A 835 2.41 -34.31 34.96
C GLN A 835 1.70 -34.12 33.63
N PHE A 836 1.13 -32.93 33.43
CA PHE A 836 0.36 -32.62 32.24
C PHE A 836 0.64 -31.18 31.82
N VAL A 837 0.27 -30.86 30.57
CA VAL A 837 0.45 -29.51 30.04
C VAL A 837 -0.84 -29.05 29.38
N ARG A 838 -1.27 -27.84 29.69
CA ARG A 838 -2.46 -27.23 29.12
C ARG A 838 -2.07 -26.01 28.30
N VAL A 839 -2.71 -25.85 27.14
CA VAL A 839 -2.46 -24.68 26.32
C VAL A 839 -2.97 -23.44 27.03
N ILE A 840 -2.16 -22.39 27.07
CA ILE A 840 -2.55 -21.12 27.68
C ILE A 840 -2.49 -19.95 26.70
N ARG A 841 -1.89 -20.14 25.52
CA ARG A 841 -1.92 -19.16 24.45
C ARG A 841 -2.03 -19.89 23.13
N ASP A 842 -2.78 -19.30 22.20
CA ASP A 842 -2.95 -19.87 20.87
C ASP A 842 -3.33 -18.72 19.94
N GLU A 843 -2.36 -18.25 19.14
CA GLU A 843 -2.58 -17.06 18.35
C GLU A 843 -1.90 -17.18 17.00
N GLN A 844 -2.52 -16.56 16.00
CA GLN A 844 -2.00 -16.54 14.65
C GLN A 844 -1.56 -15.12 14.31
N THR A 845 -0.37 -14.99 13.72
CA THR A 845 0.11 -13.71 13.24
C THR A 845 0.10 -13.75 11.72
N THR A 846 -0.36 -12.65 11.10
CA THR A 846 -0.31 -12.49 9.66
C THR A 846 0.48 -11.23 9.32
N TRP A 847 1.20 -11.28 8.21
CA TRP A 847 2.00 -10.17 7.71
C TRP A 847 1.47 -9.76 6.35
N LYS A 848 1.35 -8.45 6.14
CA LYS A 848 0.90 -7.93 4.85
C LYS A 848 1.93 -6.94 4.32
N TYR A 849 2.34 -7.14 3.07
CA TYR A 849 3.36 -6.33 2.41
C TYR A 849 2.71 -5.50 1.30
N ASP A 850 3.26 -4.31 1.06
CA ASP A 850 2.80 -3.52 -0.07
C ASP A 850 3.48 -3.97 -1.36
N VAL A 851 3.16 -3.30 -2.46
CA VAL A 851 3.68 -3.73 -3.76
C VAL A 851 5.17 -3.46 -3.89
N ASN A 852 5.75 -2.62 -3.04
CA ASN A 852 7.19 -2.41 -3.03
C ASN A 852 7.92 -3.37 -2.09
N GLY A 853 7.21 -4.34 -1.52
CA GLY A 853 7.84 -5.35 -0.70
C GLY A 853 8.04 -4.97 0.75
N ARG A 854 7.42 -3.90 1.23
CA ARG A 854 7.61 -3.43 2.59
C ARG A 854 6.43 -3.87 3.45
N LEU A 855 6.75 -4.34 4.65
CA LEU A 855 5.72 -4.71 5.61
C LEU A 855 4.89 -3.49 6.00
N VAL A 856 3.58 -3.55 5.76
CA VAL A 856 2.70 -2.47 6.15
C VAL A 856 1.76 -2.84 7.29
N GLU A 857 1.59 -4.13 7.60
CA GLU A 857 0.71 -4.52 8.69
C GLU A 857 1.12 -5.88 9.23
N LYS A 858 1.21 -5.97 10.56
CA LYS A 858 1.39 -7.24 11.26
C LYS A 858 0.27 -7.39 12.27
N LEU A 859 -0.55 -8.43 12.10
CA LEU A 859 -1.77 -8.63 12.86
C LEU A 859 -1.64 -9.89 13.71
N ILE A 860 -1.75 -9.74 15.02
CA ILE A 860 -1.76 -10.86 15.95
C ILE A 860 -3.19 -11.10 16.39
N ASP A 861 -3.72 -12.29 16.11
CA ASP A 861 -5.13 -12.61 16.38
C ASP A 861 -5.19 -13.84 17.27
N LYS A 862 -5.59 -13.65 18.53
CA LYS A 862 -5.96 -14.74 19.41
C LYS A 862 -7.47 -14.72 19.58
N GLY A 863 -8.10 -15.85 19.29
CA GLY A 863 -9.55 -15.97 19.30
C GLY A 863 -10.21 -15.41 20.54
N GLY A 864 -11.32 -14.69 20.35
CA GLY A 864 -12.05 -14.13 21.47
C GLY A 864 -11.42 -12.91 22.12
N TYR A 865 -10.31 -12.41 21.59
CA TYR A 865 -9.65 -11.24 22.13
C TYR A 865 -9.61 -10.12 21.10
N ARG A 866 -9.37 -8.92 21.59
CA ARG A 866 -9.08 -7.80 20.70
C ARG A 866 -7.83 -8.12 19.87
N PRO A 867 -7.82 -7.76 18.59
CA PRO A 867 -6.61 -7.95 17.78
C PRO A 867 -5.49 -7.00 18.20
N LEU A 868 -4.25 -7.44 17.97
CA LEU A 868 -3.08 -6.59 18.17
C LEU A 868 -2.48 -6.32 16.79
N ARG A 869 -2.61 -5.10 16.31
CA ARG A 869 -2.18 -4.74 14.97
C ARG A 869 -1.10 -3.67 15.01
N TRP A 870 0.01 -3.95 14.33
CA TRP A 870 1.04 -2.96 14.03
C TRP A 870 0.87 -2.49 12.60
N ARG A 871 0.96 -1.18 12.39
CA ARG A 871 0.99 -0.62 11.04
C ARG A 871 2.31 0.10 10.83
N TYR A 872 2.75 0.14 9.57
CA TYR A 872 4.07 0.65 9.22
C TYR A 872 3.96 1.57 8.01
N ARG A 873 4.57 2.75 8.11
CA ARG A 873 4.59 3.73 7.05
C ARG A 873 5.99 3.84 6.47
N TRP A 874 6.09 4.06 5.15
CA TRP A 874 7.36 4.03 4.46
C TRP A 874 7.47 5.19 3.51
N ASP A 875 8.70 5.67 3.28
CA ASP A 875 8.94 6.67 2.27
C ASP A 875 9.39 6.00 0.96
N ALA A 876 9.68 6.83 -0.04
CA ALA A 876 10.00 6.30 -1.36
C ALA A 876 11.29 5.48 -1.36
N ARG A 877 12.20 5.74 -0.42
CA ARG A 877 13.44 4.99 -0.31
C ARG A 877 13.30 3.76 0.56
N SER A 878 12.07 3.36 0.91
CA SER A 878 11.80 2.21 1.75
C SER A 878 12.44 2.35 3.14
N GLN A 879 12.35 3.56 3.70
CA GLN A 879 12.72 3.81 5.08
C GLN A 879 11.46 3.88 5.93
N LEU A 880 11.49 3.20 7.07
CA LEU A 880 10.35 3.18 7.99
C LEU A 880 10.19 4.56 8.61
N THR A 881 9.25 5.35 8.10
CA THR A 881 9.03 6.70 8.61
C THR A 881 7.98 6.76 9.72
N GLY A 882 7.13 5.76 9.84
CA GLY A 882 6.04 5.81 10.80
C GLY A 882 5.69 4.42 11.30
N LEU A 883 5.26 4.35 12.55
CA LEU A 883 4.88 3.09 13.16
C LEU A 883 3.68 3.32 14.08
N GLU A 884 2.68 2.45 13.98
CA GLU A 884 1.50 2.48 14.84
C GLU A 884 1.48 1.24 15.69
N THR A 885 1.38 1.40 17.01
CA THR A 885 1.40 0.28 17.93
C THR A 885 0.00 -0.31 18.07
N PRO A 886 -0.11 -1.51 18.65
CA PRO A 886 -1.45 -2.08 18.88
C PRO A 886 -2.33 -1.24 19.78
N GLU A 887 -1.75 -0.39 20.61
CA GLU A 887 -2.52 0.48 21.50
C GLU A 887 -2.77 1.84 20.89
N GLY A 888 -2.45 2.04 19.61
CA GLY A 888 -2.73 3.29 18.93
C GLY A 888 -1.67 4.35 19.01
N GLU A 889 -0.56 4.08 19.69
CA GLU A 889 0.52 5.05 19.79
C GLU A 889 1.27 5.16 18.46
N ARG A 890 1.62 6.38 18.08
CA ARG A 890 2.26 6.64 16.80
C ARG A 890 3.67 7.18 17.01
N ARG A 891 4.63 6.57 16.32
CA ARG A 891 6.01 7.01 16.31
C ARG A 891 6.39 7.47 14.91
N GLU A 892 7.30 8.45 14.84
CA GLU A 892 7.80 8.97 13.58
C GLU A 892 9.33 8.95 13.60
N TYR A 893 9.92 8.50 12.49
CA TYR A 893 11.36 8.38 12.36
C TYR A 893 11.84 9.21 11.19
N LYS A 894 12.95 9.92 11.38
CA LYS A 894 13.55 10.75 10.35
C LYS A 894 14.99 10.33 10.10
N TYR A 895 15.46 10.56 8.88
CA TYR A 895 16.72 10.01 8.38
C TYR A 895 17.49 11.06 7.59
N ASP A 896 18.82 11.01 7.70
CA ASP A 896 19.68 11.93 6.96
C ASP A 896 19.83 11.42 5.52
N PRO A 897 20.50 12.17 4.64
CA PRO A 897 20.62 11.70 3.24
C PRO A 897 21.33 10.37 3.05
N PHE A 898 21.90 9.78 4.10
CA PHE A 898 22.61 8.52 3.98
C PHE A 898 21.88 7.37 4.67
N GLY A 899 20.61 7.54 5.00
CA GLY A 899 19.86 6.50 5.66
C GLY A 899 20.15 6.31 7.13
N ARG A 900 20.91 7.22 7.74
CA ARG A 900 21.14 7.16 9.17
C ARG A 900 19.97 7.82 9.89
N ARG A 901 19.31 7.06 10.77
CA ARG A 901 18.18 7.59 11.52
C ARG A 901 18.69 8.63 12.52
N ILE A 902 18.20 9.86 12.40
CA ILE A 902 18.66 10.94 13.25
C ILE A 902 17.66 11.31 14.34
N SER A 903 16.42 10.85 14.27
CA SER A 903 15.47 11.22 15.31
C SER A 903 14.35 10.19 15.42
N LYS A 904 13.75 10.16 16.60
CA LYS A 904 12.58 9.35 16.90
C LYS A 904 11.65 10.19 17.76
N ARG A 905 10.38 10.24 17.40
CA ARG A 905 9.41 11.05 18.12
C ARG A 905 8.11 10.27 18.28
N CYS A 906 7.43 10.51 19.39
CA CYS A 906 6.05 10.06 19.58
C CYS A 906 5.14 11.24 19.34
N THR A 907 4.21 11.09 18.41
CA THR A 907 3.43 12.22 17.91
C THR A 907 2.05 12.36 18.54
N ASN A 908 1.55 11.35 19.26
CA ASN A 908 0.20 11.46 19.83
C ASN A 908 0.11 10.95 21.26
N ARG A 909 1.23 10.73 21.94
CA ARG A 909 1.23 10.37 23.35
C ARG A 909 2.29 11.18 24.06
N ASP A 910 2.14 11.31 25.38
CA ASP A 910 3.06 12.08 26.21
C ASP A 910 4.29 11.24 26.53
N ARG A 911 5.11 11.03 25.52
CA ARG A 911 6.29 10.19 25.68
C ARG A 911 7.51 10.88 25.08
N PRO A 912 8.69 10.68 25.67
CA PRO A 912 9.88 11.40 25.21
C PRO A 912 10.39 10.83 23.89
N GLY A 913 11.28 11.59 23.27
CA GLY A 913 11.89 11.19 22.03
C GLY A 913 13.38 10.97 22.14
N THR A 914 14.05 10.79 21.01
CA THR A 914 15.49 10.54 20.99
C THR A 914 16.09 11.16 19.72
N ASP A 915 17.21 11.84 19.89
CA ASP A 915 18.04 12.26 18.76
C ASP A 915 19.27 11.36 18.69
N PHE A 916 19.81 11.20 17.49
CA PHE A 916 20.91 10.28 17.26
C PHE A 916 22.03 10.99 16.52
N HIS A 917 23.24 10.89 17.05
CA HIS A 917 24.43 11.40 16.39
C HIS A 917 25.26 10.24 15.85
N TRP A 918 25.89 10.44 14.70
CA TRP A 918 26.66 9.42 14.03
C TRP A 918 28.06 9.92 13.72
N ASN A 919 28.98 8.97 13.64
CA ASN A 919 30.29 9.17 13.01
C ASN A 919 30.35 8.15 11.88
N GLY A 920 30.26 8.61 10.64
CA GLY A 920 30.27 7.66 9.54
C GLY A 920 29.08 6.73 9.67
N ASP A 921 29.36 5.42 9.66
CA ASP A 921 28.32 4.41 9.80
C ASP A 921 28.02 4.00 11.24
N GLN A 922 28.71 4.58 12.23
CA GLN A 922 28.55 4.21 13.63
C GLN A 922 27.60 5.17 14.34
N LEU A 923 26.65 4.60 15.08
CA LEU A 923 25.80 5.38 15.97
C LEU A 923 26.60 5.70 17.22
N THR A 924 26.92 6.97 17.42
CA THR A 924 27.79 7.34 18.53
C THR A 924 27.06 7.98 19.70
N GLU A 925 25.86 8.53 19.49
CA GLU A 925 25.14 9.19 20.57
C GLU A 925 23.63 8.98 20.43
N GLU A 926 22.99 8.62 21.53
CA GLU A 926 21.55 8.72 21.66
C GLU A 926 21.26 9.83 22.66
N ILE A 927 20.49 10.82 22.22
CA ILE A 927 20.24 12.03 23.00
C ILE A 927 18.77 12.05 23.37
N PRO A 928 18.42 11.98 24.66
CA PRO A 928 17.00 12.02 25.02
C PRO A 928 16.41 13.40 24.72
N VAL A 929 15.16 13.39 24.25
CA VAL A 929 14.42 14.61 23.95
C VAL A 929 13.16 14.61 24.79
N GLY A 930 12.96 15.68 25.56
CA GLY A 930 11.77 15.81 26.37
C GLY A 930 10.52 15.86 25.50
N THR A 931 9.37 15.69 26.16
CA THR A 931 8.11 15.68 25.43
C THR A 931 7.81 17.03 24.75
N ASP A 932 8.39 18.12 25.24
CA ASP A 932 8.23 19.41 24.57
C ASP A 932 9.13 19.58 23.36
N GLY A 933 9.95 18.58 23.02
CA GLY A 933 10.85 18.67 21.90
C GLY A 933 12.20 19.29 22.20
N THR A 934 12.56 19.46 23.47
CA THR A 934 13.85 20.06 23.83
C THR A 934 14.89 18.97 24.01
N PRO A 935 15.98 18.99 23.25
CA PRO A 935 17.02 17.96 23.41
C PRO A 935 17.79 18.14 24.72
N GLU A 936 18.08 17.02 25.38
CA GLU A 936 18.86 17.02 26.62
C GLU A 936 20.28 16.56 26.32
N TYR A 937 21.06 17.47 25.74
CA TYR A 937 22.42 17.12 25.32
C TYR A 937 23.28 16.69 26.50
N GLU A 938 22.99 17.21 27.70
CA GLU A 938 23.72 16.78 28.89
C GLU A 938 23.41 15.35 29.29
N ASN A 939 22.30 14.78 28.81
CA ASN A 939 21.90 13.42 29.14
C ASN A 939 22.27 12.43 28.03
N ALA A 940 23.14 12.82 27.12
CA ALA A 940 23.50 11.96 26.00
C ALA A 940 24.21 10.70 26.47
N ILE A 941 23.92 9.59 25.80
CA ILE A 941 24.65 8.34 25.98
C ILE A 941 25.59 8.17 24.80
N ARG A 942 26.89 8.14 25.06
CA ARG A 942 27.89 8.00 24.02
C ARG A 942 28.36 6.55 23.94
N TRP A 943 28.29 5.98 22.73
CA TRP A 943 28.80 4.66 22.45
C TRP A 943 30.15 4.80 21.74
N ILE A 944 31.18 4.20 22.34
CA ILE A 944 32.56 4.44 21.93
C ILE A 944 33.02 3.30 21.02
N TYR A 945 33.37 3.64 19.78
CA TYR A 945 33.95 2.70 18.83
C TYR A 945 35.30 3.22 18.34
N GLU A 946 36.22 2.30 18.07
CA GLU A 946 37.34 2.65 17.22
C GLU A 946 36.79 3.15 15.88
N PRO A 947 37.38 4.20 15.30
CA PRO A 947 36.86 4.74 14.04
C PRO A 947 36.66 3.66 12.99
N GLY A 948 35.45 3.62 12.42
CA GLY A 948 35.13 2.63 11.41
C GLY A 948 34.86 1.24 11.92
N SER A 949 34.95 0.98 13.22
CA SER A 949 34.64 -0.32 13.78
C SER A 949 33.19 -0.37 14.24
N PHE A 950 32.58 -1.55 14.12
CA PHE A 950 31.22 -1.79 14.61
C PHE A 950 31.19 -2.48 15.98
N THR A 951 32.34 -2.74 16.59
CA THR A 951 32.38 -3.41 17.89
C THR A 951 32.56 -2.38 18.99
N PRO A 952 31.61 -2.23 19.91
CA PRO A 952 31.72 -1.16 20.91
C PRO A 952 32.77 -1.47 21.96
N LEU A 953 33.53 -0.45 22.33
CA LEU A 953 34.56 -0.56 23.36
C LEU A 953 34.15 0.02 24.70
N ALA A 954 33.32 1.05 24.73
CA ALA A 954 33.00 1.71 25.99
C ALA A 954 31.68 2.47 25.84
N ARG A 955 31.31 3.15 26.92
CA ARG A 955 30.03 3.86 27.05
C ARG A 955 30.25 5.00 28.03
N TYR A 956 29.76 6.19 27.68
CA TYR A 956 30.00 7.38 28.49
C TYR A 956 28.72 8.18 28.62
N GLU A 957 28.20 8.30 29.84
CA GLU A 957 26.95 9.00 30.11
C GLU A 957 27.06 9.78 31.42
N LYS A 958 26.75 11.08 31.35
CA LYS A 958 26.77 11.96 32.52
C LYS A 958 28.10 11.84 33.29
N GLY A 959 29.21 11.83 32.55
CA GLY A 959 30.50 11.73 33.20
C GLY A 959 30.85 10.37 33.74
N GLN A 960 30.06 9.34 33.48
CA GLN A 960 30.36 7.99 33.97
C GLN A 960 30.79 7.11 32.82
N LEU A 961 31.94 6.46 32.98
CA LEU A 961 32.52 5.60 31.96
C LEU A 961 32.26 4.15 32.31
N HIS A 962 31.73 3.39 31.35
CA HIS A 962 31.62 1.95 31.45
C HIS A 962 32.38 1.31 30.32
N TYR A 963 32.99 0.16 30.62
CA TYR A 963 33.65 -0.64 29.58
C TYR A 963 32.76 -1.82 29.18
N THR A 964 32.86 -2.21 27.92
CA THR A 964 32.11 -3.34 27.39
C THR A 964 32.96 -4.59 27.39
N ILE A 965 32.30 -5.74 27.49
CA ILE A 965 32.84 -7.02 27.06
C ILE A 965 31.91 -7.54 25.98
N THR A 966 32.47 -7.86 24.82
CA THR A 966 31.69 -8.30 23.67
C THR A 966 32.02 -9.75 23.33
N ASP A 967 31.11 -10.37 22.58
CA ASP A 967 31.18 -11.79 22.26
C ASP A 967 31.77 -11.98 20.87
N THR A 968 31.66 -13.21 20.35
CA THR A 968 32.30 -13.54 19.09
C THR A 968 31.68 -12.84 17.89
N VAL A 969 30.49 -12.25 18.02
CA VAL A 969 29.93 -11.46 16.93
C VAL A 969 29.97 -9.97 17.24
N GLY A 970 30.76 -9.56 18.24
CA GLY A 970 30.89 -8.15 18.56
C GLY A 970 29.73 -7.56 19.33
N ARG A 971 28.86 -8.39 19.90
CA ARG A 971 27.71 -7.91 20.65
C ARG A 971 28.05 -7.78 22.12
N ILE A 972 27.59 -6.69 22.73
CA ILE A 972 27.85 -6.47 24.14
C ILE A 972 27.16 -7.54 24.98
N GLN A 973 27.94 -8.22 25.83
CA GLN A 973 27.39 -9.11 26.83
C GLN A 973 27.44 -8.55 28.24
N GLU A 974 28.42 -7.72 28.57
CA GLU A 974 28.52 -7.10 29.89
C GLU A 974 28.95 -5.66 29.77
N LEU A 975 28.43 -4.82 30.65
CA LEU A 975 28.95 -3.48 30.89
C LEU A 975 29.58 -3.47 32.27
N LEU A 976 30.77 -2.91 32.38
CA LEU A 976 31.50 -2.86 33.65
C LEU A 976 31.90 -1.43 33.95
N THR A 977 31.92 -1.09 35.25
CA THR A 977 32.48 0.18 35.68
C THR A 977 33.99 0.18 35.52
N GLU A 978 34.59 1.34 35.76
CA GLU A 978 36.03 1.49 35.55
C GLU A 978 36.83 0.56 36.45
N ASP A 979 36.30 0.21 37.63
CA ASP A 979 37.02 -0.69 38.52
C ASP A 979 36.69 -2.15 38.27
N GLY A 980 35.86 -2.46 37.29
CA GLY A 980 35.56 -3.83 36.93
C GLY A 980 34.28 -4.39 37.49
N THR A 981 33.46 -3.58 38.16
CA THR A 981 32.20 -4.09 38.68
C THR A 981 31.23 -4.31 37.53
N ILE A 982 30.68 -5.52 37.44
CA ILE A 982 29.72 -5.85 36.39
C ILE A 982 28.36 -5.28 36.80
N VAL A 983 27.82 -4.40 35.97
CA VAL A 983 26.56 -3.72 36.26
C VAL A 983 25.50 -3.94 35.19
N TRP A 984 25.83 -4.61 34.09
CA TRP A 984 24.84 -5.01 33.10
C TRP A 984 25.26 -6.35 32.52
N ARG A 985 24.32 -7.30 32.48
CA ARG A 985 24.55 -8.60 31.86
C ARG A 985 23.45 -8.84 30.84
N GLY A 986 23.85 -9.18 29.62
CA GLY A 986 22.87 -9.53 28.61
C GLY A 986 22.43 -10.98 28.72
N LYS A 987 21.23 -11.24 28.21
CA LYS A 987 20.71 -12.60 28.08
C LYS A 987 19.83 -12.65 26.84
N GLN A 988 20.16 -13.53 25.90
CA GLN A 988 19.50 -13.52 24.60
C GLN A 988 18.94 -14.88 24.24
N HIS A 989 17.94 -14.86 23.37
CA HIS A 989 17.56 -16.01 22.58
C HIS A 989 18.42 -16.02 21.32
N LEU A 990 18.43 -17.16 20.61
CA LEU A 990 19.40 -17.36 19.54
C LEU A 990 19.37 -16.21 18.54
N TRP A 991 18.18 -15.87 18.04
CA TRP A 991 18.09 -14.88 16.98
C TRP A 991 18.08 -13.44 17.49
N GLY A 992 18.36 -13.23 18.77
CA GLY A 992 18.76 -11.92 19.27
C GLY A 992 17.87 -11.27 20.29
N ARG A 993 16.71 -11.86 20.63
CA ARG A 993 15.83 -11.24 21.62
C ARG A 993 16.56 -11.12 22.95
N GLU A 994 16.73 -9.89 23.41
CA GLU A 994 17.44 -9.60 24.66
C GLU A 994 16.43 -9.52 25.80
N GLU A 995 16.61 -10.34 26.84
CA GLU A 995 15.70 -10.34 27.98
C GLU A 995 16.43 -10.34 29.32
N GLY A 996 17.73 -10.07 29.34
CA GLY A 996 18.46 -10.03 30.60
C GLY A 996 17.89 -9.06 31.60
N ARG A 997 17.65 -9.52 32.82
CA ARG A 997 17.11 -8.66 33.88
C ARG A 997 18.25 -8.02 34.65
N ASN A 998 18.23 -6.69 34.74
CA ASN A 998 19.26 -5.92 35.41
C ASN A 998 18.62 -4.92 36.37
N LYS A 999 19.43 -4.45 37.32
CA LYS A 999 18.95 -3.54 38.34
C LYS A 999 18.40 -2.25 37.74
N ASP A 1000 17.57 -1.57 38.53
CA ASP A 1000 16.92 -0.34 38.06
C ASP A 1000 17.95 0.72 37.67
N ASP A 1001 19.01 0.87 38.45
CA ASP A 1001 20.03 1.88 38.19
C ASP A 1001 21.15 1.38 37.27
N ALA A 1002 21.00 0.21 36.67
CA ALA A 1002 22.00 -0.27 35.73
C ALA A 1002 22.00 0.62 34.48
N PRO A 1003 23.16 0.83 33.86
CA PRO A 1003 23.18 1.59 32.61
C PRO A 1003 22.36 0.88 31.54
N SER A 1004 21.72 1.67 30.70
CA SER A 1004 20.94 1.11 29.61
C SER A 1004 21.87 0.59 28.51
N CYS A 1005 21.41 -0.43 27.80
CA CYS A 1005 22.18 -0.98 26.69
C CYS A 1005 21.19 -1.50 25.64
N ARG A 1006 20.91 -0.69 24.63
CA ARG A 1006 19.98 -1.05 23.58
C ARG A 1006 20.68 -1.59 22.35
N LEU A 1007 22.02 -1.65 22.36
CA LEU A 1007 22.75 -2.21 21.24
C LEU A 1007 22.58 -3.73 21.26
N ARG A 1008 22.48 -4.31 20.06
CA ARG A 1008 22.25 -5.75 19.93
C ARG A 1008 23.37 -6.31 19.07
N PHE A 1009 23.04 -6.98 17.96
CA PHE A 1009 24.07 -7.36 17.00
C PHE A 1009 24.69 -6.10 16.41
N PRO A 1010 25.88 -6.21 15.80
CA PRO A 1010 26.55 -5.03 15.23
C PRO A 1010 25.62 -4.17 14.38
N GLY A 1011 25.62 -2.88 14.66
CA GLY A 1011 24.80 -1.93 13.93
C GLY A 1011 23.33 -1.96 14.29
N GLN A 1012 22.94 -2.65 15.35
CA GLN A 1012 21.54 -2.76 15.72
C GLN A 1012 21.25 -2.02 17.02
N TYR A 1013 20.05 -1.45 17.08
CA TYR A 1013 19.58 -0.66 18.21
C TYR A 1013 18.13 -1.03 18.46
N GLU A 1014 17.84 -1.53 19.67
CA GLU A 1014 16.48 -1.97 19.98
C GLU A 1014 15.59 -0.76 20.26
N ASP A 1015 14.49 -0.66 19.53
CA ASP A 1015 13.45 0.33 19.80
C ASP A 1015 12.48 -0.26 20.81
N GLU A 1016 12.46 0.31 22.01
CA GLU A 1016 11.66 -0.24 23.09
C GLU A 1016 10.16 -0.10 22.83
N GLU A 1017 9.75 0.82 21.97
CA GLU A 1017 8.34 0.97 21.66
C GLU A 1017 7.81 -0.12 20.73
N SER A 1018 8.69 -0.88 20.09
CA SER A 1018 8.26 -1.91 19.14
C SER A 1018 8.93 -3.26 19.34
N GLY A 1019 10.11 -3.33 19.94
CA GLY A 1019 10.87 -4.56 19.95
C GLY A 1019 11.68 -4.79 18.70
N LEU A 1020 11.51 -3.95 17.67
CA LEU A 1020 12.34 -4.04 16.48
C LEU A 1020 13.76 -3.61 16.78
N TYR A 1021 14.70 -4.19 16.04
CA TYR A 1021 16.11 -3.80 16.10
C TYR A 1021 16.39 -2.95 14.88
N TYR A 1022 16.52 -1.64 15.09
CA TYR A 1022 16.91 -0.76 14.01
C TYR A 1022 18.32 -1.10 13.57
N ASN A 1023 18.52 -1.27 12.27
CA ASN A 1023 19.72 -1.89 11.72
C ASN A 1023 20.17 -1.10 10.50
N ARG A 1024 20.24 0.23 10.68
CA ARG A 1024 20.73 1.18 9.68
C ARG A 1024 19.80 1.31 8.48
N PHE A 1025 19.93 0.46 7.47
CA PHE A 1025 19.12 0.60 6.27
C PHE A 1025 17.80 -0.16 6.36
N ARG A 1026 17.65 -1.06 7.33
CA ARG A 1026 16.42 -1.83 7.50
C ARG A 1026 16.21 -2.09 8.98
N TYR A 1027 14.99 -2.51 9.30
CA TYR A 1027 14.61 -2.89 10.65
C TYR A 1027 14.53 -4.42 10.72
N TYR A 1028 15.01 -4.98 11.82
CA TYR A 1028 15.16 -6.41 11.98
C TYR A 1028 14.21 -6.92 13.05
N ASP A 1029 13.51 -8.00 12.72
CA ASP A 1029 12.58 -8.68 13.63
C ASP A 1029 13.29 -9.92 14.14
N CYS A 1030 13.72 -9.89 15.40
CA CYS A 1030 14.50 -10.98 15.96
C CYS A 1030 13.65 -12.19 16.32
N GLU A 1031 12.34 -12.15 16.08
CA GLU A 1031 11.46 -13.29 16.24
C GLU A 1031 11.38 -14.09 14.94
N ALA A 1032 10.99 -13.43 13.85
CA ALA A 1032 10.97 -14.06 12.55
C ALA A 1032 12.36 -14.20 11.93
N GLY A 1033 13.35 -13.51 12.48
CA GLY A 1033 14.69 -13.56 11.93
C GLY A 1033 14.82 -12.87 10.60
N GLN A 1034 13.99 -11.86 10.33
CA GLN A 1034 13.92 -11.25 9.01
C GLN A 1034 13.80 -9.75 9.12
N TYR A 1035 14.27 -9.06 8.08
CA TYR A 1035 14.02 -7.64 7.94
C TYR A 1035 12.59 -7.39 7.45
N LEU A 1036 12.13 -6.16 7.68
CA LEU A 1036 10.75 -5.79 7.39
C LEU A 1036 10.53 -5.37 5.94
N CYS A 1037 11.59 -5.26 5.14
CA CYS A 1037 11.39 -5.00 3.71
C CYS A 1037 12.53 -5.65 2.92
N ALA A 1038 12.40 -5.63 1.61
CA ALA A 1038 13.39 -6.27 0.75
C ALA A 1038 14.71 -5.52 0.81
N ASP A 1039 15.80 -6.28 0.66
CA ASP A 1039 17.13 -5.72 0.65
C ASP A 1039 17.24 -4.62 -0.41
N PRO A 1040 17.54 -3.38 -0.03
CA PRO A 1040 17.57 -2.30 -1.02
C PRO A 1040 18.68 -2.45 -2.07
N ILE A 1041 19.70 -3.28 -1.85
CA ILE A 1041 20.69 -3.54 -2.88
C ILE A 1041 20.40 -4.85 -3.62
N GLY A 1042 19.23 -5.45 -3.40
CA GLY A 1042 18.80 -6.58 -4.21
C GLY A 1042 19.73 -7.78 -4.09
N LEU A 1043 20.09 -8.34 -5.24
CA LEU A 1043 20.94 -9.53 -5.29
C LEU A 1043 22.34 -9.26 -4.79
N ARG A 1044 22.79 -8.01 -4.83
CA ARG A 1044 24.11 -7.68 -4.30
C ARG A 1044 24.24 -8.09 -2.84
N GLY A 1045 23.13 -8.24 -2.12
CA GLY A 1045 23.12 -8.75 -0.77
C GLY A 1045 22.90 -10.23 -0.62
N GLY A 1046 22.83 -10.98 -1.71
CA GLY A 1046 22.51 -12.39 -1.70
C GLY A 1046 21.11 -12.64 -2.25
N ILE A 1047 20.76 -13.93 -2.32
CA ILE A 1047 19.50 -14.35 -2.93
C ILE A 1047 18.33 -14.34 -1.96
N ASN A 1048 18.58 -14.14 -0.66
CA ASN A 1048 17.53 -14.13 0.36
C ASN A 1048 17.30 -12.67 0.75
N LEU A 1049 16.34 -12.05 0.09
CA LEU A 1049 16.15 -10.60 0.16
C LEU A 1049 15.58 -10.13 1.49
N TYR A 1050 15.10 -11.04 2.35
CA TYR A 1050 14.57 -10.67 3.65
C TYR A 1050 15.32 -11.27 4.83
N ALA A 1051 16.15 -12.28 4.62
CA ALA A 1051 16.84 -12.95 5.70
C ALA A 1051 17.88 -12.03 6.33
N TYR A 1052 18.16 -12.27 7.62
CA TYR A 1052 19.24 -11.57 8.31
C TYR A 1052 20.56 -12.32 8.16
N ALA A 1053 20.58 -13.60 8.52
CA ALA A 1053 21.78 -14.42 8.48
C ALA A 1053 21.33 -15.87 8.55
N PRO A 1054 22.10 -16.80 8.00
CA PRO A 1054 21.75 -18.22 8.19
C PRO A 1054 21.97 -18.67 9.62
N ASN A 1055 22.89 -18.02 10.32
CA ASN A 1055 23.28 -18.37 11.68
C ASN A 1055 23.71 -17.09 12.38
N PRO A 1056 22.92 -16.57 13.33
CA PRO A 1056 23.24 -15.25 13.91
C PRO A 1056 24.47 -15.27 14.80
N LEU A 1057 25.02 -16.44 15.11
CA LEU A 1057 26.24 -16.55 15.88
C LEU A 1057 27.46 -16.70 14.99
N SER A 1058 27.29 -16.57 13.67
CA SER A 1058 28.40 -16.75 12.73
C SER A 1058 28.46 -15.60 11.72
N TRP A 1059 27.32 -15.00 11.42
CA TRP A 1059 27.24 -13.91 10.45
C TRP A 1059 26.67 -12.67 11.12
N ILE A 1060 27.08 -11.52 10.61
CA ILE A 1060 26.57 -10.22 11.05
C ILE A 1060 26.18 -9.44 9.80
N ASP A 1061 25.42 -8.37 10.01
CA ASP A 1061 24.95 -7.53 8.91
C ASP A 1061 24.74 -6.12 9.44
N PRO A 1062 25.84 -5.41 9.72
CA PRO A 1062 25.73 -4.13 10.47
C PRO A 1062 25.04 -3.01 9.71
N LEU A 1063 25.02 -3.04 8.38
CA LEU A 1063 24.35 -1.99 7.62
C LEU A 1063 22.90 -2.33 7.30
N GLY A 1064 22.45 -3.53 7.65
CA GLY A 1064 21.12 -3.96 7.25
C GLY A 1064 20.97 -4.23 5.77
N LEU A 1065 22.07 -4.51 5.08
CA LEU A 1065 22.04 -4.75 3.64
C LEU A 1065 22.19 -6.23 3.34
N GLU B 5 -43.70 3.64 25.85
CA GLU B 5 -43.96 3.33 27.26
C GLU B 5 -44.83 4.39 27.91
N PRO B 6 -46.15 4.21 27.86
CA PRO B 6 -47.04 5.10 28.61
C PRO B 6 -47.24 4.64 30.05
N VAL B 7 -47.04 3.34 30.28
CA VAL B 7 -47.28 2.73 31.59
C VAL B 7 -46.02 1.99 32.02
N ASP B 8 -45.54 2.29 33.23
CA ASP B 8 -44.42 1.56 33.82
C ASP B 8 -44.89 0.17 34.23
N ILE B 9 -44.41 -0.84 33.51
CA ILE B 9 -44.91 -2.20 33.69
C ILE B 9 -44.61 -2.74 35.09
N GLY B 10 -43.53 -2.29 35.71
CA GLY B 10 -43.19 -2.79 37.03
C GLY B 10 -44.03 -2.20 38.15
N THR B 11 -44.55 -0.99 37.96
CA THR B 11 -45.26 -0.28 39.03
C THR B 11 -46.70 0.10 38.69
N GLY B 12 -47.04 0.22 37.41
CA GLY B 12 -48.34 0.76 37.04
C GLY B 12 -48.37 2.26 36.89
N ASP B 13 -47.24 2.94 37.08
CA ASP B 13 -47.21 4.39 36.94
C ASP B 13 -47.51 4.80 35.50
N PHE B 14 -48.32 5.84 35.37
CA PHE B 14 -48.48 6.52 34.09
C PHE B 14 -47.29 7.45 33.87
N LEU B 15 -46.70 7.40 32.68
CA LEU B 15 -45.49 8.13 32.36
C LEU B 15 -45.69 9.01 31.13
N GLN B 16 -45.15 10.22 31.20
CA GLN B 16 -45.07 11.11 30.05
C GLN B 16 -43.74 11.86 30.10
N HIS B 17 -43.26 12.24 28.92
CA HIS B 17 -42.00 12.96 28.79
C HIS B 17 -42.10 13.82 27.54
N PHE B 18 -41.96 15.14 27.71
CA PHE B 18 -42.11 16.06 26.59
C PHE B 18 -40.92 17.02 26.51
N SER B 19 -40.50 17.31 25.28
CA SER B 19 -39.55 18.39 25.06
C SER B 19 -40.21 19.73 25.38
N VAL B 20 -39.43 20.65 25.96
CA VAL B 20 -39.93 21.97 26.32
C VAL B 20 -39.25 23.06 25.48
N LEU B 21 -37.92 23.09 25.48
CA LEU B 21 -37.20 24.04 24.64
C LEU B 21 -35.81 23.50 24.32
N SER B 22 -35.28 23.92 23.18
CA SER B 22 -33.95 23.51 22.74
C SER B 22 -33.28 24.70 22.10
N LEU B 23 -32.32 25.29 22.79
CA LEU B 23 -31.71 26.47 22.23
C LEU B 23 -30.32 26.15 21.68
N PRO B 24 -29.98 26.68 20.50
CA PRO B 24 -28.65 26.46 19.96
C PRO B 24 -27.60 27.20 20.78
N GLY B 25 -26.35 26.79 20.57
CA GLY B 25 -25.24 27.42 21.23
C GLY B 25 -24.07 26.48 21.29
N SER B 26 -22.91 27.04 21.65
CA SER B 26 -21.72 26.23 21.86
C SER B 26 -22.02 25.10 22.83
N LEU B 27 -22.72 25.41 23.92
CA LEU B 27 -23.31 24.44 24.82
C LEU B 27 -24.82 24.51 24.64
N PRO B 28 -25.43 23.54 23.95
CA PRO B 28 -26.89 23.60 23.74
C PRO B 28 -27.64 23.57 25.06
N LEU B 29 -28.70 24.35 25.13
CA LEU B 29 -29.55 24.44 26.32
C LEU B 29 -30.86 23.76 25.97
N THR B 30 -31.08 22.56 26.53
CA THR B 30 -32.27 21.78 26.25
C THR B 30 -33.02 21.50 27.55
N LEU B 31 -34.35 21.53 27.49
CA LEU B 31 -35.19 21.34 28.65
C LEU B 31 -36.33 20.40 28.28
N SER B 32 -36.63 19.45 29.17
CA SER B 32 -37.77 18.56 29.02
C SER B 32 -38.48 18.45 30.36
N ARG B 33 -39.68 17.88 30.33
CA ARG B 33 -40.48 17.66 31.53
C ARG B 33 -40.94 16.21 31.57
N PHE B 34 -40.73 15.58 32.72
CA PHE B 34 -40.97 14.16 32.92
C PHE B 34 -42.01 13.97 34.01
N TYR B 35 -43.04 13.17 33.71
CA TYR B 35 -44.13 12.92 34.64
C TYR B 35 -44.19 11.44 35.01
N ARG B 36 -44.35 11.17 36.29
CA ARG B 36 -44.61 9.83 36.82
C ARG B 36 -45.75 9.95 37.81
N SER B 37 -46.78 9.13 37.63
CA SER B 37 -48.03 9.37 38.35
C SER B 37 -47.87 9.21 39.86
N GLN B 38 -46.96 8.34 40.30
CA GLN B 38 -46.68 8.17 41.73
C GLN B 38 -45.43 8.93 42.18
N ALA B 39 -44.95 9.89 41.39
CA ALA B 39 -43.71 10.57 41.73
C ALA B 39 -43.90 11.46 42.96
N LYS B 40 -42.84 11.57 43.76
CA LYS B 40 -42.85 12.41 44.95
C LYS B 40 -42.10 13.72 44.73
N GLY B 41 -41.53 13.93 43.54
CA GLY B 41 -40.67 15.07 43.31
C GLY B 41 -41.43 16.27 42.78
N THR B 42 -40.66 17.32 42.52
CA THR B 42 -41.20 18.58 42.04
C THR B 42 -40.12 19.22 41.18
N GLY B 43 -40.54 20.04 40.21
CA GLY B 43 -39.59 20.76 39.41
C GLY B 43 -40.09 22.15 39.12
N ILE B 44 -39.47 22.84 38.17
CA ILE B 44 -39.90 24.20 37.87
C ILE B 44 -41.34 24.24 37.40
N PHE B 45 -41.85 23.11 36.89
CA PHE B 45 -43.24 23.00 36.44
C PHE B 45 -44.18 22.47 37.53
N GLY B 46 -43.75 22.46 38.78
CA GLY B 46 -44.62 22.07 39.87
C GLY B 46 -44.53 20.60 40.23
N PRO B 47 -45.42 20.15 41.11
CA PRO B 47 -45.35 18.76 41.59
C PRO B 47 -45.66 17.77 40.46
N LYS B 48 -45.04 16.60 40.57
CA LYS B 48 -45.16 15.43 39.69
C LYS B 48 -44.33 15.56 38.42
N TRP B 49 -43.84 16.75 38.07
CA TRP B 49 -43.02 16.95 36.88
C TRP B 49 -41.59 17.27 37.28
N THR B 50 -40.63 16.57 36.67
CA THR B 50 -39.22 16.82 36.92
C THR B 50 -38.56 17.31 35.64
N ASP B 51 -37.42 17.97 35.79
CA ASP B 51 -36.79 18.63 34.66
C ASP B 51 -35.29 18.75 34.88
N GLU B 52 -34.58 19.17 33.84
CA GLU B 52 -33.12 19.28 33.89
C GLU B 52 -32.67 20.45 34.75
N TRP B 53 -33.50 21.47 34.92
CA TRP B 53 -33.09 22.68 35.62
C TRP B 53 -33.39 22.63 37.10
N SER B 54 -33.88 21.51 37.62
CA SER B 54 -34.21 21.41 39.04
C SER B 54 -33.60 20.16 39.67
N CYS B 55 -32.64 19.55 38.99
CA CYS B 55 -31.82 18.52 39.63
C CYS B 55 -31.17 19.09 40.89
N MET B 56 -30.93 18.23 41.87
CA MET B 56 -30.38 18.71 43.13
C MET B 56 -29.68 17.58 43.86
N LEU B 57 -28.81 17.96 44.79
CA LEU B 57 -28.12 17.05 45.69
C LEU B 57 -28.59 17.33 47.10
N THR B 58 -28.81 16.27 47.87
CA THR B 58 -29.32 16.39 49.24
C THR B 58 -28.53 15.51 50.18
N VAL B 59 -28.10 16.06 51.31
CA VAL B 59 -27.48 15.28 52.37
C VAL B 59 -28.55 14.51 53.12
N HIS B 60 -28.26 13.23 53.43
CA HIS B 60 -29.15 12.34 54.17
C HIS B 60 -28.28 11.46 55.08
N GLY B 61 -27.72 12.08 56.12
CA GLY B 61 -26.85 11.35 57.01
C GLY B 61 -25.45 11.22 56.44
N ASN B 62 -25.08 10.00 56.05
CA ASN B 62 -23.78 9.71 55.48
C ASN B 62 -23.81 9.53 53.98
N ASP B 63 -24.98 9.62 53.35
CA ASP B 63 -25.08 9.49 51.90
C ASP B 63 -25.62 10.78 51.28
N MET B 64 -25.33 10.93 49.99
CA MET B 64 -25.76 12.07 49.21
C MET B 64 -26.77 11.61 48.16
N HIS B 65 -27.92 12.28 48.09
CA HIS B 65 -28.97 11.91 47.14
C HIS B 65 -28.89 12.83 45.93
N PHE B 66 -28.76 12.24 44.76
CA PHE B 66 -28.78 12.98 43.50
C PHE B 66 -30.10 12.71 42.79
N THR B 67 -30.91 13.76 42.64
CA THR B 67 -32.18 13.67 41.92
C THR B 67 -31.94 14.14 40.49
N ASN B 68 -32.03 13.22 39.53
CA ASN B 68 -31.77 13.57 38.14
C ASN B 68 -33.04 14.12 37.51
N HIS B 69 -33.02 14.36 36.20
CA HIS B 69 -34.13 15.00 35.51
C HIS B 69 -35.38 14.13 35.45
N GLU B 70 -35.31 12.87 35.85
CA GLU B 70 -36.47 11.99 35.91
C GLU B 70 -36.95 11.76 37.34
N GLY B 71 -36.37 12.44 38.31
CA GLY B 71 -36.70 12.21 39.70
C GLY B 71 -36.06 10.98 40.29
N VAL B 72 -35.22 10.26 39.52
CA VAL B 72 -34.53 9.10 40.06
C VAL B 72 -33.49 9.58 41.06
N ASP B 73 -33.46 8.94 42.22
CA ASP B 73 -32.51 9.27 43.27
C ASP B 73 -31.33 8.32 43.20
N LEU B 74 -30.14 8.87 43.05
CA LEU B 74 -28.90 8.11 43.09
C LEU B 74 -28.17 8.43 44.38
N TYR B 75 -27.67 7.40 45.04
CA TYR B 75 -27.07 7.54 46.35
C TYR B 75 -25.55 7.42 46.25
N TYR B 76 -24.85 8.30 46.96
CA TYR B 76 -23.40 8.29 47.06
C TYR B 76 -23.03 8.41 48.52
N ARG B 77 -22.22 7.47 49.02
CA ARG B 77 -21.80 7.55 50.41
C ARG B 77 -20.78 8.66 50.58
N ILE B 78 -21.06 9.56 51.52
CA ILE B 78 -20.16 10.68 51.79
C ILE B 78 -18.91 10.12 52.46
N PRO B 79 -17.72 10.36 51.92
CA PRO B 79 -16.50 9.91 52.61
C PRO B 79 -16.35 10.62 53.93
N GLN B 80 -15.46 10.09 54.77
CA GLN B 80 -15.29 10.67 56.11
C GLN B 80 -14.78 12.10 56.04
N ASN B 81 -13.88 12.40 55.09
CA ASN B 81 -13.40 13.77 54.95
C ASN B 81 -14.38 14.67 54.22
N GLY B 82 -15.52 14.13 53.77
CA GLY B 82 -16.51 14.95 53.10
C GLY B 82 -16.13 15.41 51.71
N ILE B 83 -15.19 14.73 51.06
CA ILE B 83 -14.68 15.14 49.75
C ILE B 83 -14.93 14.01 48.76
N PHE B 84 -15.74 14.29 47.74
CA PHE B 84 -15.94 13.36 46.64
C PHE B 84 -14.87 13.57 45.57
N ARG B 85 -14.53 12.50 44.86
CA ARG B 85 -13.59 12.58 43.75
C ARG B 85 -13.93 11.46 42.78
N ASP B 86 -14.51 11.79 41.63
CA ASP B 86 -14.85 10.82 40.60
C ASP B 86 -15.67 9.66 41.19
N THR B 87 -16.58 9.98 42.11
CA THR B 87 -17.37 8.98 42.79
C THR B 87 -18.54 8.55 41.93
N ALA B 88 -18.72 7.24 41.78
CA ALA B 88 -19.72 6.69 40.88
C ALA B 88 -20.76 5.88 41.66
N ASN B 89 -21.98 5.89 41.15
CA ASN B 89 -23.02 4.97 41.57
C ASN B 89 -23.14 3.88 40.52
N SER B 90 -23.18 2.63 40.98
CA SER B 90 -23.14 1.49 40.06
C SER B 90 -24.36 1.43 39.15
N ARG B 91 -25.47 2.04 39.55
CA ARG B 91 -26.69 1.95 38.75
C ARG B 91 -26.58 2.80 37.48
N GLN B 92 -26.12 4.04 37.62
CA GLN B 92 -25.85 4.95 36.50
C GLN B 92 -24.39 5.37 36.60
N ALA B 93 -23.50 4.52 36.07
CA ALA B 93 -22.07 4.69 36.28
C ALA B 93 -21.49 5.92 35.58
N TYR B 94 -22.19 6.46 34.57
CA TYR B 94 -21.68 7.59 33.81
C TYR B 94 -21.74 8.91 34.58
N TYR B 95 -22.49 8.98 35.69
CA TYR B 95 -22.53 10.16 36.54
C TYR B 95 -21.39 10.08 37.56
N ARG B 96 -20.54 11.09 37.59
CA ARG B 96 -19.38 11.12 38.48
C ARG B 96 -19.47 12.35 39.38
N LEU B 97 -19.49 12.13 40.68
CA LEU B 97 -19.67 13.20 41.67
C LEU B 97 -18.33 13.55 42.29
N SER B 98 -18.00 14.84 42.28
CA SER B 98 -16.73 15.31 42.83
C SER B 98 -16.96 16.57 43.67
N GLY B 99 -16.06 16.80 44.61
CA GLY B 99 -16.05 18.04 45.35
C GLY B 99 -16.19 17.92 46.85
N ASP B 100 -15.74 18.96 47.56
CA ASP B 100 -15.89 19.06 48.99
C ASP B 100 -17.31 19.49 49.31
N ILE B 101 -17.97 18.79 50.24
CA ILE B 101 -19.33 19.16 50.60
C ILE B 101 -19.38 20.51 51.30
N ARG B 102 -18.24 21.01 51.78
CA ARG B 102 -18.16 22.34 52.36
C ARG B 102 -18.03 23.43 51.30
N ASP B 103 -17.77 23.04 50.04
CA ASP B 103 -17.46 23.97 48.97
C ASP B 103 -18.59 23.95 47.95
N GLU B 104 -18.47 23.20 46.86
CA GLU B 104 -19.53 23.02 45.88
C GLU B 104 -19.32 21.66 45.23
N LEU B 105 -20.39 21.12 44.67
CA LEU B 105 -20.38 19.76 44.15
C LEU B 105 -20.63 19.75 42.65
N THR B 106 -19.96 18.83 41.95
CA THR B 106 -20.00 18.73 40.50
C THR B 106 -20.41 17.33 40.09
N ILE B 107 -21.42 17.23 39.24
CA ILE B 107 -21.74 15.97 38.57
C ILE B 107 -21.24 16.06 37.14
N PHE B 108 -20.29 15.19 36.80
CA PHE B 108 -19.78 15.05 35.44
C PHE B 108 -20.52 13.90 34.77
N ASP B 109 -20.99 14.13 33.56
CA ASP B 109 -21.70 13.11 32.77
C ASP B 109 -20.75 12.60 31.70
N ARG B 110 -20.26 11.38 31.86
CA ARG B 110 -19.32 10.80 30.91
C ARG B 110 -19.94 10.59 29.53
N ARG B 111 -21.28 10.49 29.44
CA ARG B 111 -21.93 10.31 28.15
C ARG B 111 -21.80 11.56 27.28
N SER B 112 -21.93 12.74 27.89
CA SER B 112 -21.98 14.00 27.17
C SER B 112 -20.72 14.84 27.33
N GLN B 113 -19.85 14.50 28.28
CA GLN B 113 -18.72 15.33 28.70
C GLN B 113 -19.16 16.68 29.28
N HIS B 114 -20.40 16.79 29.77
CA HIS B 114 -20.89 18.01 30.39
C HIS B 114 -20.94 17.87 31.91
N SER B 115 -20.88 19.02 32.58
CA SER B 115 -20.82 19.08 34.04
C SER B 115 -21.95 19.94 34.59
N GLN B 116 -22.52 19.51 35.71
CA GLN B 116 -23.51 20.27 36.47
C GLN B 116 -22.88 20.68 37.79
N ILE B 117 -23.03 21.96 38.15
CA ILE B 117 -22.49 22.50 39.40
C ILE B 117 -23.65 22.71 40.37
N PHE B 118 -23.51 22.21 41.59
CA PHE B 118 -24.54 22.30 42.61
C PHE B 118 -24.00 23.09 43.80
N SER B 119 -24.75 24.12 44.20
CA SER B 119 -24.30 25.08 45.21
C SER B 119 -25.12 24.93 46.49
N LEU B 120 -24.43 25.03 47.62
CA LEU B 120 -25.10 24.91 48.91
C LEU B 120 -26.15 26.01 49.08
N THR B 121 -27.35 25.62 49.49
CA THR B 121 -28.38 26.58 49.83
C THR B 121 -28.69 26.41 51.32
N ASP B 122 -29.77 25.75 51.68
CA ASP B 122 -30.16 25.59 53.07
C ASP B 122 -30.48 24.12 53.32
N ASN B 123 -30.36 23.70 54.58
CA ASN B 123 -30.76 22.36 55.02
C ASN B 123 -30.01 21.26 54.28
N GLY B 124 -28.74 21.50 53.93
CA GLY B 124 -27.98 20.49 53.21
C GLY B 124 -28.50 20.19 51.82
N ILE B 125 -29.05 21.19 51.14
CA ILE B 125 -29.57 21.05 49.78
C ILE B 125 -28.65 21.82 48.83
N TYR B 126 -28.20 21.16 47.77
CA TYR B 126 -27.36 21.78 46.75
C TYR B 126 -28.17 21.91 45.47
N LEU B 127 -28.40 23.15 45.04
CA LEU B 127 -29.22 23.44 43.88
C LEU B 127 -28.35 23.69 42.66
N LEU B 128 -28.89 23.36 41.48
CA LEU B 128 -28.17 23.56 40.23
C LEU B 128 -27.87 25.04 40.02
N SER B 129 -26.59 25.39 39.95
CA SER B 129 -26.19 26.77 39.69
C SER B 129 -25.47 26.96 38.37
N ALA B 130 -25.02 25.88 37.71
CA ALA B 130 -24.34 26.04 36.43
C ALA B 130 -24.33 24.73 35.67
N ILE B 131 -24.30 24.84 34.35
CA ILE B 131 -23.94 23.75 33.44
C ILE B 131 -22.78 24.23 32.59
N HIS B 132 -21.81 23.36 32.35
CA HIS B 132 -20.69 23.75 31.49
C HIS B 132 -20.11 22.51 30.84
N ASP B 133 -19.31 22.74 29.79
CA ASP B 133 -18.62 21.68 29.09
C ASP B 133 -17.12 21.81 29.36
N ARG B 134 -16.32 20.99 28.67
CA ARG B 134 -14.88 21.02 28.91
C ARG B 134 -14.19 22.20 28.22
N TYR B 135 -14.89 22.96 27.39
CA TYR B 135 -14.32 24.15 26.78
C TYR B 135 -14.61 25.41 27.58
N GLY B 136 -15.31 25.31 28.71
CA GLY B 136 -15.71 26.48 29.46
C GLY B 136 -17.01 27.13 29.02
N ASN B 137 -17.64 26.63 27.96
CA ASN B 137 -18.98 27.09 27.63
C ASN B 137 -19.89 26.78 28.80
N ARG B 138 -20.69 27.77 29.20
CA ARG B 138 -21.30 27.74 30.52
C ARG B 138 -22.68 28.40 30.51
N ALA B 139 -23.61 27.78 31.24
CA ALA B 139 -24.90 28.40 31.53
C ALA B 139 -24.98 28.61 33.03
N ASP B 140 -25.14 29.87 33.44
CA ASP B 140 -25.26 30.22 34.86
C ASP B 140 -26.73 30.34 35.25
N PHE B 141 -27.08 29.73 36.37
CA PHE B 141 -28.46 29.73 36.86
C PHE B 141 -28.58 30.69 38.02
N ILE B 142 -29.48 31.65 37.90
CA ILE B 142 -29.64 32.74 38.86
C ILE B 142 -30.96 32.51 39.58
N ARG B 143 -30.89 32.44 40.91
CA ARG B 143 -32.03 32.19 41.77
C ARG B 143 -32.29 33.39 42.67
N THR B 144 -33.56 33.77 42.77
CA THR B 144 -33.96 34.84 43.66
C THR B 144 -35.11 34.35 44.51
N GLU B 145 -34.98 34.51 45.83
CA GLU B 145 -35.94 33.99 46.79
C GLU B 145 -36.18 32.49 46.59
N GLY B 146 -35.14 31.78 46.16
CA GLY B 146 -35.20 30.34 45.97
C GLY B 146 -35.74 29.89 44.63
N LEU B 147 -36.21 30.79 43.79
CA LEU B 147 -36.78 30.43 42.50
C LEU B 147 -35.79 30.73 41.38
N LEU B 148 -35.69 29.80 40.43
CA LEU B 148 -34.89 30.02 39.24
C LEU B 148 -35.54 31.09 38.38
N THR B 149 -34.92 32.28 38.35
CA THR B 149 -35.46 33.40 37.60
C THR B 149 -34.65 33.79 36.38
N GLY B 150 -33.41 33.34 36.27
CA GLY B 150 -32.59 33.72 35.13
C GLY B 150 -31.58 32.65 34.76
N ILE B 151 -31.18 32.67 33.49
CA ILE B 151 -30.08 31.86 32.98
C ILE B 151 -29.23 32.77 32.11
N HIS B 152 -27.93 32.81 32.38
CA HIS B 152 -26.96 33.54 31.57
C HIS B 152 -26.10 32.54 30.82
N HIS B 153 -26.00 32.70 29.50
CA HIS B 153 -25.21 31.79 28.66
C HIS B 153 -23.94 32.49 28.18
N SER B 154 -22.81 31.77 28.25
CA SER B 154 -21.53 32.37 27.87
C SER B 154 -21.47 32.77 26.40
N ASP B 155 -22.37 32.27 25.56
CA ASP B 155 -22.46 32.77 24.20
C ASP B 155 -22.97 34.20 24.13
N GLY B 156 -23.65 34.67 25.18
CA GLY B 156 -24.07 36.05 25.21
C GLY B 156 -25.57 36.27 25.10
N TYR B 157 -26.38 35.29 25.49
CA TYR B 157 -27.81 35.48 25.60
C TYR B 157 -28.25 35.12 27.01
N THR B 158 -29.43 35.61 27.39
CA THR B 158 -30.01 35.33 28.70
C THR B 158 -31.46 34.90 28.58
N LEU B 159 -31.88 34.05 29.51
CA LEU B 159 -33.29 33.70 29.68
C LEU B 159 -33.84 34.32 30.97
N ALA B 160 -35.14 34.58 30.97
CA ALA B 160 -35.87 35.06 32.14
C ALA B 160 -37.02 34.11 32.44
N LEU B 161 -37.12 33.68 33.69
CA LEU B 161 -38.21 32.82 34.15
C LEU B 161 -39.14 33.63 35.04
N GLY B 162 -40.42 33.67 34.69
CA GLY B 162 -41.40 34.49 35.38
C GLY B 162 -42.31 33.64 36.26
N TRP B 163 -42.45 34.05 37.52
CA TRP B 163 -43.22 33.32 38.52
C TRP B 163 -44.35 34.18 39.06
N GLN B 164 -45.48 33.53 39.37
CA GLN B 164 -46.60 34.16 40.08
C GLN B 164 -46.94 33.26 41.26
N GLN B 165 -46.78 33.79 42.47
CA GLN B 165 -47.08 33.04 43.68
C GLN B 165 -46.32 31.71 43.71
N ARG B 166 -45.06 31.77 43.29
CA ARG B 166 -44.13 30.63 43.30
C ARG B 166 -44.56 29.52 42.34
N GLN B 167 -45.26 29.89 41.26
CA GLN B 167 -45.57 28.97 40.17
C GLN B 167 -44.96 29.53 38.90
N LEU B 168 -44.27 28.68 38.13
CA LEU B 168 -43.60 29.12 36.92
C LEU B 168 -44.62 29.41 35.84
N VAL B 169 -44.67 30.67 35.38
CA VAL B 169 -45.68 31.07 34.40
C VAL B 169 -45.09 31.24 33.02
N SER B 170 -43.81 31.62 32.92
CA SER B 170 -43.25 31.92 31.62
C SER B 170 -41.75 31.66 31.58
N ILE B 171 -41.27 31.18 30.44
CA ILE B 171 -39.85 31.14 30.14
C ILE B 171 -39.62 31.95 28.87
N ASP B 172 -38.77 32.97 28.97
CA ASP B 172 -38.55 33.93 27.91
C ASP B 172 -37.07 33.95 27.56
N LEU B 173 -36.78 34.07 26.26
CA LEU B 173 -35.51 34.62 25.84
C LEU B 173 -35.55 36.12 26.11
N ALA B 174 -34.61 36.62 26.90
CA ALA B 174 -34.62 38.02 27.32
C ALA B 174 -33.68 38.90 26.49
N THR B 175 -32.44 38.49 26.30
CA THR B 175 -31.45 39.26 25.57
C THR B 175 -30.69 38.33 24.65
N PRO B 176 -30.17 38.84 23.51
CA PRO B 176 -30.29 40.22 23.03
C PRO B 176 -31.63 40.51 22.37
N GLN B 177 -32.49 39.51 22.29
CA GLN B 177 -33.83 39.65 21.72
C GLN B 177 -34.83 39.02 22.67
N ARG B 178 -35.98 39.66 22.80
CA ARG B 178 -37.06 39.15 23.64
C ARG B 178 -37.90 38.15 22.85
N GLN B 179 -38.20 37.01 23.48
CA GLN B 179 -39.04 36.00 22.81
C GLN B 179 -39.62 35.08 23.87
N ARG B 180 -40.95 35.04 23.94
CA ARG B 180 -41.62 34.07 24.80
C ARG B 180 -41.43 32.67 24.24
N LEU B 181 -41.00 31.74 25.09
CA LEU B 181 -40.75 30.37 24.68
C LEU B 181 -41.72 29.37 25.27
N VAL B 182 -42.11 29.55 26.54
CA VAL B 182 -42.92 28.58 27.27
C VAL B 182 -43.91 29.36 28.14
N THR B 183 -45.18 28.92 28.15
CA THR B 183 -46.20 29.52 29.01
C THR B 183 -46.95 28.42 29.74
N CYS B 184 -47.19 28.60 31.03
CA CYS B 184 -47.75 27.56 31.87
C CYS B 184 -48.95 28.04 32.68
N HIS B 185 -49.95 27.17 32.80
CA HIS B 185 -51.07 27.36 33.71
C HIS B 185 -51.20 26.13 34.61
N TYR B 186 -51.90 26.31 35.73
CA TYR B 186 -51.97 25.30 36.78
C TYR B 186 -53.41 25.10 37.21
N ASP B 187 -53.70 23.92 37.76
CA ASP B 187 -55.04 23.64 38.24
C ASP B 187 -55.18 24.10 39.69
N LYS B 188 -56.35 23.83 40.28
CA LYS B 188 -56.64 24.34 41.61
C LYS B 188 -55.75 23.72 42.69
N ASN B 189 -55.06 22.62 42.39
CA ASN B 189 -54.18 21.99 43.35
C ASN B 189 -52.70 22.18 43.02
N GLY B 190 -52.38 23.04 42.06
CA GLY B 190 -51.00 23.33 41.73
C GLY B 190 -50.35 22.47 40.66
N TYR B 191 -51.08 21.55 40.04
CA TYR B 191 -50.49 20.70 39.02
C TYR B 191 -50.54 21.39 37.65
N LEU B 192 -49.52 21.11 36.83
CA LEU B 192 -49.39 21.74 35.53
C LEU B 192 -50.54 21.36 34.60
N ALA B 193 -51.40 22.33 34.30
CA ALA B 193 -52.63 22.05 33.56
C ALA B 193 -52.52 22.40 32.08
N GLU B 194 -51.55 23.23 31.70
CA GLU B 194 -51.39 23.64 30.32
C GLU B 194 -49.97 24.12 30.12
N CYS B 195 -49.34 23.68 29.04
CA CYS B 195 -47.95 24.02 28.73
C CYS B 195 -47.87 24.29 27.24
N ASP B 196 -47.64 25.54 26.87
CA ASP B 196 -47.54 25.96 25.47
C ASP B 196 -46.08 26.31 25.18
N THR B 197 -45.45 25.57 24.26
CA THR B 197 -44.07 25.80 23.87
C THR B 197 -43.99 26.27 22.42
N ILE B 198 -43.01 27.13 22.15
CA ILE B 198 -42.93 27.75 20.83
C ILE B 198 -42.39 26.80 19.77
N GLN B 199 -41.56 25.82 20.12
CA GLN B 199 -40.99 24.92 19.13
C GLN B 199 -41.54 23.50 19.20
N PHE B 200 -42.20 23.11 20.29
CA PHE B 200 -42.73 21.75 20.37
C PHE B 200 -44.24 21.74 20.61
N SER B 201 -44.71 20.96 21.58
CA SER B 201 -46.13 20.71 21.74
C SER B 201 -46.83 21.81 22.55
N HIS B 202 -48.15 21.83 22.44
CA HIS B 202 -49.04 22.62 23.28
C HIS B 202 -50.08 21.67 23.84
N LEU B 203 -49.97 21.35 25.13
CA LEU B 203 -50.77 20.30 25.74
C LEU B 203 -51.52 20.82 26.97
N TRP B 204 -52.63 20.13 27.28
CA TRP B 204 -53.38 20.34 28.50
C TRP B 204 -53.37 19.05 29.32
N HIS B 205 -53.43 19.20 30.65
CA HIS B 205 -53.40 18.06 31.55
C HIS B 205 -54.43 18.25 32.66
N GLU B 206 -55.06 17.14 33.06
CA GLU B 206 -56.01 17.12 34.16
C GLU B 206 -55.62 16.02 35.14
N TYR B 207 -55.89 16.26 36.44
CA TYR B 207 -55.42 15.38 37.49
C TYR B 207 -56.48 15.19 38.56
N THR B 208 -56.32 14.12 39.33
CA THR B 208 -57.06 13.95 40.57
C THR B 208 -56.47 14.85 41.66
N SER B 209 -57.03 14.75 42.87
CA SER B 209 -56.48 15.50 44.00
C SER B 209 -55.05 15.07 44.28
N GLU B 210 -54.75 13.78 44.08
CA GLU B 210 -53.41 13.25 44.34
C GLU B 210 -52.44 13.53 43.20
N GLY B 211 -52.90 14.12 42.10
CA GLY B 211 -52.03 14.40 40.98
C GLY B 211 -51.91 13.31 39.95
N TRP B 212 -52.79 12.31 39.97
CA TRP B 212 -52.79 11.28 38.95
C TRP B 212 -53.45 11.85 37.69
N MET B 213 -52.69 11.88 36.60
CA MET B 213 -53.18 12.49 35.37
C MET B 213 -54.30 11.64 34.77
N THR B 214 -55.52 12.16 34.77
CA THR B 214 -56.66 11.43 34.23
C THR B 214 -57.02 11.83 32.80
N ARG B 215 -56.47 12.94 32.30
CA ARG B 215 -56.69 13.35 30.92
C ARG B 215 -55.51 14.20 30.46
N TRP B 216 -55.11 13.99 29.20
CA TRP B 216 -54.26 14.94 28.51
C TRP B 216 -54.78 15.11 27.09
N ARG B 217 -54.54 16.29 26.53
CA ARG B 217 -55.03 16.59 25.19
C ARG B 217 -54.10 17.59 24.51
N ASP B 218 -54.15 17.61 23.19
CA ASP B 218 -53.45 18.59 22.40
C ASP B 218 -54.43 19.68 21.96
N THR B 219 -54.07 20.44 20.92
CA THR B 219 -54.87 21.57 20.48
C THR B 219 -56.08 21.17 19.63
N ASP B 220 -56.20 19.90 19.24
CA ASP B 220 -57.21 19.57 18.24
C ASP B 220 -57.80 18.17 18.41
N LYS B 221 -57.10 17.15 17.93
CA LYS B 221 -57.72 15.84 17.72
C LYS B 221 -57.40 14.82 18.79
N THR B 222 -56.32 15.02 19.55
CA THR B 222 -55.83 14.00 20.48
C THR B 222 -56.31 14.34 21.89
N CYS B 223 -57.08 13.43 22.48
CA CYS B 223 -57.53 13.58 23.86
C CYS B 223 -57.63 12.18 24.47
N VAL B 224 -56.88 11.95 25.54
CA VAL B 224 -56.74 10.63 26.15
C VAL B 224 -57.22 10.70 27.59
N ASP B 225 -58.03 9.73 27.99
CA ASP B 225 -58.48 9.58 29.37
C ASP B 225 -57.82 8.36 29.99
N ILE B 226 -57.36 8.52 31.23
CA ILE B 226 -56.63 7.49 31.95
C ILE B 226 -57.39 7.18 33.23
N VAL B 227 -57.51 5.89 33.56
CA VAL B 227 -58.20 5.46 34.76
C VAL B 227 -57.21 4.71 35.64
N TYR B 228 -57.24 5.00 36.93
CA TYR B 228 -56.39 4.38 37.93
C TYR B 228 -57.24 3.56 38.89
N ASP B 229 -56.62 2.53 39.46
CA ASP B 229 -57.24 1.86 40.60
C ASP B 229 -56.97 2.65 41.87
N THR B 230 -57.51 2.17 42.99
CA THR B 230 -57.38 2.88 44.26
C THR B 230 -55.94 2.90 44.77
N LEU B 231 -55.04 2.11 44.18
CA LEU B 231 -53.64 2.09 44.54
C LEU B 231 -52.78 2.96 43.63
N GLY B 232 -53.38 3.69 42.70
CA GLY B 232 -52.63 4.56 41.82
C GLY B 232 -52.05 3.92 40.58
N ARG B 233 -52.39 2.66 40.29
CA ARG B 233 -51.87 1.99 39.11
C ARG B 233 -52.79 2.22 37.92
N THR B 234 -52.17 2.47 36.76
CA THR B 234 -52.93 2.67 35.53
C THR B 234 -53.61 1.37 35.13
N VAL B 235 -54.95 1.37 35.09
CA VAL B 235 -55.68 0.19 34.67
C VAL B 235 -56.25 0.32 33.26
N SER B 236 -56.42 1.53 32.74
CA SER B 236 -56.93 1.67 31.38
C SER B 236 -56.57 3.02 30.80
N THR B 237 -56.49 3.06 29.47
CA THR B 237 -56.41 4.29 28.70
C THR B 237 -57.43 4.23 27.57
N LEU B 238 -57.76 5.41 27.02
CA LEU B 238 -58.73 5.51 25.94
C LEU B 238 -58.68 6.90 25.34
N SER B 239 -58.45 6.99 24.02
CA SER B 239 -58.54 8.27 23.34
C SER B 239 -59.96 8.46 22.80
N THR B 240 -60.35 9.72 22.65
CA THR B 240 -61.71 10.02 22.22
C THR B 240 -61.97 9.62 20.78
N GLU B 241 -60.93 9.34 19.99
CA GLU B 241 -61.11 8.82 18.65
C GLU B 241 -61.05 7.30 18.60
N GLY B 242 -61.02 6.64 19.76
CA GLY B 242 -61.07 5.20 19.84
C GLY B 242 -59.73 4.51 19.96
N TYR B 243 -58.64 5.20 19.62
CA TYR B 243 -57.32 4.59 19.63
C TYR B 243 -56.87 4.26 21.06
N PHE B 244 -56.08 3.18 21.16
CA PHE B 244 -55.45 2.77 22.41
C PHE B 244 -56.46 2.57 23.53
N ASP B 245 -57.56 1.89 23.19
CA ASP B 245 -58.55 1.41 24.16
C ASP B 245 -57.94 0.20 24.87
N ASP B 246 -57.03 0.50 25.81
CA ASP B 246 -56.15 -0.49 26.41
C ASP B 246 -56.45 -0.68 27.88
N GLN B 247 -56.14 -1.88 28.37
CA GLN B 247 -56.33 -2.25 29.77
C GLN B 247 -55.02 -2.80 30.32
N PHE B 248 -54.84 -2.67 31.63
CA PHE B 248 -53.64 -3.16 32.29
C PHE B 248 -54.04 -3.93 33.54
N LEU B 249 -53.60 -5.18 33.62
CA LEU B 249 -53.82 -6.04 34.77
C LEU B 249 -52.51 -6.27 35.51
N TYR B 250 -52.59 -6.39 36.82
CA TYR B 250 -51.42 -6.50 37.66
C TYR B 250 -51.50 -7.76 38.52
N ASN B 251 -50.33 -8.32 38.82
CA ASN B 251 -50.24 -9.54 39.63
C ASN B 251 -48.93 -9.46 40.42
N ASP B 252 -49.01 -8.97 41.65
CA ASP B 252 -47.82 -8.77 42.46
C ASP B 252 -47.27 -10.06 43.05
N ASP B 253 -48.10 -11.09 43.23
CA ASP B 253 -47.58 -12.36 43.71
C ASP B 253 -46.70 -13.01 42.66
N GLU B 254 -47.16 -12.99 41.40
CA GLU B 254 -46.37 -13.50 40.29
C GLU B 254 -45.37 -12.49 39.75
N LYS B 255 -45.48 -11.21 40.13
CA LYS B 255 -44.68 -10.13 39.54
C LYS B 255 -44.85 -10.13 38.02
N CYS B 256 -46.10 -10.09 37.59
CA CYS B 256 -46.44 -10.18 36.18
C CYS B 256 -47.54 -9.18 35.84
N THR B 257 -47.28 -8.34 34.85
CA THR B 257 -48.24 -7.36 34.37
C THR B 257 -48.71 -7.76 32.97
N THR B 258 -50.01 -7.68 32.74
CA THR B 258 -50.62 -8.05 31.47
C THR B 258 -51.13 -6.80 30.76
N TYR B 259 -50.78 -6.66 29.49
CA TYR B 259 -51.23 -5.55 28.66
C TYR B 259 -52.25 -6.09 27.65
N LEU B 260 -53.50 -5.61 27.77
CA LEU B 260 -54.59 -6.00 26.87
C LEU B 260 -54.80 -4.86 25.88
N ASP B 261 -54.28 -5.01 24.67
CA ASP B 261 -54.35 -3.92 23.71
C ASP B 261 -55.73 -3.85 23.05
N ALA B 262 -55.97 -2.73 22.37
CA ALA B 262 -57.28 -2.40 21.83
C ALA B 262 -57.71 -3.29 20.69
N GLU B 263 -56.81 -4.06 20.08
CA GLU B 263 -57.17 -4.93 18.97
C GLU B 263 -57.22 -6.40 19.38
N GLY B 264 -57.31 -6.68 20.68
CA GLY B 264 -57.51 -8.03 21.16
C GLY B 264 -56.26 -8.80 21.53
N GLY B 265 -55.07 -8.19 21.43
CA GLY B 265 -53.87 -8.88 21.82
C GLY B 265 -53.63 -8.83 23.32
N GLU B 266 -52.86 -9.82 23.80
CA GLU B 266 -52.51 -9.95 25.20
C GLU B 266 -51.01 -10.13 25.31
N THR B 267 -50.35 -9.26 26.06
CA THR B 267 -48.91 -9.31 26.28
C THR B 267 -48.63 -9.39 27.77
N ARG B 268 -47.76 -10.32 28.17
CA ARG B 268 -47.43 -10.53 29.57
C ARG B 268 -45.97 -10.20 29.82
N TYR B 269 -45.70 -9.46 30.89
CA TYR B 269 -44.36 -9.05 31.28
C TYR B 269 -44.07 -9.50 32.70
N TRP B 270 -43.10 -10.38 32.87
CA TRP B 270 -42.57 -10.71 34.18
C TRP B 270 -41.40 -9.78 34.50
N TYR B 271 -41.39 -9.22 35.71
CA TYR B 271 -40.37 -8.26 36.11
C TYR B 271 -39.75 -8.68 37.43
N ASN B 272 -38.56 -8.14 37.69
CA ASN B 272 -37.80 -8.48 38.89
C ASN B 272 -37.97 -7.38 39.94
N GLY B 273 -37.15 -7.44 40.99
CA GLY B 273 -37.30 -6.51 42.10
C GLY B 273 -37.11 -5.06 41.70
N ASP B 274 -36.32 -4.80 40.66
CA ASP B 274 -36.07 -3.46 40.17
C ASP B 274 -37.08 -3.01 39.14
N GLY B 275 -38.14 -3.79 38.91
CA GLY B 275 -39.12 -3.43 37.90
C GLY B 275 -38.64 -3.59 36.48
N LEU B 276 -37.63 -4.42 36.26
CA LEU B 276 -37.09 -4.66 34.92
C LEU B 276 -37.60 -6.00 34.39
N VAL B 277 -37.96 -6.01 33.11
CA VAL B 277 -38.57 -7.19 32.50
C VAL B 277 -37.53 -8.28 32.33
N THR B 278 -37.81 -9.46 32.89
CA THR B 278 -36.98 -10.64 32.65
C THR B 278 -37.61 -11.62 31.67
N ARG B 279 -38.90 -11.51 31.42
CA ARG B 279 -39.59 -12.46 30.54
C ARG B 279 -40.86 -11.82 30.02
N SER B 280 -41.02 -11.81 28.70
CA SER B 280 -42.21 -11.30 28.06
C SER B 280 -42.76 -12.33 27.09
N ILE B 281 -44.09 -12.36 26.96
CA ILE B 281 -44.78 -13.22 26.00
C ILE B 281 -45.73 -12.35 25.21
N ASP B 282 -45.52 -12.28 23.90
CA ASP B 282 -46.24 -11.38 23.02
C ASP B 282 -47.61 -11.98 22.68
N PRO B 283 -48.46 -11.26 21.94
CA PRO B 283 -49.81 -11.78 21.66
C PRO B 283 -49.86 -13.08 20.87
N LEU B 284 -48.74 -13.57 20.33
CA LEU B 284 -48.72 -14.84 19.61
C LEU B 284 -48.02 -15.94 20.38
N GLY B 285 -47.68 -15.70 21.65
CA GLY B 285 -46.96 -16.68 22.43
C GLY B 285 -45.46 -16.67 22.24
N ARG B 286 -44.92 -15.73 21.49
CA ARG B 286 -43.49 -15.67 21.25
C ARG B 286 -42.80 -15.03 22.46
N GLU B 287 -41.78 -15.71 22.97
CA GLU B 287 -41.22 -15.42 24.28
C GLU B 287 -39.81 -14.84 24.16
N GLU B 288 -39.54 -13.80 24.95
CA GLU B 288 -38.23 -13.17 25.03
C GLU B 288 -37.83 -13.05 26.50
N THR B 289 -36.59 -13.43 26.80
CA THR B 289 -36.08 -13.41 28.17
C THR B 289 -34.84 -12.53 28.25
N SER B 290 -34.65 -11.91 29.42
CA SER B 290 -33.53 -11.01 29.66
C SER B 290 -32.92 -11.31 31.02
N VAL B 291 -31.60 -11.21 31.10
CA VAL B 291 -30.85 -11.41 32.33
C VAL B 291 -30.29 -10.05 32.76
N TRP B 292 -30.58 -9.66 34.00
CA TRP B 292 -30.18 -8.37 34.52
C TRP B 292 -29.21 -8.55 35.68
N GLU B 293 -28.32 -7.57 35.83
CA GLU B 293 -27.39 -7.48 36.96
C GLU B 293 -27.44 -6.04 37.46
N ASN B 294 -28.24 -5.78 38.48
CA ASN B 294 -28.36 -4.47 39.11
C ASN B 294 -28.53 -3.35 38.08
N THR B 295 -29.61 -3.46 37.32
CA THR B 295 -30.02 -2.52 36.26
C THR B 295 -29.20 -2.60 34.99
N ARG B 296 -28.12 -3.39 34.97
CA ARG B 296 -27.34 -3.55 33.75
C ARG B 296 -27.80 -4.79 33.00
N LEU B 297 -28.15 -4.61 31.72
CA LEU B 297 -28.54 -5.75 30.90
C LEU B 297 -27.31 -6.58 30.57
N ARG B 298 -27.33 -7.86 30.95
CA ARG B 298 -26.23 -8.76 30.67
C ARG B 298 -26.48 -9.66 29.46
N SER B 299 -27.72 -10.09 29.22
CA SER B 299 -28.01 -10.85 28.03
C SER B 299 -29.51 -10.80 27.75
N ARG B 300 -29.84 -11.07 26.48
CA ARG B 300 -31.22 -11.14 26.02
C ARG B 300 -31.33 -12.25 24.98
N THR B 301 -32.44 -12.97 25.00
CA THR B 301 -32.65 -14.11 24.11
C THR B 301 -34.01 -13.95 23.44
N ASP B 302 -34.02 -13.95 22.11
CA ASP B 302 -35.26 -13.67 21.38
C ASP B 302 -36.06 -14.97 21.23
N ALA B 303 -37.14 -14.91 20.44
CA ALA B 303 -38.04 -16.05 20.36
C ALA B 303 -37.46 -17.23 19.61
N LEU B 304 -36.39 -17.03 18.85
CA LEU B 304 -35.71 -18.12 18.17
C LEU B 304 -34.58 -18.72 18.99
N GLY B 305 -34.30 -18.19 20.18
CA GLY B 305 -33.19 -18.66 20.96
C GLY B 305 -31.87 -17.99 20.67
N ARG B 306 -31.87 -16.90 19.89
CA ARG B 306 -30.66 -16.15 19.61
C ARG B 306 -30.34 -15.25 20.79
N THR B 307 -29.13 -15.41 21.34
CA THR B 307 -28.71 -14.70 22.54
C THR B 307 -27.73 -13.60 22.17
N THR B 308 -27.95 -12.41 22.72
CA THR B 308 -27.00 -11.30 22.65
C THR B 308 -26.49 -11.03 24.05
N ALA B 309 -25.18 -11.01 24.21
CA ALA B 309 -24.55 -10.86 25.52
C ALA B 309 -23.84 -9.52 25.63
N TYR B 310 -23.76 -9.02 26.85
CA TYR B 310 -23.16 -7.71 27.13
C TYR B 310 -22.17 -7.83 28.29
N ASP B 311 -20.94 -7.39 28.05
CA ASP B 311 -19.92 -7.30 29.08
C ASP B 311 -19.62 -5.83 29.35
N TYR B 312 -19.24 -5.52 30.59
CA TYR B 312 -19.00 -4.15 31.01
C TYR B 312 -17.61 -4.06 31.65
N ASN B 313 -16.93 -2.95 31.42
CA ASN B 313 -15.64 -2.71 32.06
C ASN B 313 -15.85 -2.16 33.47
N ASN B 314 -14.75 -1.94 34.19
CA ASN B 314 -14.81 -1.46 35.56
C ASN B 314 -15.43 -0.07 35.67
N GLU B 315 -15.50 0.68 34.58
CA GLU B 315 -16.08 2.02 34.60
C GLU B 315 -17.58 2.01 34.28
N GLY B 316 -18.15 0.85 33.98
CA GLY B 316 -19.57 0.75 33.71
C GLY B 316 -19.96 0.85 32.26
N GLU B 317 -19.01 1.00 31.35
CA GLU B 317 -19.33 1.05 29.92
C GLU B 317 -19.38 -0.36 29.34
N ILE B 318 -20.16 -0.50 28.26
CA ILE B 318 -20.14 -1.76 27.51
C ILE B 318 -18.75 -1.92 26.88
N SER B 319 -18.10 -3.04 27.19
CA SER B 319 -16.78 -3.33 26.63
C SER B 319 -16.81 -4.41 25.54
N ARG B 320 -17.84 -5.26 25.53
CA ARG B 320 -17.90 -6.36 24.57
C ARG B 320 -19.35 -6.76 24.38
N VAL B 321 -19.78 -6.86 23.12
CA VAL B 321 -21.10 -7.35 22.76
C VAL B 321 -20.91 -8.65 21.99
N SER B 322 -21.50 -9.73 22.49
CA SER B 322 -21.47 -11.03 21.82
C SER B 322 -22.76 -11.19 21.04
N LEU B 323 -22.66 -11.13 19.72
CA LEU B 323 -23.81 -11.23 18.83
C LEU B 323 -24.07 -12.68 18.44
N PRO B 324 -25.33 -13.00 18.12
CA PRO B 324 -25.63 -14.34 17.59
C PRO B 324 -24.82 -14.61 16.32
N GLY B 325 -24.26 -15.81 16.25
CA GLY B 325 -23.39 -16.18 15.15
C GLY B 325 -21.91 -16.13 15.46
N GLY B 326 -21.52 -15.86 16.70
CA GLY B 326 -20.13 -15.83 17.10
C GLY B 326 -19.43 -14.50 16.88
N TYR B 327 -20.14 -13.48 16.43
CA TYR B 327 -19.53 -12.17 16.23
C TYR B 327 -19.42 -11.41 17.55
N SER B 328 -18.28 -10.77 17.76
CA SER B 328 -18.05 -9.92 18.92
C SER B 328 -17.72 -8.51 18.48
N LEU B 329 -18.18 -7.54 19.27
CA LEU B 329 -17.80 -6.14 19.13
C LEU B 329 -17.10 -5.69 20.42
N TYR B 330 -15.92 -5.09 20.28
CA TYR B 330 -15.11 -4.68 21.42
C TYR B 330 -15.02 -3.16 21.47
N TYR B 331 -15.12 -2.61 22.68
CA TYR B 331 -15.14 -1.16 22.90
C TYR B 331 -14.09 -0.76 23.93
N ASP B 332 -13.35 0.31 23.63
CA ASP B 332 -12.38 0.88 24.53
C ASP B 332 -12.60 2.39 24.66
N TYR B 333 -12.30 2.92 25.85
CA TYR B 333 -12.62 4.30 26.17
C TYR B 333 -11.43 4.95 26.85
N ASN B 334 -11.32 6.28 26.71
CA ASN B 334 -10.30 7.00 27.46
C ASN B 334 -10.80 7.21 28.90
N GLU B 335 -9.98 7.89 29.70
CA GLU B 335 -10.28 8.04 31.12
C GLU B 335 -11.56 8.84 31.37
N HIS B 336 -12.06 9.55 30.37
CA HIS B 336 -13.26 10.37 30.53
C HIS B 336 -14.51 9.70 29.98
N GLY B 337 -14.42 8.45 29.52
CA GLY B 337 -15.55 7.75 28.97
C GLY B 337 -15.83 8.00 27.50
N GLN B 338 -14.87 8.57 26.77
CA GLN B 338 -15.03 8.78 25.34
C GLN B 338 -14.52 7.56 24.58
N LEU B 339 -15.30 7.11 23.60
CA LEU B 339 -14.96 5.91 22.84
C LEU B 339 -13.73 6.16 21.98
N THR B 340 -12.68 5.36 22.19
CA THR B 340 -11.44 5.50 21.43
C THR B 340 -11.20 4.37 20.44
N ARG B 341 -11.77 3.19 20.67
CA ARG B 341 -11.52 2.06 19.78
C ARG B 341 -12.75 1.17 19.69
N LEU B 342 -13.14 0.81 18.47
CA LEU B 342 -14.17 -0.19 18.22
C LEU B 342 -13.58 -1.27 17.33
N SER B 343 -13.55 -2.50 17.84
CA SER B 343 -13.02 -3.65 17.11
C SER B 343 -14.18 -4.53 16.68
N ALA B 344 -14.36 -4.69 15.37
CA ALA B 344 -15.49 -5.40 14.78
C ALA B 344 -15.01 -6.63 14.00
N PRO B 345 -15.91 -7.57 13.63
CA PRO B 345 -15.48 -8.77 12.90
C PRO B 345 -14.69 -8.47 11.64
N GLY B 346 -13.90 -9.44 11.19
CA GLY B 346 -13.02 -9.22 10.07
C GLY B 346 -11.87 -8.30 10.38
N ASN B 347 -11.51 -8.16 11.66
CA ASN B 347 -10.43 -7.28 12.10
C ASN B 347 -10.59 -5.88 11.53
N GLN B 348 -11.82 -5.36 11.62
CA GLN B 348 -12.14 -4.00 11.25
C GLN B 348 -12.08 -3.15 12.51
N VAL B 349 -11.14 -2.23 12.57
CA VAL B 349 -10.86 -1.45 13.78
C VAL B 349 -11.01 0.03 13.45
N TRP B 350 -11.84 0.72 14.23
CA TRP B 350 -11.98 2.17 14.16
C TRP B 350 -11.28 2.79 15.37
N LEU B 351 -10.54 3.87 15.13
CA LEU B 351 -9.84 4.57 16.20
C LEU B 351 -10.24 6.04 16.25
N TRP B 352 -10.50 6.53 17.46
CA TRP B 352 -10.81 7.92 17.71
C TRP B 352 -9.83 8.48 18.72
N GLU B 353 -9.25 9.64 18.40
CA GLU B 353 -8.28 10.30 19.26
C GLU B 353 -8.83 11.65 19.70
N TYR B 354 -8.59 12.00 20.97
CA TYR B 354 -9.12 13.22 21.56
C TYR B 354 -8.01 14.07 22.18
N ASP B 355 -8.15 15.39 22.06
CA ASP B 355 -7.18 16.30 22.68
C ASP B 355 -7.56 16.52 24.14
N GLY B 356 -6.86 17.44 24.81
CA GLY B 356 -7.05 17.62 26.23
C GLY B 356 -8.42 18.15 26.62
N LYS B 357 -9.08 18.86 25.72
CA LYS B 357 -10.43 19.35 25.96
C LYS B 357 -11.50 18.37 25.50
N GLY B 358 -11.12 17.21 24.99
CA GLY B 358 -12.08 16.21 24.54
C GLY B 358 -12.56 16.34 23.12
N SER B 359 -11.95 17.20 22.31
CA SER B 359 -12.30 17.30 20.90
C SER B 359 -11.74 16.10 20.16
N MET B 360 -12.57 15.48 19.32
CA MET B 360 -12.14 14.32 18.52
C MET B 360 -11.35 14.85 17.33
N VAL B 361 -10.02 14.78 17.41
CA VAL B 361 -9.16 15.43 16.44
C VAL B 361 -8.67 14.51 15.32
N CYS B 362 -8.74 13.19 15.50
CA CYS B 362 -8.23 12.27 14.49
C CYS B 362 -9.01 10.97 14.52
N LEU B 363 -9.64 10.66 13.39
CA LEU B 363 -10.32 9.38 13.20
C LEU B 363 -9.49 8.53 12.25
N THR B 364 -9.24 7.28 12.63
CA THR B 364 -8.55 6.33 11.76
C THR B 364 -9.53 5.22 11.40
N ASP B 365 -9.75 5.01 10.12
CA ASP B 365 -10.70 4.02 9.64
C ASP B 365 -10.04 2.65 9.56
N PRO B 366 -10.81 1.58 9.34
CA PRO B 366 -10.22 0.23 9.33
C PRO B 366 -9.11 0.03 8.32
N GLN B 367 -9.00 0.86 7.28
CA GLN B 367 -7.91 0.75 6.32
C GLN B 367 -6.69 1.57 6.73
N GLY B 368 -6.71 2.14 7.94
CA GLY B 368 -5.63 2.98 8.41
C GLY B 368 -5.63 4.39 7.87
N ARG B 369 -6.68 4.82 7.20
CA ARG B 369 -6.75 6.18 6.68
C ARG B 369 -7.26 7.13 7.77
N GLN B 370 -6.69 8.33 7.78
CA GLN B 370 -6.92 9.29 8.86
C GLN B 370 -7.70 10.48 8.34
N GLN B 371 -8.70 10.88 9.10
CA GLN B 371 -9.33 12.19 8.95
C GLN B 371 -8.91 13.05 10.14
N GLN B 372 -8.53 14.29 9.86
CA GLN B 372 -8.06 15.21 10.89
C GLN B 372 -9.06 16.32 11.09
N PHE B 373 -9.33 16.66 12.36
CA PHE B 373 -10.34 17.62 12.73
C PHE B 373 -9.70 18.68 13.62
N SER B 374 -9.86 19.94 13.26
CA SER B 374 -9.31 21.07 14.00
C SER B 374 -10.46 21.90 14.57
N TYR B 375 -10.31 22.36 15.81
CA TYR B 375 -11.40 22.96 16.55
C TYR B 375 -11.00 24.33 17.12
N SER B 376 -11.99 25.18 17.33
CA SER B 376 -11.75 26.43 18.03
C SER B 376 -11.62 26.15 19.52
N GLU B 377 -11.13 27.15 20.27
CA GLU B 377 -10.95 26.95 21.70
C GLU B 377 -12.27 26.81 22.44
N HIS B 378 -13.38 27.28 21.86
CA HIS B 378 -14.70 27.05 22.43
C HIS B 378 -15.40 25.81 21.85
N GLY B 379 -14.69 25.00 21.06
CA GLY B 379 -15.21 23.73 20.64
C GLY B 379 -15.87 23.67 19.27
N ASP B 380 -15.83 24.75 18.49
CA ASP B 380 -16.39 24.70 17.14
C ASP B 380 -15.49 23.88 16.22
N LEU B 381 -16.10 23.02 15.41
CA LEU B 381 -15.34 22.32 14.36
C LEU B 381 -15.03 23.30 13.24
N LEU B 382 -13.74 23.56 13.02
CA LEU B 382 -13.31 24.55 12.04
C LEU B 382 -12.78 23.94 10.75
N ARG B 383 -12.26 22.72 10.78
CA ARG B 383 -11.58 22.19 9.62
C ARG B 383 -11.57 20.67 9.69
N GLN B 384 -11.84 20.04 8.54
CA GLN B 384 -11.75 18.60 8.37
C GLN B 384 -10.92 18.31 7.14
N ILE B 385 -9.89 17.49 7.29
CA ILE B 385 -9.02 17.09 6.19
C ILE B 385 -9.23 15.60 5.94
N MET B 386 -9.60 15.25 4.71
CA MET B 386 -9.86 13.88 4.29
C MET B 386 -8.55 13.18 3.93
N PRO B 387 -8.57 11.85 3.77
CA PRO B 387 -7.33 11.12 3.40
C PRO B 387 -6.63 11.66 2.16
N ASN B 388 -7.38 12.08 1.14
CA ASN B 388 -6.74 12.62 -0.07
C ASN B 388 -6.36 14.09 0.05
N GLY B 389 -6.49 14.69 1.24
CA GLY B 389 -6.18 16.09 1.42
C GLY B 389 -7.35 17.04 1.19
N ALA B 390 -8.51 16.54 0.80
CA ALA B 390 -9.68 17.38 0.67
C ALA B 390 -9.99 18.06 1.98
N THR B 391 -10.17 19.38 1.94
CA THR B 391 -10.29 20.19 3.15
C THR B 391 -11.63 20.90 3.19
N TRP B 392 -12.39 20.65 4.25
CA TRP B 392 -13.63 21.38 4.54
C TRP B 392 -13.37 22.36 5.68
N ARG B 393 -13.96 23.55 5.59
CA ARG B 393 -13.83 24.57 6.62
C ARG B 393 -15.20 25.14 6.99
N TRP B 394 -15.34 25.54 8.26
CA TRP B 394 -16.56 26.15 8.75
C TRP B 394 -16.24 27.34 9.66
N SER B 395 -17.03 28.40 9.52
CA SER B 395 -17.06 29.49 10.48
C SER B 395 -18.47 29.62 11.04
N HIS B 396 -18.60 30.36 12.15
CA HIS B 396 -19.81 30.28 12.96
C HIS B 396 -20.25 31.65 13.41
N ASP B 397 -21.55 31.76 13.71
CA ASP B 397 -22.15 33.00 14.21
C ASP B 397 -22.04 33.02 15.74
N ALA B 398 -22.65 34.03 16.36
CA ALA B 398 -22.55 34.20 17.80
C ALA B 398 -23.17 33.05 18.58
N LEU B 399 -24.11 32.31 17.98
CA LEU B 399 -24.69 31.13 18.60
C LEU B 399 -23.97 29.85 18.20
N HIS B 400 -22.80 29.96 17.58
CA HIS B 400 -21.96 28.82 17.19
C HIS B 400 -22.64 27.90 16.19
N GLN B 401 -23.65 28.42 15.48
CA GLN B 401 -24.21 27.76 14.32
C GLN B 401 -23.38 28.08 13.09
N VAL B 402 -23.33 27.11 12.18
CA VAL B 402 -22.53 27.28 10.95
C VAL B 402 -23.11 28.42 10.12
N ARG B 403 -22.26 29.38 9.76
CA ARG B 403 -22.67 30.43 8.84
C ARG B 403 -21.94 30.42 7.51
N ALA B 404 -20.74 29.83 7.43
CA ALA B 404 -20.02 29.73 6.16
C ALA B 404 -19.35 28.37 6.07
N THR B 405 -19.57 27.68 4.95
CA THR B 405 -18.97 26.37 4.69
C THR B 405 -18.13 26.48 3.43
N THR B 406 -16.84 26.21 3.55
CA THR B 406 -15.93 26.20 2.40
C THR B 406 -15.64 24.77 1.98
N ALA B 407 -16.06 24.41 0.76
CA ALA B 407 -15.84 23.09 0.22
C ALA B 407 -14.40 22.92 -0.28
N PRO B 408 -13.96 21.68 -0.49
CA PRO B 408 -12.57 21.46 -0.93
C PRO B 408 -12.17 22.21 -2.19
N ASP B 409 -13.11 22.56 -3.07
CA ASP B 409 -12.79 23.33 -4.26
C ASP B 409 -12.80 24.84 -4.02
N GLY B 410 -12.99 25.28 -2.78
CA GLY B 410 -13.03 26.69 -2.46
C GLY B 410 -14.39 27.34 -2.52
N GLY B 411 -15.42 26.63 -3.00
CA GLY B 411 -16.75 27.20 -3.03
C GLY B 411 -17.29 27.37 -1.62
N VAL B 412 -17.89 28.54 -1.38
CA VAL B 412 -18.35 28.93 -0.05
C VAL B 412 -19.87 29.00 -0.05
N THR B 413 -20.50 28.30 0.90
CA THR B 413 -21.94 28.36 1.10
C THR B 413 -22.21 29.15 2.38
N GLN B 414 -23.01 30.20 2.28
CA GLN B 414 -23.34 31.07 3.40
C GLN B 414 -24.74 30.79 3.87
N THR B 415 -24.88 30.46 5.16
CA THR B 415 -26.18 30.20 5.77
C THR B 415 -26.39 31.15 6.95
N GLU B 416 -27.65 31.44 7.23
CA GLU B 416 -28.02 32.30 8.33
C GLU B 416 -29.23 31.70 9.03
N GLN B 417 -29.16 31.59 10.35
CA GLN B 417 -30.21 31.01 11.17
C GLN B 417 -30.58 31.98 12.28
N ASP B 418 -31.81 31.86 12.77
CA ASP B 418 -32.25 32.73 13.85
C ASP B 418 -31.95 32.06 15.20
N ILE B 419 -32.35 32.72 16.29
CA ILE B 419 -32.00 32.24 17.62
C ILE B 419 -32.64 30.89 17.92
N LEU B 420 -33.68 30.51 17.20
CA LEU B 420 -34.30 29.20 17.39
C LEU B 420 -33.73 28.13 16.47
N GLY B 421 -32.75 28.47 15.64
CA GLY B 421 -32.14 27.52 14.74
C GLY B 421 -32.83 27.39 13.39
N ARG B 422 -33.89 28.16 13.13
CA ARG B 422 -34.54 28.10 11.84
C ARG B 422 -33.68 28.78 10.77
N LEU B 423 -33.62 28.15 9.60
CA LEU B 423 -32.88 28.70 8.49
C LEU B 423 -33.57 29.95 7.96
N LEU B 424 -32.82 31.03 7.81
CA LEU B 424 -33.33 32.28 7.25
C LEU B 424 -32.86 32.55 5.84
N SER B 425 -31.66 32.10 5.47
CA SER B 425 -31.17 32.28 4.11
C SER B 425 -30.03 31.31 3.84
N VAL B 426 -29.84 31.01 2.56
CA VAL B 426 -28.69 30.25 2.06
C VAL B 426 -28.20 30.96 0.81
N LYS B 427 -26.89 31.20 0.74
CA LYS B 427 -26.25 31.72 -0.46
C LYS B 427 -25.22 30.70 -0.91
N ASP B 428 -25.43 30.13 -2.09
CA ASP B 428 -24.61 29.03 -2.58
C ASP B 428 -23.29 29.56 -3.15
N PRO B 429 -22.36 28.67 -3.52
CA PRO B 429 -21.03 29.14 -3.96
C PRO B 429 -21.04 30.00 -5.22
N LEU B 430 -22.14 30.06 -5.97
CA LEU B 430 -22.22 30.96 -7.11
C LEU B 430 -22.90 32.28 -6.77
N GLY B 431 -23.33 32.47 -5.51
CA GLY B 431 -23.92 33.72 -5.08
C GLY B 431 -25.43 33.79 -5.13
N TYR B 432 -26.11 32.68 -5.43
CA TYR B 432 -27.57 32.68 -5.52
C TYR B 432 -28.18 32.45 -4.13
N THR B 433 -29.13 33.32 -3.77
CA THR B 433 -29.70 33.35 -2.43
C THR B 433 -31.13 32.83 -2.41
N THR B 434 -31.39 31.88 -1.51
CA THR B 434 -32.73 31.46 -1.16
C THR B 434 -33.08 32.00 0.22
N GLN B 435 -34.24 32.63 0.35
CA GLN B 435 -34.68 33.24 1.59
C GLN B 435 -35.88 32.51 2.18
N PHE B 436 -35.93 32.43 3.51
CA PHE B 436 -37.04 31.83 4.21
C PHE B 436 -37.56 32.83 5.23
N ARG B 437 -38.87 33.11 5.20
CA ARG B 437 -39.47 34.00 6.17
C ARG B 437 -40.63 33.29 6.84
N TYR B 438 -40.69 33.43 8.16
CA TYR B 438 -41.71 32.76 8.98
C TYR B 438 -42.65 33.81 9.56
N SER B 439 -43.93 33.48 9.63
CA SER B 439 -44.92 34.34 10.25
C SER B 439 -45.96 33.45 10.93
N LYS B 440 -46.38 33.85 12.12
CA LYS B 440 -47.44 33.14 12.83
C LYS B 440 -48.79 33.71 12.44
N ASN B 441 -49.66 32.86 11.91
CA ASN B 441 -51.03 33.27 11.56
C ASN B 441 -51.82 33.61 12.83
N HIS B 442 -52.49 34.77 12.78
CA HIS B 442 -53.21 35.32 13.92
C HIS B 442 -54.74 35.28 13.82
N ALA B 443 -55.32 35.56 12.65
CA ALA B 443 -56.77 35.62 12.52
C ALA B 443 -57.41 34.29 12.13
N GLY B 444 -56.64 33.33 11.62
CA GLY B 444 -57.17 32.02 11.38
C GLY B 444 -56.85 31.11 12.55
N PRO B 445 -57.04 29.81 12.37
CA PRO B 445 -56.67 28.86 13.42
C PRO B 445 -55.18 28.94 13.69
N GLN B 446 -54.81 28.76 14.96
CA GLN B 446 -53.41 28.95 15.36
C GLN B 446 -52.50 28.09 14.50
N GLY B 447 -51.84 28.73 13.54
CA GLY B 447 -50.93 28.04 12.64
C GLY B 447 -49.70 28.88 12.38
N SER B 448 -48.96 28.54 11.33
CA SER B 448 -47.79 29.31 10.96
C SER B 448 -47.55 29.14 9.46
N VAL B 449 -46.82 30.10 8.89
CA VAL B 449 -46.52 30.12 7.47
C VAL B 449 -45.02 30.29 7.29
N GLU B 450 -44.43 29.45 6.44
CA GLU B 450 -43.04 29.59 6.04
C GLU B 450 -43.01 29.88 4.54
N GLU B 451 -42.46 31.04 4.19
CA GLU B 451 -42.35 31.46 2.80
C GLU B 451 -40.92 31.24 2.32
N ILE B 452 -40.79 30.66 1.14
CA ILE B 452 -39.51 30.39 0.51
C ILE B 452 -39.44 31.23 -0.76
N ARG B 453 -38.43 32.08 -0.86
CA ARG B 453 -38.17 32.86 -2.07
C ARG B 453 -36.90 32.33 -2.71
N ARG B 454 -37.04 31.71 -3.90
CA ARG B 454 -35.89 31.07 -4.54
C ARG B 454 -35.21 32.01 -5.53
N PRO B 455 -33.92 31.82 -5.79
CA PRO B 455 -33.19 32.80 -6.62
C PRO B 455 -33.62 32.84 -8.08
N ASP B 456 -34.45 31.90 -8.54
CA ASP B 456 -35.02 31.95 -9.88
C ASP B 456 -36.37 32.64 -9.93
N GLY B 457 -36.76 33.36 -8.89
CA GLY B 457 -38.05 34.03 -8.86
C GLY B 457 -39.22 33.19 -8.40
N VAL B 458 -38.99 31.96 -7.93
CA VAL B 458 -40.06 31.10 -7.45
C VAL B 458 -40.38 31.46 -6.00
N ARG B 459 -41.68 31.45 -5.67
CA ARG B 459 -42.15 31.66 -4.31
C ARG B 459 -43.01 30.49 -3.90
N GLU B 460 -42.69 29.88 -2.75
CA GLU B 460 -43.42 28.74 -2.24
C GLU B 460 -43.85 29.00 -0.80
N LEU B 461 -44.98 28.42 -0.41
CA LEU B 461 -45.52 28.59 0.94
C LEU B 461 -45.81 27.24 1.55
N MET B 462 -45.28 27.02 2.76
CA MET B 462 -45.57 25.83 3.56
C MET B 462 -46.29 26.30 4.83
N ARG B 463 -47.55 25.90 4.98
CA ARG B 463 -48.33 26.29 6.14
C ARG B 463 -48.41 25.13 7.14
N GLN B 464 -48.45 25.49 8.42
CA GLN B 464 -48.57 24.52 9.51
C GLN B 464 -49.86 24.74 10.28
N ASN B 465 -50.38 23.67 10.86
CA ASN B 465 -51.58 23.74 11.70
C ASN B 465 -51.16 23.88 13.16
N SER B 466 -52.15 23.81 14.06
CA SER B 466 -51.91 24.06 15.48
C SER B 466 -50.98 23.04 16.13
N GLU B 467 -50.83 21.87 15.52
CA GLU B 467 -49.91 20.85 16.01
C GLU B 467 -48.53 20.96 15.38
N LYS B 468 -48.28 22.02 14.63
CA LYS B 468 -47.02 22.26 13.92
C LYS B 468 -46.73 21.18 12.88
N LEU B 469 -47.79 20.51 12.38
CA LEU B 469 -47.67 19.58 11.27
C LEU B 469 -47.93 20.30 9.95
N PRO B 470 -47.37 19.82 8.84
CA PRO B 470 -47.67 20.42 7.53
C PRO B 470 -49.16 20.38 7.23
N GLU B 471 -49.73 21.56 6.96
CA GLU B 471 -51.14 21.68 6.64
C GLU B 471 -51.39 21.86 5.15
N SER B 472 -50.54 22.61 4.46
CA SER B 472 -50.73 22.84 3.03
C SER B 472 -49.42 23.29 2.43
N PHE B 473 -49.29 23.07 1.13
CA PHE B 473 -48.13 23.51 0.37
C PHE B 473 -48.61 24.10 -0.94
N THR B 474 -48.16 25.32 -1.24
CA THR B 474 -48.51 26.03 -2.47
C THR B 474 -47.24 26.23 -3.28
N ASP B 475 -47.19 25.64 -4.47
CA ASP B 475 -45.99 25.72 -5.29
C ASP B 475 -45.93 27.07 -6.00
N GLY B 476 -44.88 27.26 -6.80
CA GLY B 476 -44.65 28.55 -7.44
C GLY B 476 -45.71 28.95 -8.44
N GLU B 477 -46.50 27.98 -8.92
CA GLU B 477 -47.60 28.28 -9.82
C GLU B 477 -48.93 28.49 -9.09
N GLY B 478 -48.95 28.37 -7.77
CA GLY B 478 -50.14 28.57 -7.00
C GLY B 478 -51.00 27.35 -6.78
N ASN B 479 -50.50 26.16 -7.10
CA ASN B 479 -51.25 24.94 -6.86
C ASN B 479 -50.98 24.45 -5.45
N THR B 480 -52.05 24.07 -4.75
CA THR B 480 -51.98 23.83 -3.32
C THR B 480 -52.37 22.40 -2.99
N THR B 481 -51.52 21.72 -2.23
CA THR B 481 -51.81 20.42 -1.66
C THR B 481 -52.13 20.60 -0.18
N ARG B 482 -53.19 19.97 0.30
CA ARG B 482 -53.56 20.08 1.71
C ARG B 482 -53.52 18.72 2.40
N TYR B 483 -53.28 18.77 3.71
CA TYR B 483 -53.12 17.57 4.54
C TYR B 483 -54.05 17.67 5.74
N GLU B 484 -54.66 16.54 6.10
CA GLU B 484 -55.53 16.45 7.26
C GLU B 484 -55.06 15.32 8.17
N TYR B 485 -55.32 15.49 9.46
CA TYR B 485 -54.81 14.56 10.47
C TYR B 485 -55.90 14.19 11.45
N GLY B 486 -55.74 13.01 12.06
CA GLY B 486 -56.50 12.61 13.21
C GLY B 486 -55.67 12.69 14.48
N ALA B 487 -56.12 11.95 15.48
CA ALA B 487 -55.40 11.91 16.76
C ALA B 487 -54.00 11.32 16.56
N PHE B 488 -53.09 11.70 17.45
CA PHE B 488 -51.72 11.20 17.44
C PHE B 488 -51.01 11.53 16.12
N ASP B 489 -51.45 12.60 15.48
CA ASP B 489 -50.82 13.12 14.26
C ASP B 489 -50.88 12.12 13.10
N LEU B 490 -51.89 11.25 13.10
CA LEU B 490 -52.06 10.30 12.00
C LEU B 490 -52.55 11.03 10.75
N LEU B 491 -51.81 10.89 9.65
CA LEU B 491 -52.24 11.46 8.37
C LEU B 491 -53.48 10.70 7.89
N THR B 492 -54.61 11.39 7.82
CA THR B 492 -55.85 10.77 7.41
C THR B 492 -56.32 11.18 6.02
N ALA B 493 -55.78 12.26 5.46
CA ALA B 493 -56.17 12.62 4.09
C ALA B 493 -55.13 13.53 3.47
N VAL B 494 -54.98 13.40 2.16
CA VAL B 494 -54.21 14.31 1.33
C VAL B 494 -55.16 14.82 0.25
N ILE B 495 -55.27 16.14 0.12
CA ILE B 495 -56.10 16.73 -0.92
C ILE B 495 -55.19 17.31 -1.99
N ARG B 496 -55.34 16.81 -3.21
CA ARG B 496 -54.54 17.25 -4.35
C ARG B 496 -54.89 18.65 -4.78
N PRO B 497 -54.03 19.29 -5.57
CA PRO B 497 -54.37 20.61 -6.13
C PRO B 497 -55.64 20.64 -6.96
N ASP B 498 -56.07 19.52 -7.52
CA ASP B 498 -57.33 19.50 -8.27
C ASP B 498 -58.54 19.22 -7.37
N GLY B 499 -58.35 19.13 -6.06
CA GLY B 499 -59.44 18.91 -5.14
C GLY B 499 -59.79 17.46 -4.88
N GLU B 500 -59.19 16.52 -5.60
CA GLU B 500 -59.44 15.12 -5.30
C GLU B 500 -58.76 14.71 -4.01
N ARG B 501 -59.32 13.70 -3.35
CA ARG B 501 -58.95 13.33 -1.99
C ARG B 501 -58.40 11.92 -1.97
N LEU B 502 -57.28 11.75 -1.28
CA LEU B 502 -56.75 10.45 -0.91
C LEU B 502 -56.87 10.32 0.60
N ALA B 503 -57.30 9.16 1.09
CA ALA B 503 -57.63 9.03 2.50
C ALA B 503 -57.05 7.75 3.08
N CYS B 504 -56.78 7.80 4.39
CA CYS B 504 -56.18 6.70 5.12
C CYS B 504 -56.99 6.44 6.39
N ARG B 505 -57.16 5.17 6.72
CA ARG B 505 -57.86 4.76 7.93
C ARG B 505 -56.98 3.79 8.71
N TYR B 506 -57.09 3.85 10.03
CA TYR B 506 -56.21 3.12 10.92
C TYR B 506 -57.02 2.32 11.92
N ASP B 507 -56.44 1.22 12.41
CA ASP B 507 -57.10 0.47 13.46
C ASP B 507 -56.84 1.13 14.81
N LYS B 508 -57.32 0.50 15.88
CA LYS B 508 -57.27 1.11 17.20
C LYS B 508 -55.87 1.22 17.77
N LEU B 509 -54.88 0.54 17.18
CA LEU B 509 -53.49 0.72 17.52
C LEU B 509 -52.74 1.58 16.51
N THR B 510 -53.49 2.28 15.65
CA THR B 510 -52.99 3.21 14.63
C THR B 510 -52.22 2.50 13.52
N ARG B 511 -52.46 1.21 13.30
CA ARG B 511 -51.93 0.54 12.13
C ARG B 511 -52.76 0.90 10.90
N LEU B 512 -52.06 1.20 9.80
CA LEU B 512 -52.72 1.49 8.53
C LEU B 512 -53.51 0.29 8.04
N THR B 513 -54.84 0.41 7.96
CA THR B 513 -55.67 -0.68 7.50
C THR B 513 -56.40 -0.40 6.20
N GLU B 514 -56.52 0.86 5.78
CA GLU B 514 -57.29 1.18 4.58
C GLU B 514 -56.76 2.43 3.92
N ILE B 515 -56.66 2.39 2.59
CA ILE B 515 -56.33 3.55 1.77
C ILE B 515 -57.41 3.66 0.70
N THR B 516 -57.95 4.86 0.52
CA THR B 516 -58.95 5.13 -0.49
C THR B 516 -58.36 6.11 -1.49
N ASN B 517 -58.36 5.73 -2.76
CA ASN B 517 -57.76 6.61 -3.76
C ASN B 517 -58.80 7.61 -4.25
N ALA B 518 -58.40 8.46 -5.19
CA ALA B 518 -59.27 9.51 -5.68
C ALA B 518 -60.50 8.94 -6.40
N GLU B 519 -60.36 7.80 -7.06
CA GLU B 519 -61.51 7.18 -7.70
C GLU B 519 -62.54 6.74 -6.67
N GLY B 520 -62.11 6.45 -5.44
CA GLY B 520 -62.99 5.98 -4.40
C GLY B 520 -62.87 4.51 -4.05
N GLU B 521 -61.88 3.82 -4.61
CA GLU B 521 -61.68 2.40 -4.32
C GLU B 521 -60.72 2.23 -3.15
N HIS B 522 -60.75 1.05 -2.54
CA HIS B 522 -60.07 0.81 -1.29
C HIS B 522 -58.97 -0.24 -1.43
N TYR B 523 -57.85 0.03 -0.76
CA TYR B 523 -56.75 -0.89 -0.58
C TYR B 523 -56.70 -1.24 0.90
N ARG B 524 -56.73 -2.54 1.22
CA ARG B 524 -56.90 -2.98 2.60
C ARG B 524 -55.71 -3.78 3.10
N LEU B 525 -55.33 -3.51 4.36
CA LEU B 525 -54.26 -4.21 5.05
C LEU B 525 -54.80 -4.86 6.32
N ARG B 526 -54.33 -6.06 6.62
CA ARG B 526 -54.81 -6.83 7.76
C ARG B 526 -53.64 -7.31 8.59
N TYR B 527 -53.81 -7.30 9.91
CA TYR B 527 -52.74 -7.61 10.86
C TYR B 527 -53.18 -8.71 11.82
N ASP B 528 -52.21 -9.43 12.36
CA ASP B 528 -52.48 -10.40 13.41
C ASP B 528 -52.35 -9.70 14.77
N LYS B 529 -52.44 -10.48 15.86
CA LYS B 529 -52.42 -9.91 17.20
C LYS B 529 -51.10 -9.23 17.54
N ALA B 530 -50.03 -9.57 16.84
CA ALA B 530 -48.72 -8.98 17.08
C ALA B 530 -48.40 -7.83 16.14
N GLY B 531 -49.33 -7.43 15.28
CA GLY B 531 -49.09 -6.32 14.37
C GLY B 531 -48.38 -6.68 13.09
N GLN B 532 -48.16 -7.96 12.83
CA GLN B 532 -47.57 -8.36 11.56
C GLN B 532 -48.61 -8.27 10.45
N LEU B 533 -48.21 -7.69 9.31
CA LEU B 533 -49.08 -7.61 8.16
C LEU B 533 -49.22 -9.00 7.54
N VAL B 534 -50.38 -9.63 7.73
CA VAL B 534 -50.57 -10.99 7.23
C VAL B 534 -51.38 -11.03 5.94
N ALA B 535 -51.98 -9.92 5.52
CA ALA B 535 -52.72 -9.92 4.28
C ALA B 535 -52.88 -8.49 3.79
N GLU B 536 -52.84 -8.32 2.46
CA GLU B 536 -53.17 -7.07 1.83
C GLU B 536 -53.98 -7.36 0.58
N THR B 537 -55.04 -6.57 0.37
CA THR B 537 -55.91 -6.68 -0.79
C THR B 537 -55.89 -5.35 -1.53
N ASP B 538 -55.40 -5.38 -2.78
CA ASP B 538 -55.24 -4.13 -3.53
C ASP B 538 -56.57 -3.74 -4.17
N PHE B 539 -56.52 -2.72 -5.03
CA PHE B 539 -57.73 -2.16 -5.63
C PHE B 539 -58.43 -3.14 -6.58
N THR B 540 -57.71 -4.12 -7.11
CA THR B 540 -58.32 -5.10 -8.02
C THR B 540 -59.05 -6.22 -7.28
N GLY B 541 -58.91 -6.31 -5.96
CA GLY B 541 -59.43 -7.44 -5.22
C GLY B 541 -58.43 -8.55 -4.99
N ARG B 542 -57.19 -8.39 -5.46
CA ARG B 542 -56.15 -9.39 -5.31
C ARG B 542 -55.58 -9.35 -3.90
N THR B 543 -55.57 -10.51 -3.25
CA THR B 543 -55.12 -10.66 -1.86
C THR B 543 -53.82 -11.46 -1.82
N LEU B 544 -52.81 -10.90 -1.15
CA LEU B 544 -51.58 -11.61 -0.85
C LEU B 544 -51.53 -11.91 0.65
N THR B 545 -51.09 -13.11 1.01
CA THR B 545 -51.05 -13.55 2.39
C THR B 545 -49.62 -13.84 2.80
N TYR B 546 -49.26 -13.44 4.03
CA TYR B 546 -47.89 -13.52 4.53
C TYR B 546 -47.84 -14.33 5.82
N SER B 547 -46.80 -15.18 5.94
CA SER B 547 -46.54 -15.96 7.13
C SER B 547 -45.20 -15.55 7.71
N TYR B 548 -45.06 -15.68 9.03
CA TYR B 548 -43.88 -15.17 9.73
C TYR B 548 -43.37 -16.22 10.71
N ASP B 549 -42.06 -16.18 10.94
CA ASP B 549 -41.45 -17.06 11.93
C ASP B 549 -41.47 -16.36 13.30
N ALA B 550 -40.86 -16.98 14.30
CA ALA B 550 -40.93 -16.46 15.67
C ALA B 550 -40.19 -15.14 15.84
N ALA B 551 -39.29 -14.78 14.91
CA ALA B 551 -38.58 -13.52 14.95
C ALA B 551 -39.24 -12.43 14.11
N GLY B 552 -40.43 -12.70 13.56
CA GLY B 552 -41.09 -11.74 12.71
C GLY B 552 -40.59 -11.67 11.29
N ARG B 553 -39.77 -12.62 10.86
CA ARG B 553 -39.30 -12.65 9.48
C ARG B 553 -40.32 -13.32 8.59
N CYS B 554 -40.60 -12.70 7.45
CA CYS B 554 -41.61 -13.19 6.52
C CYS B 554 -41.06 -14.42 5.79
N ILE B 555 -41.68 -15.58 6.01
CA ILE B 555 -41.19 -16.84 5.46
C ILE B 555 -42.06 -17.39 4.35
N ARG B 556 -43.21 -16.78 4.07
CA ARG B 556 -44.02 -17.23 2.95
C ARG B 556 -44.90 -16.10 2.46
N THR B 557 -45.01 -15.99 1.14
CA THR B 557 -46.02 -15.19 0.48
C THR B 557 -46.92 -16.12 -0.32
N THR B 558 -48.22 -16.05 -0.07
CA THR B 558 -49.19 -16.85 -0.81
C THR B 558 -49.95 -15.94 -1.76
N PHE B 559 -50.03 -16.36 -3.03
CA PHE B 559 -50.65 -15.64 -4.12
C PHE B 559 -52.03 -16.22 -4.42
N PRO B 560 -52.89 -15.46 -5.11
CA PRO B 560 -54.26 -15.96 -5.35
C PRO B 560 -54.32 -17.26 -6.15
N ASP B 561 -53.41 -17.49 -7.09
CA ASP B 561 -53.45 -18.75 -7.84
C ASP B 561 -52.92 -19.94 -7.05
N GLY B 562 -52.60 -19.74 -5.77
CA GLY B 562 -52.17 -20.81 -4.91
C GLY B 562 -50.68 -21.06 -4.85
N THR B 563 -49.88 -20.37 -5.65
CA THR B 563 -48.44 -20.57 -5.58
C THR B 563 -47.86 -19.92 -4.33
N HIS B 564 -46.87 -20.58 -3.73
CA HIS B 564 -46.22 -20.11 -2.52
C HIS B 564 -44.76 -19.81 -2.81
N LEU B 565 -44.28 -18.71 -2.22
CA LEU B 565 -42.89 -18.30 -2.27
C LEU B 565 -42.35 -18.43 -0.85
N ASN B 566 -41.58 -19.50 -0.59
CA ASN B 566 -41.02 -19.77 0.72
C ASN B 566 -39.61 -19.21 0.84
N ARG B 567 -39.30 -18.65 2.00
CA ARG B 567 -38.00 -18.04 2.26
C ARG B 567 -37.39 -18.62 3.52
N GLN B 568 -36.08 -18.87 3.47
CA GLN B 568 -35.31 -19.31 4.63
C GLN B 568 -34.24 -18.28 4.94
N TYR B 569 -33.90 -18.15 6.22
CA TYR B 569 -33.04 -17.08 6.68
C TYR B 569 -31.86 -17.64 7.48
N SER B 570 -30.75 -16.93 7.43
CA SER B 570 -29.61 -17.24 8.28
C SER B 570 -29.82 -16.62 9.67
N THR B 571 -28.89 -16.91 10.57
CA THR B 571 -28.95 -16.32 11.90
C THR B 571 -28.88 -14.80 11.86
N THR B 572 -28.23 -14.25 10.83
CA THR B 572 -28.09 -12.81 10.68
C THR B 572 -29.19 -12.19 9.81
N ASP B 573 -30.32 -12.88 9.66
CA ASP B 573 -31.52 -12.38 8.96
C ASP B 573 -31.30 -12.19 7.47
N GLN B 574 -30.40 -12.95 6.86
CA GLN B 574 -30.21 -12.87 5.42
C GLN B 574 -30.88 -14.05 4.73
N VAL B 575 -31.49 -13.79 3.58
CA VAL B 575 -32.19 -14.83 2.85
C VAL B 575 -31.15 -15.81 2.30
N THR B 576 -31.29 -17.09 2.66
CA THR B 576 -30.42 -18.14 2.16
C THR B 576 -31.07 -19.04 1.12
N ARG B 577 -32.41 -19.12 1.09
CA ARG B 577 -33.08 -20.00 0.15
C ARG B 577 -34.46 -19.42 -0.16
N GLU B 578 -34.87 -19.55 -1.42
CA GLU B 578 -36.21 -19.19 -1.85
C GLU B 578 -36.78 -20.33 -2.68
N GLU B 579 -37.96 -20.81 -2.31
CA GLU B 579 -38.61 -21.92 -2.99
C GLU B 579 -39.98 -21.51 -3.48
N VAL B 580 -40.37 -22.04 -4.64
CA VAL B 580 -41.71 -21.87 -5.18
C VAL B 580 -42.44 -23.20 -5.04
N ALA B 581 -43.62 -23.17 -4.42
CA ALA B 581 -44.45 -24.35 -4.25
C ALA B 581 -45.85 -24.05 -4.80
N GLN B 582 -46.66 -25.10 -4.84
CA GLN B 582 -47.99 -25.05 -5.47
C GLN B 582 -49.02 -25.70 -4.57
N GLY B 583 -50.10 -24.98 -4.31
CA GLY B 583 -51.26 -25.55 -3.63
C GLY B 583 -50.91 -26.17 -2.28
N ASP B 584 -51.61 -27.25 -1.97
CA ASP B 584 -51.39 -28.02 -0.76
C ASP B 584 -50.16 -28.91 -0.87
N SER B 585 -49.60 -29.05 -2.06
CA SER B 585 -48.40 -29.86 -2.26
C SER B 585 -47.16 -29.10 -1.81
N ASP B 586 -46.24 -29.83 -1.17
CA ASP B 586 -44.94 -29.28 -0.81
C ASP B 586 -43.88 -29.56 -1.87
N ARG B 587 -44.29 -30.02 -3.05
CA ARG B 587 -43.36 -30.22 -4.15
C ARG B 587 -42.77 -28.88 -4.59
N VAL B 588 -41.44 -28.80 -4.57
CA VAL B 588 -40.73 -27.58 -4.93
C VAL B 588 -40.70 -27.45 -6.45
N LEU B 589 -41.28 -26.38 -6.97
CA LEU B 589 -41.29 -26.17 -8.42
C LEU B 589 -39.98 -25.53 -8.88
N SER B 590 -39.47 -24.55 -8.13
CA SER B 590 -38.18 -23.94 -8.43
C SER B 590 -37.51 -23.58 -7.13
N CYS B 591 -36.20 -23.33 -7.20
CA CYS B 591 -35.36 -23.19 -6.03
C CYS B 591 -34.28 -22.14 -6.31
N THR B 592 -34.06 -21.26 -5.36
CA THR B 592 -33.04 -20.22 -5.45
C THR B 592 -32.19 -20.22 -4.20
N THR B 593 -30.87 -20.19 -4.38
CA THR B 593 -29.91 -20.32 -3.29
C THR B 593 -29.07 -19.06 -3.15
N PHE B 594 -28.75 -18.70 -1.90
CA PHE B 594 -27.87 -17.58 -1.60
C PHE B 594 -26.83 -18.04 -0.58
N ILE B 595 -25.56 -17.90 -0.91
CA ILE B 595 -24.46 -18.31 -0.05
C ILE B 595 -23.71 -17.07 0.42
N TYR B 596 -23.34 -17.07 1.70
CA TYR B 596 -22.65 -15.95 2.32
C TYR B 596 -21.36 -16.45 2.95
N ASP B 597 -20.33 -15.61 2.93
CA ASP B 597 -19.06 -15.97 3.54
C ASP B 597 -19.16 -15.78 5.06
N ALA B 598 -18.04 -15.95 5.76
CA ALA B 598 -18.05 -15.90 7.22
C ALA B 598 -18.35 -14.51 7.76
N LEU B 599 -18.27 -13.47 6.93
CA LEU B 599 -18.63 -12.11 7.32
C LEU B 599 -20.02 -11.72 6.85
N SER B 600 -20.85 -12.71 6.48
CA SER B 600 -22.22 -12.48 6.02
C SER B 600 -22.26 -11.67 4.73
N ARG B 601 -21.20 -11.73 3.94
CA ARG B 601 -21.18 -11.07 2.63
C ARG B 601 -21.62 -12.07 1.56
N LEU B 602 -22.47 -11.60 0.66
CA LEU B 602 -23.03 -12.48 -0.36
C LEU B 602 -21.96 -12.84 -1.39
N THR B 603 -21.65 -14.13 -1.51
CA THR B 603 -20.66 -14.57 -2.48
C THR B 603 -21.26 -15.33 -3.65
N GLU B 604 -22.45 -15.90 -3.51
CA GLU B 604 -23.07 -16.61 -4.63
C GLU B 604 -24.59 -16.54 -4.54
N ALA B 605 -25.22 -16.21 -5.66
CA ALA B 605 -26.66 -16.32 -5.83
C ALA B 605 -26.90 -17.22 -7.04
N ARG B 606 -27.83 -18.16 -6.92
CA ARG B 606 -28.03 -19.16 -7.96
C ARG B 606 -29.49 -19.55 -8.07
N ASN B 607 -30.03 -19.47 -9.28
CA ASN B 607 -31.27 -20.14 -9.63
C ASN B 607 -31.00 -21.01 -10.85
N ASN B 608 -32.06 -21.55 -11.46
CA ASN B 608 -31.88 -22.47 -12.56
C ASN B 608 -31.25 -21.80 -13.78
N ASP B 609 -31.38 -20.48 -13.91
CA ASP B 609 -30.96 -19.79 -15.12
C ASP B 609 -29.67 -18.99 -14.97
N ALA B 610 -29.12 -18.86 -13.77
CA ALA B 610 -27.95 -17.99 -13.63
C ALA B 610 -27.22 -18.24 -12.32
N THR B 611 -25.90 -18.18 -12.38
CA THR B 611 -25.05 -18.15 -11.20
C THR B 611 -24.37 -16.78 -11.15
N VAL B 612 -24.53 -16.09 -10.02
CA VAL B 612 -23.94 -14.78 -9.79
C VAL B 612 -23.01 -14.90 -8.61
N THR B 613 -21.75 -14.54 -8.80
CA THR B 613 -20.75 -14.61 -7.74
C THR B 613 -20.12 -13.23 -7.51
N TYR B 614 -19.75 -12.99 -6.27
CA TYR B 614 -19.10 -11.75 -5.87
C TYR B 614 -17.82 -12.08 -5.12
N GLU B 615 -16.77 -11.29 -5.37
CA GLU B 615 -15.53 -11.36 -4.63
C GLU B 615 -15.27 -10.03 -3.93
N TYR B 616 -14.64 -10.10 -2.76
CA TYR B 616 -14.41 -8.94 -1.92
C TYR B 616 -12.93 -8.82 -1.56
N ASP B 617 -12.48 -7.59 -1.36
CA ASP B 617 -11.16 -7.35 -0.78
C ASP B 617 -11.27 -7.24 0.75
N ASP B 618 -10.15 -6.95 1.39
CA ASP B 618 -10.14 -6.87 2.86
C ASP B 618 -11.05 -5.77 3.38
N ALA B 619 -11.29 -4.72 2.60
CA ALA B 619 -12.19 -3.64 3.00
C ALA B 619 -13.65 -3.92 2.68
N SER B 620 -13.97 -5.15 2.25
CA SER B 620 -15.33 -5.52 1.85
C SER B 620 -15.83 -4.71 0.65
N ARG B 621 -14.91 -4.21 -0.17
CA ARG B 621 -15.29 -3.66 -1.45
C ARG B 621 -15.40 -4.80 -2.47
N VAL B 622 -16.36 -4.69 -3.38
CA VAL B 622 -16.56 -5.73 -4.37
C VAL B 622 -15.48 -5.59 -5.44
N THR B 623 -14.62 -6.60 -5.55
CA THR B 623 -13.56 -6.59 -6.54
C THR B 623 -13.94 -7.35 -7.81
N ALA B 624 -15.03 -8.11 -7.81
CA ALA B 624 -15.47 -8.80 -9.02
C ALA B 624 -16.93 -9.20 -8.88
N GLU B 625 -17.70 -8.98 -9.95
CA GLU B 625 -19.04 -9.52 -10.10
C GLU B 625 -19.07 -10.39 -11.36
N THR B 626 -19.51 -11.64 -11.21
CA THR B 626 -19.53 -12.59 -12.31
C THR B 626 -20.94 -13.11 -12.53
N ILE B 627 -21.41 -13.05 -13.78
CA ILE B 627 -22.75 -13.51 -14.14
C ILE B 627 -22.60 -14.53 -15.27
N ASN B 628 -22.96 -15.78 -14.99
CA ASN B 628 -22.84 -16.89 -15.93
C ASN B 628 -21.47 -16.89 -16.59
N GLY B 629 -20.44 -16.86 -15.74
CA GLY B 629 -19.06 -16.94 -16.20
C GLY B 629 -18.47 -15.66 -16.74
N ARG B 630 -19.25 -14.61 -16.97
CA ARG B 630 -18.71 -13.36 -17.48
C ARG B 630 -18.34 -12.45 -16.30
N ARG B 631 -17.08 -12.04 -16.26
CA ARG B 631 -16.47 -11.44 -15.09
C ARG B 631 -16.21 -9.96 -15.31
N THR B 632 -16.66 -9.13 -14.38
CA THR B 632 -16.26 -7.73 -14.31
C THR B 632 -15.40 -7.54 -13.07
N GLU B 633 -14.20 -7.02 -13.26
CA GLU B 633 -13.25 -6.81 -12.18
C GLU B 633 -13.11 -5.32 -11.86
N TYR B 634 -12.95 -5.00 -10.58
CA TYR B 634 -12.84 -3.62 -10.13
C TYR B 634 -11.55 -3.40 -9.38
N ASN B 635 -10.95 -2.22 -9.58
CA ASN B 635 -9.92 -1.69 -8.71
C ASN B 635 -10.40 -0.34 -8.17
N TYR B 636 -9.85 0.08 -7.03
CA TYR B 636 -10.39 1.21 -6.30
C TYR B 636 -9.32 2.25 -6.01
N ASP B 637 -9.71 3.52 -6.12
CA ASP B 637 -8.91 4.60 -5.58
C ASP B 637 -8.65 4.34 -4.11
N PRO B 638 -7.40 4.30 -3.66
CA PRO B 638 -7.11 3.94 -2.27
C PRO B 638 -7.54 4.98 -1.24
N ASP B 639 -7.83 6.21 -1.65
CA ASP B 639 -8.25 7.25 -0.71
C ASP B 639 -9.76 7.44 -0.65
N GLN B 640 -10.48 7.14 -1.73
CA GLN B 640 -11.89 7.46 -1.82
C GLN B 640 -12.80 6.24 -1.91
N ASP B 641 -12.24 5.04 -2.03
CA ASP B 641 -13.02 3.80 -2.20
C ASP B 641 -13.93 3.86 -3.43
N THR B 642 -13.59 4.69 -4.41
CA THR B 642 -14.31 4.78 -5.67
C THR B 642 -13.61 3.92 -6.73
N VAL B 643 -14.42 3.40 -7.67
CA VAL B 643 -13.86 2.60 -8.74
C VAL B 643 -12.92 3.44 -9.57
N SER B 644 -11.65 3.05 -9.62
CA SER B 644 -10.69 3.69 -10.50
C SER B 644 -10.48 2.93 -11.80
N GLN B 645 -10.78 1.64 -11.82
CA GLN B 645 -10.57 0.82 -13.00
C GLN B 645 -11.56 -0.34 -12.99
N ARG B 646 -12.19 -0.59 -14.14
CA ARG B 646 -13.02 -1.78 -14.28
C ARG B 646 -12.77 -2.42 -15.63
N THR B 647 -12.72 -3.76 -15.63
CA THR B 647 -12.36 -4.53 -16.81
C THR B 647 -13.34 -5.68 -16.98
N THR B 648 -13.87 -5.83 -18.19
CA THR B 648 -14.67 -6.98 -18.57
C THR B 648 -14.21 -7.47 -19.93
N ALA B 649 -13.81 -8.74 -20.01
CA ALA B 649 -13.41 -9.37 -21.27
C ALA B 649 -12.30 -8.60 -21.97
N GLY B 650 -11.29 -8.20 -21.19
CA GLY B 650 -10.12 -7.54 -21.73
C GLY B 650 -10.29 -6.07 -22.08
N ILE B 651 -11.48 -5.51 -21.87
CA ILE B 651 -11.74 -4.10 -22.11
C ILE B 651 -11.71 -3.38 -20.76
N THR B 652 -10.75 -2.45 -20.61
CA THR B 652 -10.51 -1.77 -19.35
C THR B 652 -10.93 -0.31 -19.44
N GLU B 653 -11.60 0.17 -18.38
CA GLU B 653 -11.95 1.58 -18.23
C GLU B 653 -11.22 2.17 -17.03
N CYS B 654 -10.77 3.42 -17.16
CA CYS B 654 -10.09 4.12 -16.08
C CYS B 654 -10.90 5.35 -15.68
N PHE B 655 -11.11 5.50 -14.38
CA PHE B 655 -11.87 6.63 -13.82
C PHE B 655 -10.92 7.49 -12.99
N THR B 656 -10.87 8.77 -13.31
CA THR B 656 -10.11 9.75 -12.54
C THR B 656 -11.11 10.70 -11.87
N ARG B 657 -10.89 10.98 -10.59
CA ARG B 657 -11.84 11.78 -9.81
C ARG B 657 -11.11 12.85 -9.02
N GLY B 658 -11.80 13.97 -8.78
CA GLY B 658 -11.27 15.08 -8.02
C GLY B 658 -11.42 14.86 -6.53
N LEU B 659 -11.12 15.92 -5.78
CA LEU B 659 -11.11 15.82 -4.33
C LEU B 659 -12.50 15.53 -3.77
N THR B 660 -13.56 16.02 -4.40
CA THR B 660 -14.92 15.78 -3.97
C THR B 660 -15.48 14.46 -4.52
N GLY B 661 -14.73 13.74 -5.34
CA GLY B 661 -15.25 12.55 -5.96
C GLY B 661 -15.93 12.77 -7.29
N GLU B 662 -15.90 13.99 -7.82
CA GLU B 662 -16.47 14.24 -9.13
C GLU B 662 -15.55 13.66 -10.21
N LEU B 663 -16.16 13.15 -11.26
CA LEU B 663 -15.41 12.56 -12.37
C LEU B 663 -14.69 13.65 -13.14
N THR B 664 -13.37 13.57 -13.24
CA THR B 664 -12.59 14.49 -14.05
C THR B 664 -12.09 13.89 -15.34
N GLN B 665 -11.87 12.57 -15.40
CA GLN B 665 -11.42 11.95 -16.63
C GLN B 665 -11.96 10.53 -16.71
N TRP B 666 -12.29 10.11 -17.93
CA TRP B 666 -12.72 8.73 -18.21
C TRP B 666 -12.02 8.26 -19.48
N GLN B 667 -11.61 6.99 -19.50
CA GLN B 667 -10.91 6.45 -20.65
C GLN B 667 -11.24 4.97 -20.79
N ILE B 668 -11.41 4.51 -22.02
CA ILE B 668 -11.65 3.10 -22.29
C ILE B 668 -10.64 2.62 -23.33
N ASP B 669 -10.04 1.45 -23.07
CA ASP B 669 -9.35 0.63 -24.08
C ASP B 669 -8.39 1.44 -24.95
N GLY B 670 -7.65 2.35 -24.32
CA GLY B 670 -6.62 3.08 -25.05
C GLY B 670 -7.10 4.15 -26.00
N HIS B 671 -8.38 4.50 -25.97
CA HIS B 671 -8.89 5.61 -26.76
C HIS B 671 -8.53 6.95 -26.12
N THR B 672 -8.68 8.02 -26.89
CA THR B 672 -8.49 9.36 -26.35
C THR B 672 -9.45 9.58 -25.18
N PRO B 673 -8.96 10.07 -24.04
CA PRO B 673 -9.83 10.18 -22.85
C PRO B 673 -10.89 11.26 -23.01
N LEU B 674 -11.92 11.15 -22.17
CA LEU B 674 -12.90 12.20 -21.97
C LEU B 674 -12.58 12.94 -20.68
N THR B 675 -12.48 14.27 -20.76
CA THR B 675 -12.25 15.11 -19.60
C THR B 675 -13.50 15.93 -19.28
N LEU B 676 -13.74 16.16 -17.99
CA LEU B 676 -14.95 16.81 -17.53
C LEU B 676 -14.61 17.93 -16.55
N GLU B 677 -15.40 19.01 -16.61
CA GLU B 677 -15.26 20.14 -15.70
C GLU B 677 -16.56 20.35 -14.93
N HIS B 678 -16.44 20.83 -13.69
CA HIS B 678 -17.56 21.10 -12.82
C HIS B 678 -17.41 22.48 -12.20
N ASP B 679 -18.54 23.14 -11.95
CA ASP B 679 -18.50 24.46 -11.33
C ASP B 679 -18.45 24.32 -9.81
N LEU B 680 -18.44 25.46 -9.11
CA LEU B 680 -18.34 25.46 -7.66
C LEU B 680 -19.57 24.90 -6.97
N ARG B 681 -20.63 24.60 -7.71
CA ARG B 681 -21.80 23.89 -7.19
C ARG B 681 -21.71 22.40 -7.43
N GLY B 682 -20.59 21.90 -7.94
CA GLY B 682 -20.48 20.49 -8.24
C GLY B 682 -21.23 20.03 -9.47
N GLN B 683 -21.69 20.95 -10.31
CA GLN B 683 -22.49 20.59 -11.48
C GLN B 683 -21.62 20.60 -12.72
N GLU B 684 -21.84 19.64 -13.61
CA GLU B 684 -20.99 19.46 -14.78
C GLU B 684 -21.23 20.56 -15.80
N ILE B 685 -20.15 21.25 -16.18
CA ILE B 685 -20.26 22.33 -17.16
C ILE B 685 -19.66 21.97 -18.52
N SER B 686 -18.81 20.95 -18.61
CA SER B 686 -18.25 20.57 -19.90
C SER B 686 -17.70 19.16 -19.83
N ARG B 687 -17.81 18.46 -20.95
CA ARG B 687 -17.08 17.22 -21.20
C ARG B 687 -16.49 17.30 -22.60
N GLN B 688 -15.23 16.86 -22.74
CA GLN B 688 -14.52 17.01 -24.00
C GLN B 688 -13.57 15.85 -24.22
N SER B 689 -13.33 15.56 -25.49
CA SER B 689 -12.27 14.68 -25.94
C SER B 689 -11.43 15.43 -26.97
N GLU B 690 -10.10 15.27 -26.88
CA GLU B 690 -9.22 15.85 -27.88
C GLU B 690 -9.58 15.42 -29.29
N ALA B 691 -10.32 14.31 -29.44
CA ALA B 691 -10.77 13.86 -30.75
C ALA B 691 -11.77 14.83 -31.38
N GLY B 692 -12.44 15.66 -30.58
CA GLY B 692 -13.32 16.66 -31.13
C GLY B 692 -14.64 16.84 -30.39
N PHE B 693 -15.16 15.76 -29.80
CA PHE B 693 -16.44 15.84 -29.10
C PHE B 693 -16.36 16.82 -27.95
N SER B 694 -17.38 17.68 -27.84
CA SER B 694 -17.44 18.70 -26.80
C SER B 694 -18.89 18.99 -26.48
N LEU B 695 -19.22 18.99 -25.18
CA LEU B 695 -20.57 19.29 -24.71
C LEU B 695 -20.48 20.21 -23.51
N ARG B 696 -21.05 21.40 -23.61
CA ARG B 696 -21.16 22.34 -22.50
C ARG B 696 -22.57 22.34 -21.96
N GLN B 697 -22.70 22.53 -20.66
CA GLN B 697 -24.01 22.53 -20.02
C GLN B 697 -24.10 23.67 -19.00
N ASN B 698 -25.30 24.25 -18.89
CA ASN B 698 -25.53 25.35 -17.95
C ASN B 698 -26.87 25.16 -17.27
N TYR B 699 -27.05 25.87 -16.16
CA TYR B 699 -28.08 25.56 -15.19
C TYR B 699 -28.80 26.84 -14.75
N THR B 700 -30.01 26.66 -14.20
CA THR B 700 -30.77 27.77 -13.66
C THR B 700 -30.22 28.14 -12.29
N PRO B 701 -30.64 29.28 -11.73
CA PRO B 701 -30.19 29.64 -10.38
C PRO B 701 -30.50 28.59 -9.32
N THR B 702 -31.43 27.68 -9.56
CA THR B 702 -31.73 26.62 -8.60
C THR B 702 -31.12 25.28 -9.00
N GLY B 703 -30.24 25.26 -10.00
CA GLY B 703 -29.56 24.06 -10.38
C GLY B 703 -30.28 23.16 -11.36
N MET B 704 -31.37 23.62 -11.97
CA MET B 704 -32.01 22.83 -13.02
C MET B 704 -31.18 22.90 -14.28
N LEU B 705 -31.04 21.75 -14.95
CA LEU B 705 -30.38 21.72 -16.24
C LEU B 705 -31.22 22.50 -17.24
N THR B 706 -30.63 23.49 -17.89
CA THR B 706 -31.37 24.38 -18.78
C THR B 706 -30.68 24.63 -20.11
N GLY B 707 -29.41 24.30 -20.27
CA GLY B 707 -28.73 24.54 -21.53
C GLY B 707 -27.75 23.46 -21.91
N GLN B 708 -27.68 23.14 -23.21
CA GLN B 708 -26.66 22.25 -23.73
C GLN B 708 -26.18 22.80 -25.06
N GLN B 709 -24.86 22.84 -25.24
CA GLN B 709 -24.24 23.21 -26.51
C GLN B 709 -23.21 22.15 -26.85
N ALA B 710 -23.33 21.55 -28.03
CA ALA B 710 -22.37 20.57 -28.51
C ALA B 710 -21.70 21.10 -29.77
N GLY B 711 -20.38 20.94 -29.84
CA GLY B 711 -19.63 21.39 -30.99
C GLY B 711 -18.12 21.31 -30.84
N ARG B 722 -25.30 21.11 -38.95
CA ARG B 722 -26.45 20.27 -38.60
C ARG B 722 -26.03 18.84 -38.27
N ASN B 723 -24.76 18.51 -38.53
CA ASN B 723 -24.24 17.18 -38.22
C ASN B 723 -23.21 17.20 -37.10
N ASN B 724 -22.87 18.36 -36.55
CA ASN B 724 -21.95 18.42 -35.43
C ASN B 724 -22.32 19.44 -34.38
N THR B 725 -23.48 20.10 -34.50
CA THR B 725 -23.85 21.19 -33.61
C THR B 725 -25.22 20.93 -33.00
N LEU B 726 -25.28 21.02 -31.68
CA LEU B 726 -26.53 20.94 -30.94
C LEU B 726 -26.61 22.18 -30.06
N GLN B 727 -27.74 22.86 -30.13
CA GLN B 727 -28.07 23.94 -29.21
C GLN B 727 -29.41 23.59 -28.61
N ARG B 728 -29.45 23.44 -27.29
CA ARG B 728 -30.66 22.98 -26.65
C ARG B 728 -30.90 23.80 -25.39
N GLN B 729 -32.16 24.16 -25.18
CA GLN B 729 -32.58 24.98 -24.05
C GLN B 729 -33.82 24.34 -23.44
N TRP B 730 -33.84 24.24 -22.11
CA TRP B 730 -34.99 23.71 -21.38
C TRP B 730 -35.48 24.79 -20.44
N LEU B 731 -36.77 25.12 -20.54
CA LEU B 731 -37.37 26.16 -19.71
C LEU B 731 -38.50 25.55 -18.89
N TYR B 732 -38.59 25.98 -17.63
CA TYR B 732 -39.52 25.42 -16.66
C TYR B 732 -40.50 26.48 -16.19
N ASP B 733 -41.66 26.03 -15.70
CA ASP B 733 -42.56 26.94 -15.03
C ASP B 733 -42.17 27.05 -13.57
N LYS B 734 -42.92 27.86 -12.81
CA LYS B 734 -42.54 28.12 -11.43
C LYS B 734 -42.83 26.95 -10.50
N ALA B 735 -43.40 25.87 -11.02
CA ALA B 735 -43.51 24.59 -10.33
C ALA B 735 -42.49 23.58 -10.85
N TYR B 736 -41.60 24.02 -11.74
CA TYR B 736 -40.50 23.22 -12.26
C TYR B 736 -40.97 22.11 -13.21
N ASN B 737 -42.12 22.33 -13.85
CA ASN B 737 -42.51 21.51 -15.00
C ASN B 737 -41.75 21.98 -16.23
N LEU B 738 -41.25 21.03 -17.00
CA LEU B 738 -40.61 21.36 -18.25
C LEU B 738 -41.67 21.77 -19.25
N THR B 739 -41.75 23.07 -19.57
CA THR B 739 -42.80 23.58 -20.44
C THR B 739 -42.30 24.02 -21.81
N MET B 740 -40.98 24.16 -22.00
CA MET B 740 -40.47 24.48 -23.32
C MET B 740 -39.12 23.80 -23.55
N ILE B 741 -38.97 23.22 -24.74
CA ILE B 741 -37.71 22.69 -25.23
C ILE B 741 -37.41 23.39 -26.55
N SER B 742 -36.27 24.08 -26.63
CA SER B 742 -35.75 24.61 -27.88
C SER B 742 -34.58 23.74 -28.32
N ASP B 743 -34.76 23.02 -29.43
CA ASP B 743 -33.80 22.01 -29.87
C ASP B 743 -33.44 22.32 -31.32
N SER B 744 -32.15 22.59 -31.57
CA SER B 744 -31.72 22.97 -32.92
C SER B 744 -31.85 21.83 -33.91
N LEU B 745 -32.02 20.59 -33.45
CA LEU B 745 -32.19 19.45 -34.33
C LEU B 745 -33.65 19.05 -34.52
N ARG B 746 -34.56 19.53 -33.66
CA ARG B 746 -35.92 19.02 -33.63
C ARG B 746 -36.97 20.10 -33.74
N GLY B 747 -36.68 21.29 -33.20
CA GLY B 747 -37.65 22.37 -33.16
C GLY B 747 -37.96 22.79 -31.74
N THR B 748 -39.19 23.24 -31.53
CA THR B 748 -39.63 23.78 -30.24
C THR B 748 -40.79 22.96 -29.71
N MET B 749 -40.62 22.41 -28.51
CA MET B 749 -41.68 21.71 -27.79
C MET B 749 -42.29 22.65 -26.76
N VAL B 750 -43.62 22.74 -26.72
CA VAL B 750 -44.34 23.55 -25.75
C VAL B 750 -45.34 22.65 -25.03
N ASN B 751 -45.26 22.60 -23.71
CA ASN B 751 -46.08 21.71 -22.90
C ASN B 751 -46.98 22.51 -21.98
N SER B 752 -48.28 22.21 -22.02
CA SER B 752 -49.25 22.73 -21.08
C SER B 752 -49.49 21.69 -19.99
N VAL B 753 -49.63 22.15 -18.75
CA VAL B 753 -49.69 21.23 -17.61
C VAL B 753 -50.98 21.42 -16.83
N THR B 754 -51.42 20.34 -16.19
CA THR B 754 -52.58 20.35 -15.32
C THR B 754 -52.18 20.80 -13.91
N ALA B 755 -53.19 20.96 -13.05
CA ALA B 755 -52.89 21.30 -11.65
C ALA B 755 -52.14 20.19 -10.96
N ASN B 756 -52.21 18.96 -11.47
CA ASN B 756 -51.45 17.84 -10.95
C ASN B 756 -50.06 17.72 -11.59
N ASP B 757 -49.63 18.72 -12.34
CA ASP B 757 -48.32 18.72 -13.01
C ASP B 757 -48.19 17.61 -14.04
N GLN B 758 -49.31 17.23 -14.67
CA GLN B 758 -49.31 16.32 -15.81
C GLN B 758 -49.44 17.14 -17.09
N ILE B 759 -48.83 16.65 -18.16
CA ILE B 759 -48.87 17.36 -19.44
C ILE B 759 -50.16 17.03 -20.16
N SER B 760 -50.94 18.06 -20.48
CA SER B 760 -52.20 17.91 -21.18
C SER B 760 -52.08 18.18 -22.67
N HIS B 761 -51.05 18.92 -23.08
CA HIS B 761 -50.87 19.31 -24.47
C HIS B 761 -49.39 19.45 -24.73
N ALA B 762 -48.88 18.68 -25.69
CA ALA B 762 -47.47 18.69 -26.07
C ALA B 762 -47.38 18.91 -27.56
N THR B 763 -46.83 20.05 -27.98
CA THR B 763 -46.74 20.39 -29.39
C THR B 763 -45.27 20.55 -29.78
N TRP B 764 -44.91 20.00 -30.94
CA TRP B 764 -43.60 20.20 -31.53
C TRP B 764 -43.75 21.08 -32.76
N THR B 765 -43.05 22.20 -32.76
CA THR B 765 -43.19 23.22 -33.78
C THR B 765 -41.85 23.45 -34.46
N GLY B 766 -41.89 23.56 -35.78
CA GLY B 766 -40.73 24.02 -36.52
C GLY B 766 -40.77 25.53 -36.62
N SER B 767 -40.50 26.05 -37.80
CA SER B 767 -40.52 27.49 -38.03
C SER B 767 -41.89 28.02 -38.45
N SER B 768 -42.89 27.15 -38.59
CA SER B 768 -44.25 27.56 -38.90
C SER B 768 -45.06 27.82 -37.64
N ASP B 769 -46.07 28.68 -37.76
CA ASP B 769 -47.01 28.87 -36.64
C ASP B 769 -47.76 27.59 -36.34
N ILE B 770 -48.18 26.88 -37.39
CA ILE B 770 -48.92 25.63 -37.21
C ILE B 770 -47.98 24.57 -36.67
N PRO B 771 -48.31 23.90 -35.56
CA PRO B 771 -47.40 22.91 -35.00
C PRO B 771 -47.23 21.73 -35.94
N MET B 772 -46.00 21.20 -36.00
CA MET B 772 -45.77 20.02 -36.82
C MET B 772 -46.56 18.83 -36.29
N ARG B 773 -46.49 18.60 -34.98
CA ARG B 773 -47.23 17.50 -34.38
C ARG B 773 -47.62 17.86 -32.96
N GLU B 774 -48.79 17.37 -32.54
CA GLU B 774 -49.34 17.63 -31.21
C GLU B 774 -49.83 16.34 -30.59
N GLU B 775 -49.64 16.21 -29.28
CA GLU B 775 -50.32 15.18 -28.48
C GLU B 775 -51.16 15.90 -27.44
N ARG B 776 -52.42 15.51 -27.33
CA ARG B 776 -53.34 16.00 -26.32
C ARG B 776 -53.74 14.87 -25.39
N PHE B 777 -53.59 15.07 -24.09
CA PHE B 777 -53.91 14.04 -23.11
C PHE B 777 -54.97 14.53 -22.12
N ALA B 778 -55.76 13.58 -21.65
CA ALA B 778 -56.58 13.74 -20.46
C ALA B 778 -56.29 12.58 -19.52
N TYR B 779 -56.68 12.74 -18.27
CA TYR B 779 -56.34 11.80 -17.23
C TYR B 779 -57.56 11.56 -16.36
N ASP B 780 -57.64 10.37 -15.76
CA ASP B 780 -58.78 10.07 -14.90
C ASP B 780 -58.43 10.47 -13.47
N ARG B 781 -59.31 10.16 -12.52
CA ARG B 781 -59.09 10.62 -11.15
C ARG B 781 -57.83 10.03 -10.54
N ASN B 782 -57.38 8.87 -11.01
CA ASN B 782 -56.15 8.26 -10.53
C ASN B 782 -54.92 8.78 -11.27
N LEU B 783 -55.11 9.75 -12.17
CA LEU B 783 -54.07 10.35 -13.01
C LEU B 783 -53.58 9.41 -14.10
N ASN B 784 -54.34 8.35 -14.41
CA ASN B 784 -53.99 7.49 -15.53
C ASN B 784 -54.53 8.08 -16.84
N ILE B 785 -53.84 7.74 -17.93
CA ILE B 785 -54.22 8.26 -19.24
C ILE B 785 -55.62 7.81 -19.61
N THR B 786 -56.42 8.75 -20.12
CA THR B 786 -57.68 8.40 -20.73
C THR B 786 -57.60 8.71 -22.22
N ARG B 787 -57.69 9.98 -22.56
CA ARG B 787 -57.68 10.40 -23.96
C ARG B 787 -56.26 10.67 -24.43
N ARG B 788 -55.98 10.29 -25.67
CA ARG B 788 -54.78 10.74 -26.38
C ARG B 788 -55.20 11.10 -27.80
N GLN B 789 -55.13 12.37 -28.15
CA GLN B 789 -55.40 12.82 -29.51
C GLN B 789 -54.12 13.39 -30.11
N THR B 790 -53.87 13.06 -31.37
CA THR B 790 -52.73 13.59 -32.09
C THR B 790 -53.21 14.44 -33.25
N GLN B 791 -52.39 15.43 -33.59
CA GLN B 791 -52.58 16.23 -34.79
C GLN B 791 -51.27 16.35 -35.56
N VAL B 792 -51.39 16.48 -36.87
CA VAL B 792 -50.25 16.67 -37.76
C VAL B 792 -50.55 17.90 -38.61
N ASN B 793 -49.77 18.97 -38.42
CA ASN B 793 -49.95 20.23 -39.14
C ASN B 793 -51.36 20.80 -38.99
N GLY B 794 -51.93 20.68 -37.79
CA GLY B 794 -53.20 21.31 -37.51
C GLY B 794 -54.41 20.49 -37.89
N VAL B 795 -54.22 19.29 -38.42
CA VAL B 795 -55.34 18.43 -38.82
C VAL B 795 -55.40 17.25 -37.87
N PRO B 796 -56.59 16.84 -37.42
CA PRO B 796 -56.69 15.67 -36.55
C PRO B 796 -56.09 14.43 -37.22
N ASP B 797 -55.27 13.71 -36.48
CA ASP B 797 -54.52 12.56 -36.99
C ASP B 797 -55.01 11.24 -36.42
N SER B 798 -55.10 11.14 -35.10
CA SER B 798 -55.64 9.96 -34.45
C SER B 798 -56.27 10.38 -33.13
N GLU B 799 -57.17 9.54 -32.63
CA GLU B 799 -57.78 9.76 -31.33
C GLU B 799 -57.98 8.42 -30.65
N ALA B 800 -57.43 8.29 -29.45
CA ALA B 800 -57.60 7.11 -28.63
C ALA B 800 -58.26 7.49 -27.32
N TYR B 801 -59.10 6.59 -26.79
CA TYR B 801 -59.65 6.76 -25.46
C TYR B 801 -59.58 5.41 -24.77
N GLN B 802 -58.81 5.33 -23.70
CA GLN B 802 -58.64 4.09 -22.97
C GLN B 802 -59.34 4.19 -21.61
N HIS B 803 -59.65 3.03 -21.06
CA HIS B 803 -60.44 2.94 -19.84
C HIS B 803 -59.71 2.09 -18.83
N GLN B 804 -59.53 2.62 -17.63
CA GLN B 804 -58.98 1.87 -16.52
C GLN B 804 -60.08 1.24 -15.70
N GLN B 805 -59.79 0.06 -15.17
CA GLN B 805 -60.60 -0.56 -14.13
C GLN B 805 -59.65 -0.98 -13.02
N HIS B 806 -59.93 -0.54 -11.80
CA HIS B 806 -59.06 -0.81 -10.66
C HIS B 806 -57.63 -0.34 -10.92
N GLY B 807 -57.50 0.74 -11.70
CA GLY B 807 -56.20 1.35 -11.92
C GLY B 807 -55.39 0.78 -13.05
N ARG B 808 -55.92 -0.17 -13.83
CA ARG B 808 -55.17 -0.76 -14.94
C ARG B 808 -55.96 -0.67 -16.23
N VAL B 809 -55.24 -0.45 -17.34
CA VAL B 809 -55.89 -0.32 -18.64
C VAL B 809 -56.61 -1.62 -18.98
N THR B 810 -57.87 -1.51 -19.40
CA THR B 810 -58.69 -2.68 -19.63
C THR B 810 -59.29 -2.70 -21.03
N SER B 811 -59.58 -1.53 -21.59
CA SER B 811 -60.10 -1.47 -22.95
C SER B 811 -59.76 -0.09 -23.53
N ARG B 812 -59.91 0.03 -24.84
CA ARG B 812 -59.52 1.24 -25.54
C ARG B 812 -60.18 1.27 -26.91
N GLU B 813 -60.64 2.45 -27.31
CA GLU B 813 -61.14 2.67 -28.67
C GLU B 813 -60.14 3.59 -29.37
N TYR B 814 -59.94 3.36 -30.65
CA TYR B 814 -58.95 4.10 -31.42
C TYR B 814 -59.49 4.41 -32.80
N LYS B 815 -59.30 5.65 -33.24
CA LYS B 815 -59.61 6.06 -34.59
C LYS B 815 -58.40 6.78 -35.17
N ALA B 816 -58.25 6.66 -36.48
CA ALA B 816 -57.22 7.38 -37.22
C ALA B 816 -57.83 7.97 -38.47
N TRP B 817 -57.35 9.15 -38.85
CA TRP B 817 -57.92 9.89 -39.96
C TRP B 817 -56.90 10.09 -41.07
N ARG B 818 -57.41 10.21 -42.29
CA ARG B 818 -56.63 10.62 -43.44
C ARG B 818 -57.12 11.98 -43.90
N HIS B 819 -56.20 12.90 -44.13
CA HIS B 819 -56.52 14.26 -44.55
C HIS B 819 -56.65 14.29 -46.06
N THR B 820 -57.86 14.54 -46.56
CA THR B 820 -58.10 14.59 -47.99
C THR B 820 -58.36 16.04 -48.42
N PHE B 836 -62.03 18.43 -44.82
CA PHE B 836 -61.90 17.12 -45.46
C PHE B 836 -61.08 16.16 -44.61
N VAL B 837 -61.76 15.35 -43.81
CA VAL B 837 -61.11 14.37 -42.94
C VAL B 837 -61.98 13.11 -42.91
N ARG B 838 -61.36 11.94 -43.07
CA ARG B 838 -62.08 10.68 -43.14
C ARG B 838 -61.42 9.63 -42.25
N VAL B 839 -62.25 8.84 -41.57
CA VAL B 839 -61.75 7.75 -40.72
C VAL B 839 -61.19 6.63 -41.58
N ILE B 840 -60.01 6.14 -41.23
CA ILE B 840 -59.42 5.00 -41.92
C ILE B 840 -59.14 3.83 -40.99
N ARG B 841 -59.26 4.00 -39.68
CA ARG B 841 -59.09 2.92 -38.72
C ARG B 841 -60.05 3.16 -37.57
N ASP B 842 -60.73 2.10 -37.14
CA ASP B 842 -61.61 2.17 -35.97
C ASP B 842 -61.49 0.81 -35.28
N GLU B 843 -60.72 0.75 -34.20
CA GLU B 843 -60.37 -0.53 -33.62
C GLU B 843 -60.43 -0.44 -32.11
N GLN B 844 -60.85 -1.55 -31.51
CA GLN B 844 -60.97 -1.66 -30.06
C GLN B 844 -59.96 -2.68 -29.53
N THR B 845 -59.31 -2.31 -28.43
CA THR B 845 -58.37 -3.17 -27.74
C THR B 845 -58.91 -3.57 -26.36
N THR B 846 -58.69 -4.83 -25.99
CA THR B 846 -58.99 -5.34 -24.66
C THR B 846 -57.72 -5.83 -24.01
N TRP B 847 -57.67 -5.70 -22.69
CA TRP B 847 -56.58 -6.20 -21.87
C TRP B 847 -57.16 -7.18 -20.87
N LYS B 848 -56.51 -8.33 -20.70
CA LYS B 848 -56.95 -9.31 -19.71
C LYS B 848 -55.83 -9.69 -18.78
N TYR B 849 -56.12 -9.67 -17.48
CA TYR B 849 -55.18 -9.93 -16.41
C TYR B 849 -55.55 -11.24 -15.71
N ASP B 850 -54.54 -11.92 -15.19
CA ASP B 850 -54.80 -13.12 -14.40
C ASP B 850 -55.10 -12.74 -12.95
N VAL B 851 -55.30 -13.75 -12.11
CA VAL B 851 -55.69 -13.49 -10.72
C VAL B 851 -54.55 -12.89 -9.91
N ASN B 852 -53.30 -12.99 -10.39
CA ASN B 852 -52.17 -12.34 -9.74
C ASN B 852 -51.92 -10.93 -10.26
N GLY B 853 -52.81 -10.40 -11.11
CA GLY B 853 -52.68 -9.02 -11.55
C GLY B 853 -51.76 -8.80 -12.73
N ARG B 854 -51.37 -9.84 -13.45
CA ARG B 854 -50.44 -9.70 -14.57
C ARG B 854 -51.20 -9.79 -15.89
N LEU B 855 -50.86 -8.90 -16.82
CA LEU B 855 -51.45 -8.92 -18.14
C LEU B 855 -51.12 -10.23 -18.87
N VAL B 856 -52.14 -10.98 -19.26
CA VAL B 856 -51.94 -12.22 -20.00
C VAL B 856 -52.40 -12.14 -21.45
N GLU B 857 -53.21 -11.16 -21.82
CA GLU B 857 -53.66 -11.05 -23.20
C GLU B 857 -54.00 -9.61 -23.54
N LYS B 858 -53.48 -9.12 -24.67
CA LYS B 858 -53.89 -7.84 -25.22
C LYS B 858 -54.36 -8.10 -26.63
N LEU B 859 -55.64 -7.85 -26.87
CA LEU B 859 -56.26 -8.17 -28.15
C LEU B 859 -56.59 -6.84 -28.83
N ILE B 860 -55.92 -6.58 -29.94
CA ILE B 860 -56.08 -5.34 -30.69
C ILE B 860 -57.01 -5.59 -31.86
N ASP B 861 -57.88 -4.62 -32.13
CA ASP B 861 -58.89 -4.73 -33.17
C ASP B 861 -59.72 -6.00 -32.96
N LYS B 862 -60.29 -6.12 -31.77
CA LYS B 862 -61.03 -7.30 -31.38
C LYS B 862 -62.10 -7.70 -32.39
N GLY B 863 -62.60 -6.76 -33.18
CA GLY B 863 -63.61 -7.10 -34.17
C GLY B 863 -63.36 -6.55 -35.56
N GLY B 864 -62.13 -6.15 -35.84
CA GLY B 864 -61.78 -5.50 -37.09
C GLY B 864 -61.36 -6.44 -38.19
N TYR B 865 -60.61 -5.90 -39.16
CA TYR B 865 -60.32 -6.64 -40.37
C TYR B 865 -59.52 -7.91 -40.09
N ARG B 866 -58.49 -7.82 -39.24
CA ARG B 866 -57.83 -9.02 -38.75
C ARG B 866 -57.27 -8.69 -37.37
N PRO B 867 -57.51 -9.53 -36.37
CA PRO B 867 -57.08 -9.20 -35.01
C PRO B 867 -55.59 -9.46 -34.79
N LEU B 868 -55.01 -8.64 -33.92
CA LEU B 868 -53.63 -8.79 -33.47
C LEU B 868 -53.65 -9.12 -31.98
N ARG B 869 -53.22 -10.33 -31.63
CA ARG B 869 -53.26 -10.80 -30.25
C ARG B 869 -51.83 -10.98 -29.71
N TRP B 870 -51.56 -10.37 -28.56
CA TRP B 870 -50.37 -10.64 -27.78
C TRP B 870 -50.74 -11.47 -26.56
N ARG B 871 -49.96 -12.51 -26.28
CA ARG B 871 -50.11 -13.28 -25.05
C ARG B 871 -48.83 -13.19 -24.22
N TYR B 872 -48.99 -13.28 -22.91
CA TYR B 872 -47.88 -13.07 -21.97
C TYR B 872 -47.90 -14.17 -20.92
N ARG B 873 -46.74 -14.80 -20.70
CA ARG B 873 -46.56 -15.86 -19.73
C ARG B 873 -45.66 -15.37 -18.59
N TRP B 874 -45.94 -15.85 -17.38
CA TRP B 874 -45.32 -15.30 -16.18
C TRP B 874 -44.86 -16.42 -15.26
N ASP B 875 -43.81 -16.15 -14.48
CA ASP B 875 -43.41 -17.07 -13.43
C ASP B 875 -44.01 -16.62 -12.10
N ALA B 876 -43.72 -17.39 -11.03
CA ALA B 876 -44.37 -17.12 -9.75
C ALA B 876 -43.99 -15.76 -9.18
N ARG B 877 -42.83 -15.22 -9.56
CA ARG B 877 -42.39 -13.91 -9.10
C ARG B 877 -42.88 -12.78 -9.99
N SER B 878 -43.83 -13.05 -10.88
CA SER B 878 -44.38 -12.05 -11.79
C SER B 878 -43.30 -11.45 -12.70
N GLN B 879 -42.42 -12.31 -13.20
CA GLN B 879 -41.48 -11.93 -14.24
C GLN B 879 -41.99 -12.47 -15.57
N LEU B 880 -41.94 -11.63 -16.60
CA LEU B 880 -42.37 -12.03 -17.93
C LEU B 880 -41.39 -13.06 -18.49
N THR B 881 -41.78 -14.33 -18.46
CA THR B 881 -40.91 -15.38 -18.97
C THR B 881 -41.17 -15.70 -20.43
N GLY B 882 -42.35 -15.38 -20.95
CA GLY B 882 -42.69 -15.75 -22.31
C GLY B 882 -43.63 -14.74 -22.93
N LEU B 883 -43.49 -14.56 -24.23
CA LEU B 883 -44.34 -13.65 -24.98
C LEU B 883 -44.65 -14.28 -26.34
N GLU B 884 -45.92 -14.20 -26.74
CA GLU B 884 -46.36 -14.70 -28.03
C GLU B 884 -46.90 -13.54 -28.85
N THR B 885 -46.36 -13.38 -30.06
CA THR B 885 -46.73 -12.27 -30.94
C THR B 885 -48.00 -12.59 -31.72
N PRO B 886 -48.60 -11.59 -32.37
CA PRO B 886 -49.77 -11.87 -33.20
C PRO B 886 -49.51 -12.87 -34.31
N GLU B 887 -48.26 -13.05 -34.73
CA GLU B 887 -47.91 -13.98 -35.78
C GLU B 887 -47.52 -15.35 -35.23
N GLY B 888 -47.68 -15.58 -33.93
CA GLY B 888 -47.39 -16.87 -33.34
C GLY B 888 -45.95 -17.07 -32.90
N GLU B 889 -45.10 -16.08 -33.10
CA GLU B 889 -43.72 -16.18 -32.67
C GLU B 889 -43.64 -16.11 -31.15
N ARG B 890 -42.78 -16.96 -30.58
CA ARG B 890 -42.62 -17.09 -29.14
C ARG B 890 -41.22 -16.64 -28.74
N ARG B 891 -41.15 -15.71 -27.79
CA ARG B 891 -39.91 -15.30 -27.17
C ARG B 891 -39.87 -15.81 -25.73
N GLU B 892 -38.68 -16.10 -25.25
CA GLU B 892 -38.48 -16.54 -23.88
C GLU B 892 -37.43 -15.66 -23.22
N TYR B 893 -37.72 -15.24 -21.99
CA TYR B 893 -36.85 -14.36 -21.23
C TYR B 893 -36.45 -15.06 -19.94
N LYS B 894 -35.17 -14.97 -19.59
CA LYS B 894 -34.66 -15.56 -18.37
C LYS B 894 -34.01 -14.50 -17.51
N TYR B 895 -34.02 -14.74 -16.19
CA TYR B 895 -33.68 -13.72 -15.21
C TYR B 895 -32.80 -14.33 -14.14
N ASP B 896 -31.86 -13.53 -13.63
CA ASP B 896 -30.96 -13.97 -12.58
C ASP B 896 -31.69 -13.86 -11.23
N PRO B 897 -31.06 -14.29 -10.13
CA PRO B 897 -31.75 -14.23 -8.82
C PRO B 897 -32.16 -12.84 -8.37
N PHE B 898 -31.77 -11.78 -9.06
CA PHE B 898 -32.12 -10.43 -8.67
C PHE B 898 -33.11 -9.78 -9.63
N GLY B 899 -33.75 -10.56 -10.49
CA GLY B 899 -34.68 -9.98 -11.45
C GLY B 899 -34.02 -9.30 -12.63
N ARG B 900 -32.71 -9.45 -12.79
CA ARG B 900 -32.03 -8.90 -13.95
C ARG B 900 -32.16 -9.90 -15.11
N ARG B 901 -32.75 -9.45 -16.22
CA ARG B 901 -32.90 -10.30 -17.38
C ARG B 901 -31.53 -10.56 -18.02
N ILE B 902 -31.13 -11.82 -18.12
CA ILE B 902 -29.83 -12.18 -18.67
C ILE B 902 -29.91 -12.76 -20.07
N SER B 903 -31.09 -13.11 -20.57
CA SER B 903 -31.15 -13.63 -21.92
C SER B 903 -32.54 -13.43 -22.53
N LYS B 904 -32.55 -13.41 -23.85
CA LYS B 904 -33.76 -13.33 -24.67
C LYS B 904 -33.57 -14.29 -25.84
N ARG B 905 -34.55 -15.16 -26.07
CA ARG B 905 -34.45 -16.15 -27.14
C ARG B 905 -35.79 -16.29 -27.86
N CYS B 906 -35.72 -16.58 -29.15
CA CYS B 906 -36.89 -16.96 -29.93
C CYS B 906 -36.90 -18.48 -30.04
N THR B 907 -37.96 -19.11 -29.55
CA THR B 907 -37.97 -20.55 -29.34
C THR B 907 -38.62 -21.34 -30.47
N ASN B 908 -39.33 -20.68 -31.40
CA ASN B 908 -39.99 -21.42 -32.48
C ASN B 908 -39.76 -20.75 -33.83
N ARG B 909 -38.82 -19.83 -33.94
CA ARG B 909 -38.41 -19.27 -35.21
C ARG B 909 -36.90 -19.19 -35.26
N ASP B 910 -36.36 -19.21 -36.49
CA ASP B 910 -34.92 -19.13 -36.71
C ASP B 910 -34.51 -17.66 -36.69
N ARG B 911 -34.46 -17.11 -35.48
CA ARG B 911 -34.15 -15.72 -35.24
C ARG B 911 -33.07 -15.64 -34.16
N PRO B 912 -32.21 -14.63 -34.21
CA PRO B 912 -31.12 -14.55 -33.22
C PRO B 912 -31.65 -14.16 -31.85
N GLY B 913 -30.79 -14.35 -30.86
CA GLY B 913 -31.11 -14.00 -29.49
C GLY B 913 -30.21 -12.93 -28.93
N THR B 914 -30.29 -12.69 -27.63
CA THR B 914 -29.45 -11.69 -26.96
C THR B 914 -29.13 -12.19 -25.56
N ASP B 915 -27.87 -12.04 -25.17
CA ASP B 915 -27.45 -12.20 -23.78
C ASP B 915 -27.18 -10.82 -23.18
N PHE B 916 -27.35 -10.71 -21.87
CA PHE B 916 -27.23 -9.43 -21.19
C PHE B 916 -26.30 -9.56 -19.99
N HIS B 917 -25.33 -8.66 -19.90
CA HIS B 917 -24.44 -8.55 -18.76
C HIS B 917 -24.80 -7.31 -17.94
N TRP B 918 -24.65 -7.40 -16.63
CA TRP B 918 -24.99 -6.30 -15.74
C TRP B 918 -23.83 -5.97 -14.83
N ASN B 919 -23.79 -4.71 -14.39
CA ASN B 919 -22.99 -4.28 -13.24
C ASN B 919 -23.97 -3.71 -12.25
N GLY B 920 -24.22 -4.43 -11.16
CA GLY B 920 -25.21 -3.99 -10.21
C GLY B 920 -26.55 -3.89 -10.92
N ASP B 921 -27.19 -2.72 -10.80
CA ASP B 921 -28.49 -2.48 -11.42
C ASP B 921 -28.40 -1.96 -12.84
N GLN B 922 -27.21 -1.77 -13.38
CA GLN B 922 -27.04 -1.22 -14.72
C GLN B 922 -26.85 -2.34 -15.73
N LEU B 923 -27.56 -2.23 -16.85
CA LEU B 923 -27.34 -3.11 -18.00
C LEU B 923 -26.13 -2.58 -18.74
N THR B 924 -25.04 -3.35 -18.74
CA THR B 924 -23.79 -2.88 -19.31
C THR B 924 -23.44 -3.49 -20.66
N GLU B 925 -24.03 -4.62 -21.02
CA GLU B 925 -23.73 -5.27 -22.30
C GLU B 925 -24.97 -5.96 -22.84
N GLU B 926 -25.24 -5.75 -24.12
CA GLU B 926 -26.14 -6.60 -24.89
C GLU B 926 -25.28 -7.35 -25.89
N ILE B 927 -25.35 -8.68 -25.84
CA ILE B 927 -24.47 -9.55 -26.61
C ILE B 927 -25.34 -10.34 -27.59
N PRO B 928 -25.18 -10.15 -28.90
CA PRO B 928 -25.99 -10.90 -29.86
C PRO B 928 -25.65 -12.39 -29.79
N VAL B 929 -26.67 -13.22 -29.90
CA VAL B 929 -26.52 -14.66 -29.87
C VAL B 929 -27.03 -15.21 -31.20
N GLY B 930 -26.17 -15.93 -31.90
CA GLY B 930 -26.56 -16.52 -33.16
C GLY B 930 -27.70 -17.53 -33.01
N THR B 931 -28.28 -17.88 -34.15
CA THR B 931 -29.37 -18.84 -34.14
C THR B 931 -28.92 -20.22 -33.68
N ASP B 932 -27.63 -20.53 -33.80
CA ASP B 932 -27.08 -21.78 -33.28
C ASP B 932 -26.85 -21.74 -31.78
N GLY B 933 -27.18 -20.62 -31.11
CA GLY B 933 -27.00 -20.51 -29.68
C GLY B 933 -25.62 -20.07 -29.23
N THR B 934 -24.77 -19.61 -30.14
CA THR B 934 -23.43 -19.19 -29.79
C THR B 934 -23.39 -17.69 -29.52
N PRO B 935 -22.99 -17.25 -28.32
CA PRO B 935 -22.88 -15.81 -28.08
C PRO B 935 -21.71 -15.22 -28.86
N GLU B 936 -21.92 -14.04 -29.41
CA GLU B 936 -20.89 -13.34 -30.20
C GLU B 936 -20.29 -12.26 -29.30
N TYR B 937 -19.44 -12.70 -28.38
CA TYR B 937 -18.89 -11.78 -27.38
C TYR B 937 -18.10 -10.65 -28.04
N GLU B 938 -17.50 -10.92 -29.20
CA GLU B 938 -16.79 -9.89 -29.94
C GLU B 938 -17.73 -8.83 -30.50
N ASN B 939 -19.03 -9.13 -30.61
CA ASN B 939 -20.01 -8.19 -31.13
C ASN B 939 -20.81 -7.51 -30.03
N ALA B 940 -20.33 -7.57 -28.78
CA ALA B 940 -21.05 -6.99 -27.67
C ALA B 940 -21.17 -5.48 -27.82
N ILE B 941 -22.32 -4.94 -27.41
CA ILE B 941 -22.52 -3.50 -27.31
C ILE B 941 -22.43 -3.14 -25.84
N ARG B 942 -21.43 -2.34 -25.49
CA ARG B 942 -21.18 -1.93 -24.11
C ARG B 942 -21.80 -0.56 -23.87
N TRP B 943 -22.70 -0.47 -22.88
CA TRP B 943 -23.25 0.80 -22.44
C TRP B 943 -22.49 1.25 -21.20
N ILE B 944 -21.91 2.44 -21.28
CA ILE B 944 -20.96 2.92 -20.29
C ILE B 944 -21.68 3.82 -19.29
N TYR B 945 -21.67 3.42 -18.02
CA TYR B 945 -22.19 4.22 -16.94
C TYR B 945 -21.11 4.43 -15.88
N GLU B 946 -21.13 5.60 -15.25
CA GLU B 946 -20.43 5.74 -13.98
C GLU B 946 -21.00 4.70 -13.02
N PRO B 947 -20.16 4.05 -12.21
CA PRO B 947 -20.66 3.01 -11.31
C PRO B 947 -21.85 3.49 -10.49
N GLY B 948 -22.94 2.71 -10.52
CA GLY B 948 -24.13 3.02 -9.77
C GLY B 948 -25.03 4.10 -10.36
N SER B 949 -24.64 4.73 -11.46
CA SER B 949 -25.48 5.74 -12.11
C SER B 949 -26.33 5.10 -13.21
N PHE B 950 -27.53 5.65 -13.40
CA PHE B 950 -28.42 5.20 -14.45
C PHE B 950 -28.36 6.07 -15.71
N THR B 951 -27.49 7.07 -15.76
CA THR B 951 -27.42 7.96 -16.92
C THR B 951 -26.25 7.54 -17.81
N PRO B 952 -26.50 7.13 -19.04
CA PRO B 952 -25.41 6.62 -19.88
C PRO B 952 -24.48 7.72 -20.35
N LEU B 953 -23.17 7.41 -20.31
CA LEU B 953 -22.12 8.32 -20.72
C LEU B 953 -21.56 8.03 -22.10
N ALA B 954 -21.51 6.76 -22.50
CA ALA B 954 -20.87 6.39 -23.75
C ALA B 954 -21.39 5.04 -24.19
N ARG B 955 -20.83 4.54 -25.29
CA ARG B 955 -21.23 3.32 -25.97
C ARG B 955 -20.01 2.79 -26.71
N TYR B 956 -19.76 1.49 -26.60
CA TYR B 956 -18.56 0.88 -27.19
C TYR B 956 -18.92 -0.42 -27.87
N GLU B 957 -18.74 -0.48 -29.19
CA GLU B 957 -19.06 -1.67 -29.98
C GLU B 957 -18.01 -1.89 -31.07
N LYS B 958 -17.45 -3.10 -31.11
CA LYS B 958 -16.46 -3.49 -32.11
C LYS B 958 -15.33 -2.47 -32.20
N GLY B 959 -14.84 -2.06 -31.03
CA GLY B 959 -13.76 -1.10 -30.98
C GLY B 959 -14.13 0.32 -31.32
N GLN B 960 -15.42 0.61 -31.49
CA GLN B 960 -15.85 1.96 -31.83
C GLN B 960 -16.56 2.62 -30.64
N LEU B 961 -16.10 3.81 -30.30
CA LEU B 961 -16.61 4.57 -29.15
C LEU B 961 -17.55 5.67 -29.64
N HIS B 962 -18.74 5.74 -29.05
CA HIS B 962 -19.67 6.85 -29.24
C HIS B 962 -19.95 7.50 -27.90
N TYR B 963 -20.12 8.82 -27.89
CA TYR B 963 -20.52 9.52 -26.69
C TYR B 963 -22.01 9.87 -26.74
N THR B 964 -22.63 9.91 -25.57
CA THR B 964 -24.04 10.22 -25.44
C THR B 964 -24.22 11.70 -25.13
N ILE B 965 -25.34 12.25 -25.57
CA ILE B 965 -25.93 13.46 -25.00
C ILE B 965 -27.30 13.06 -24.48
N THR B 966 -27.54 13.32 -23.20
CA THR B 966 -28.77 12.91 -22.53
C THR B 966 -29.58 14.13 -22.10
N ASP B 967 -30.88 13.91 -21.87
CA ASP B 967 -31.82 14.98 -21.60
C ASP B 967 -32.06 15.11 -20.10
N THR B 968 -33.08 15.90 -19.72
CA THR B 968 -33.30 16.23 -18.32
C THR B 968 -33.74 15.02 -17.49
N VAL B 969 -34.16 13.93 -18.11
CA VAL B 969 -34.47 12.72 -17.37
C VAL B 969 -33.44 11.62 -17.63
N GLY B 970 -32.26 11.98 -18.16
CA GLY B 970 -31.20 11.01 -18.36
C GLY B 970 -31.36 10.11 -19.57
N ARG B 971 -32.22 10.45 -20.51
CA ARG B 971 -32.44 9.64 -21.71
C ARG B 971 -31.56 10.13 -22.85
N ILE B 972 -30.97 9.17 -23.58
CA ILE B 972 -30.11 9.49 -24.72
C ILE B 972 -30.94 10.16 -25.80
N GLN B 973 -30.51 11.35 -26.22
CA GLN B 973 -31.08 12.00 -27.39
C GLN B 973 -30.17 11.95 -28.61
N GLU B 974 -28.85 11.93 -28.41
CA GLU B 974 -27.91 11.86 -29.52
C GLU B 974 -26.76 10.93 -29.17
N LEU B 975 -26.27 10.24 -30.19
CA LEU B 975 -25.01 9.52 -30.13
C LEU B 975 -24.03 10.23 -31.06
N LEU B 976 -22.82 10.47 -30.58
CA LEU B 976 -21.82 11.18 -31.38
C LEU B 976 -20.55 10.34 -31.46
N THR B 977 -19.87 10.45 -32.60
CA THR B 977 -18.54 9.85 -32.73
C THR B 977 -17.56 10.62 -31.85
N GLU B 978 -16.34 10.06 -31.75
CA GLU B 978 -15.34 10.69 -30.90
C GLU B 978 -15.01 12.10 -31.36
N ASP B 979 -15.14 12.38 -32.65
CA ASP B 979 -14.84 13.69 -33.18
C ASP B 979 -16.03 14.64 -33.16
N GLY B 980 -17.17 14.20 -32.63
CA GLY B 980 -18.33 15.05 -32.48
C GLY B 980 -19.38 14.97 -33.56
N THR B 981 -19.25 14.05 -34.51
CA THR B 981 -20.27 13.90 -35.55
C THR B 981 -21.48 13.17 -34.98
N ILE B 982 -22.66 13.75 -35.16
CA ILE B 982 -23.91 13.16 -34.69
C ILE B 982 -24.33 12.05 -35.66
N VAL B 983 -24.49 10.83 -35.15
CA VAL B 983 -24.87 9.68 -35.98
C VAL B 983 -26.14 9.01 -35.50
N TRP B 984 -26.72 9.44 -34.38
CA TRP B 984 -28.02 8.94 -33.95
C TRP B 984 -28.77 10.08 -33.29
N ARG B 985 -30.01 10.29 -33.73
CA ARG B 985 -30.88 11.30 -33.13
C ARG B 985 -32.18 10.63 -32.72
N GLY B 986 -32.57 10.82 -31.46
CA GLY B 986 -33.84 10.29 -31.00
C GLY B 986 -34.99 11.21 -31.36
N LYS B 987 -36.18 10.61 -31.46
CA LYS B 987 -37.41 11.36 -31.64
C LYS B 987 -38.51 10.59 -30.93
N GLN B 988 -39.19 11.23 -29.98
CA GLN B 988 -40.10 10.53 -29.10
C GLN B 988 -41.46 11.20 -29.06
N HIS B 989 -42.46 10.38 -28.72
CA HIS B 989 -43.73 10.86 -28.19
C HIS B 989 -43.60 11.02 -26.68
N LEU B 990 -44.58 11.72 -26.09
CA LEU B 990 -44.44 12.14 -24.69
C LEU B 990 -44.13 10.96 -23.77
N TRP B 991 -44.91 9.89 -23.86
CA TRP B 991 -44.74 8.78 -22.93
C TRP B 991 -43.68 7.79 -23.37
N GLY B 992 -42.89 8.13 -24.39
CA GLY B 992 -41.63 7.45 -24.62
C GLY B 992 -41.49 6.71 -25.93
N ARG B 993 -42.53 6.62 -26.78
CA ARG B 993 -42.40 5.92 -28.04
C ARG B 993 -41.30 6.56 -28.88
N GLU B 994 -40.26 5.78 -29.18
CA GLU B 994 -39.13 6.27 -29.96
C GLU B 994 -39.37 5.96 -31.43
N GLU B 995 -39.34 6.99 -32.27
CA GLU B 995 -39.58 6.83 -33.70
C GLU B 995 -38.53 7.49 -34.58
N GLY B 996 -37.39 7.88 -34.00
CA GLY B 996 -36.35 8.50 -34.79
C GLY B 996 -35.88 7.62 -35.92
N ARG B 997 -35.79 8.19 -37.12
CA ARG B 997 -35.25 7.47 -38.27
C ARG B 997 -33.78 7.85 -38.44
N ASN B 998 -32.91 6.84 -38.47
CA ASN B 998 -31.49 7.04 -38.63
C ASN B 998 -30.96 6.12 -39.72
N LYS B 999 -29.79 6.47 -40.26
CA LYS B 999 -29.22 5.72 -41.37
C LYS B 999 -28.97 4.26 -40.99
N ASP B 1000 -28.80 3.42 -42.02
CA ASP B 1000 -28.61 1.99 -41.80
C ASP B 1000 -27.40 1.71 -40.93
N ASP B 1001 -26.30 2.40 -41.19
CA ASP B 1001 -25.06 2.18 -40.48
C ASP B 1001 -24.97 2.99 -39.20
N ALA B 1002 -26.05 3.61 -38.77
CA ALA B 1002 -26.04 4.30 -37.49
C ALA B 1002 -25.96 3.26 -36.37
N PRO B 1003 -25.26 3.57 -35.29
CA PRO B 1003 -25.24 2.66 -34.15
C PRO B 1003 -26.65 2.51 -33.58
N SER B 1004 -26.95 1.31 -33.09
CA SER B 1004 -28.25 1.10 -32.49
C SER B 1004 -28.30 1.74 -31.10
N CYS B 1005 -29.50 2.14 -30.70
CA CYS B 1005 -29.69 2.71 -29.37
C CYS B 1005 -31.09 2.29 -28.91
N ARG B 1006 -31.15 1.24 -28.10
CA ARG B 1006 -32.41 0.73 -27.59
C ARG B 1006 -32.72 1.22 -26.18
N LEU B 1007 -31.85 2.03 -25.59
CA LEU B 1007 -32.13 2.61 -24.28
C LEU B 1007 -33.18 3.70 -24.41
N ARG B 1008 -34.07 3.77 -23.41
CA ARG B 1008 -35.19 4.71 -23.44
C ARG B 1008 -35.08 5.56 -22.18
N PHE B 1009 -36.12 5.61 -21.35
CA PHE B 1009 -36.01 6.23 -20.04
C PHE B 1009 -35.00 5.45 -19.20
N PRO B 1010 -34.48 6.05 -18.13
CA PRO B 1010 -33.50 5.35 -17.28
C PRO B 1010 -33.94 3.94 -16.94
N GLY B 1011 -33.02 2.99 -17.16
CA GLY B 1011 -33.26 1.60 -16.85
C GLY B 1011 -34.16 0.87 -17.82
N GLN B 1012 -34.48 1.47 -18.96
CA GLN B 1012 -35.38 0.86 -19.94
C GLN B 1012 -34.63 0.46 -21.20
N TYR B 1013 -35.07 -0.66 -21.78
CA TYR B 1013 -34.49 -1.24 -22.99
C TYR B 1013 -35.64 -1.72 -23.87
N GLU B 1014 -35.73 -1.19 -25.09
CA GLU B 1014 -36.83 -1.54 -25.97
C GLU B 1014 -36.59 -2.91 -26.59
N ASP B 1015 -37.56 -3.80 -26.42
CA ASP B 1015 -37.56 -5.09 -27.11
C ASP B 1015 -38.21 -4.87 -28.47
N GLU B 1016 -37.43 -5.02 -29.54
CA GLU B 1016 -37.91 -4.73 -30.88
C GLU B 1016 -38.94 -5.74 -31.34
N GLU B 1017 -38.99 -6.92 -30.75
CA GLU B 1017 -39.97 -7.92 -31.13
C GLU B 1017 -41.36 -7.61 -30.59
N SER B 1018 -41.48 -6.69 -29.63
CA SER B 1018 -42.78 -6.42 -29.02
C SER B 1018 -43.11 -4.93 -28.95
N GLY B 1019 -42.09 -4.08 -28.93
CA GLY B 1019 -42.30 -2.67 -28.65
C GLY B 1019 -42.37 -2.31 -27.19
N LEU B 1020 -42.35 -3.30 -26.30
CA LEU B 1020 -42.28 -3.08 -24.86
C LEU B 1020 -40.91 -2.55 -24.45
N TYR B 1021 -40.88 -1.77 -23.38
CA TYR B 1021 -39.64 -1.29 -22.77
C TYR B 1021 -39.37 -2.13 -21.52
N TYR B 1022 -38.41 -3.03 -21.59
CA TYR B 1022 -38.02 -3.79 -20.40
C TYR B 1022 -37.39 -2.83 -19.40
N ASN B 1023 -37.83 -2.94 -18.15
CA ASN B 1023 -37.56 -1.91 -17.13
C ASN B 1023 -37.23 -2.61 -15.82
N ARG B 1024 -36.31 -3.57 -15.90
CA ARG B 1024 -35.77 -4.30 -14.74
C ARG B 1024 -36.79 -5.25 -14.13
N PHE B 1025 -37.62 -4.77 -13.20
CA PHE B 1025 -38.57 -5.66 -12.53
C PHE B 1025 -39.92 -5.74 -13.25
N ARG B 1026 -40.20 -4.85 -14.19
CA ARG B 1026 -41.46 -4.87 -14.91
C ARG B 1026 -41.23 -4.39 -16.34
N TYR B 1027 -42.22 -4.64 -17.19
CA TYR B 1027 -42.22 -4.19 -18.57
C TYR B 1027 -43.19 -3.02 -18.74
N TYR B 1028 -42.78 -2.02 -19.52
CA TYR B 1028 -43.51 -0.77 -19.65
C TYR B 1028 -44.06 -0.63 -21.07
N ASP B 1029 -45.35 -0.27 -21.15
CA ASP B 1029 -46.04 -0.03 -22.40
C ASP B 1029 -46.17 1.49 -22.56
N CYS B 1030 -45.38 2.07 -23.46
CA CYS B 1030 -45.31 3.52 -23.59
C CYS B 1030 -46.52 4.11 -24.31
N GLU B 1031 -47.47 3.27 -24.72
CA GLU B 1031 -48.72 3.74 -25.31
C GLU B 1031 -49.77 3.97 -24.24
N ALA B 1032 -50.04 2.93 -23.44
CA ALA B 1032 -50.94 3.06 -22.30
C ALA B 1032 -50.31 3.75 -21.11
N GLY B 1033 -48.99 3.93 -21.11
CA GLY B 1033 -48.30 4.58 -20.01
C GLY B 1033 -48.27 3.77 -18.73
N GLN B 1034 -48.31 2.44 -18.83
CA GLN B 1034 -48.47 1.59 -17.66
C GLN B 1034 -47.56 0.37 -17.77
N TYR B 1035 -47.19 -0.17 -16.61
CA TYR B 1035 -46.51 -1.45 -16.54
C TYR B 1035 -47.52 -2.58 -16.75
N LEU B 1036 -47.00 -3.75 -17.13
CA LEU B 1036 -47.86 -4.88 -17.48
C LEU B 1036 -48.29 -5.73 -16.30
N CYS B 1037 -47.80 -5.45 -15.10
CA CYS B 1037 -48.30 -6.15 -13.91
C CYS B 1037 -48.22 -5.21 -12.72
N ALA B 1038 -48.79 -5.65 -11.60
CA ALA B 1038 -48.82 -4.82 -10.41
C ALA B 1038 -47.42 -4.66 -9.86
N ASP B 1039 -47.18 -3.49 -9.26
CA ASP B 1039 -45.90 -3.17 -8.63
C ASP B 1039 -45.55 -4.24 -7.60
N PRO B 1040 -44.42 -4.93 -7.75
CA PRO B 1040 -44.10 -6.03 -6.82
C PRO B 1040 -43.87 -5.58 -5.39
N ILE B 1041 -43.59 -4.30 -5.14
CA ILE B 1041 -43.43 -3.81 -3.78
C ILE B 1041 -44.69 -3.13 -3.27
N GLY B 1042 -45.80 -3.24 -4.01
CA GLY B 1042 -47.09 -2.77 -3.52
C GLY B 1042 -47.12 -1.29 -3.24
N LEU B 1043 -47.65 -0.93 -2.07
CA LEU B 1043 -47.82 0.46 -1.69
C LEU B 1043 -46.49 1.18 -1.46
N ARG B 1044 -45.42 0.45 -1.13
CA ARG B 1044 -44.13 1.09 -1.00
C ARG B 1044 -43.73 1.85 -2.26
N GLY B 1045 -44.31 1.50 -3.40
CA GLY B 1045 -44.10 2.22 -4.64
C GLY B 1045 -45.10 3.32 -4.91
N GLY B 1046 -46.02 3.58 -3.99
CA GLY B 1046 -47.08 4.54 -4.21
C GLY B 1046 -48.44 3.87 -4.36
N ILE B 1047 -49.46 4.72 -4.56
CA ILE B 1047 -50.84 4.27 -4.57
C ILE B 1047 -51.30 3.78 -5.93
N ASN B 1048 -50.53 4.01 -6.99
CA ASN B 1048 -50.89 3.62 -8.34
C ASN B 1048 -50.03 2.44 -8.78
N LEU B 1049 -50.57 1.24 -8.60
CA LEU B 1049 -49.79 0.01 -8.73
C LEU B 1049 -49.41 -0.36 -10.16
N TYR B 1050 -49.97 0.30 -11.17
CA TYR B 1050 -49.62 0.02 -12.55
C TYR B 1050 -49.02 1.22 -13.27
N ALA B 1051 -49.16 2.42 -12.73
CA ALA B 1051 -48.67 3.62 -13.41
C ALA B 1051 -47.14 3.62 -13.49
N TYR B 1052 -46.63 4.28 -14.52
CA TYR B 1052 -45.20 4.53 -14.63
C TYR B 1052 -44.81 5.83 -13.93
N ALA B 1053 -45.46 6.93 -14.29
CA ALA B 1053 -45.15 8.24 -13.74
C ALA B 1053 -46.33 9.16 -14.01
N PRO B 1054 -46.52 10.20 -13.20
CA PRO B 1054 -47.56 11.19 -13.54
C PRO B 1054 -47.15 12.03 -14.73
N ASN B 1055 -45.86 12.22 -14.92
CA ASN B 1055 -45.26 13.07 -15.96
C ASN B 1055 -43.90 12.48 -16.34
N PRO B 1056 -43.78 11.88 -17.52
CA PRO B 1056 -42.52 11.19 -17.85
C PRO B 1056 -41.36 12.12 -18.12
N LEU B 1057 -41.59 13.43 -18.19
CA LEU B 1057 -40.53 14.41 -18.33
C LEU B 1057 -40.10 14.99 -16.99
N SER B 1058 -40.61 14.46 -15.88
CA SER B 1058 -40.28 14.97 -14.56
C SER B 1058 -39.91 13.84 -13.60
N TRP B 1059 -40.46 12.66 -13.85
CA TRP B 1059 -40.24 11.51 -12.99
C TRP B 1059 -39.63 10.38 -13.79
N ILE B 1060 -38.83 9.56 -13.12
CA ILE B 1060 -38.23 8.37 -13.70
C ILE B 1060 -38.51 7.22 -12.75
N ASP B 1061 -38.32 6.00 -13.25
CA ASP B 1061 -38.54 4.79 -12.47
C ASP B 1061 -37.61 3.70 -12.99
N PRO B 1062 -36.30 3.81 -12.71
CA PRO B 1062 -35.33 2.94 -13.38
C PRO B 1062 -35.42 1.48 -12.98
N LEU B 1063 -35.91 1.15 -11.79
CA LEU B 1063 -36.02 -0.24 -11.39
C LEU B 1063 -37.37 -0.86 -11.76
N GLY B 1064 -38.30 -0.07 -12.31
CA GLY B 1064 -39.64 -0.58 -12.56
C GLY B 1064 -40.44 -0.84 -11.32
N LEU B 1065 -40.11 -0.18 -10.21
CA LEU B 1065 -40.81 -0.41 -8.95
C LEU B 1065 -41.78 0.73 -8.63
#